data_3P87
#
_entry.id   3P87
#
_cell.length_a   83.108
_cell.length_b   81.788
_cell.length_c   116.558
_cell.angle_alpha   90.00
_cell.angle_beta   91.47
_cell.angle_gamma   90.00
#
_symmetry.space_group_name_H-M   'P 1 21 1'
#
loop_
_entity.id
_entity.type
_entity.pdbx_description
1 polymer 'Proliferating cell nuclear antigen'
2 polymer 'Ribonuclease H2 subunit B'
#
loop_
_entity_poly.entity_id
_entity_poly.type
_entity_poly.pdbx_seq_one_letter_code
_entity_poly.pdbx_strand_id
1 'polypeptide(L)'
;MFEARLVQGSILKKVLEALKDLINEACWDISSSGVNLQSMDSSHVSLVQLTLRSEGFDTYRCDRNLAMGVNLTSMSKILK
CAGNEDIITLRAEDNADTLALVFEAPNQEKVSDYEMKLMDLDVEQLGIPEQEYSCVVKMPSGEFARICRDLSHIGDAVVI
SCAKDGVKFSASGELGNGNIKLSQTSNVDKEEEAVTIEMNEPVQLTFALRYLNFFTKATPLSSTVTLSMSADVPLVVEYK
IADMGHLKYYLAPKIEDEEGS
;
A,B,C,D,E,F
2 'polypeptide(L)' DKSGMKSIDTFFGVKNKKKIGKV G,H,I,J,K,L
#
# COMPACT_ATOMS: atom_id res chain seq x y z
N MET A 1 20.29 42.11 10.00
CA MET A 1 19.14 41.99 9.12
C MET A 1 19.52 41.50 7.71
N PHE A 2 18.93 40.36 7.30
CA PHE A 2 19.14 39.77 5.99
C PHE A 2 17.89 39.91 5.15
N GLU A 3 18.06 40.37 3.91
CA GLU A 3 16.97 40.52 2.97
C GLU A 3 17.47 40.34 1.56
N ALA A 4 16.97 39.30 0.89
CA ALA A 4 17.32 38.99 -0.49
C ALA A 4 16.07 38.83 -1.33
N ARG A 5 15.93 39.64 -2.39
CA ARG A 5 14.80 39.59 -3.29
C ARG A 5 15.21 38.94 -4.59
N LEU A 6 14.46 37.92 -5.00
CA LEU A 6 14.70 37.18 -6.23
C LEU A 6 13.48 37.29 -7.12
N VAL A 7 13.63 37.94 -8.28
CA VAL A 7 12.53 38.15 -9.23
C VAL A 7 12.06 36.82 -9.84
N GLN A 8 13.01 35.92 -10.06
CA GLN A 8 12.70 34.60 -10.57
C GLN A 8 12.50 33.64 -9.38
N GLY A 9 11.28 33.60 -8.86
CA GLY A 9 10.89 32.75 -7.76
C GLY A 9 11.10 31.28 -8.08
N SER A 10 10.83 30.87 -9.34
CA SER A 10 11.00 29.53 -9.85
C SER A 10 12.36 28.94 -9.47
N ILE A 11 13.45 29.73 -9.63
CA ILE A 11 14.82 29.32 -9.29
C ILE A 11 14.85 28.69 -7.92
N LEU A 12 14.31 29.37 -6.91
CA LEU A 12 14.31 28.87 -5.55
C LEU A 12 13.43 27.65 -5.38
N LYS A 13 12.29 27.62 -6.07
CA LYS A 13 11.36 26.49 -6.06
C LYS A 13 12.10 25.24 -6.58
N LYS A 14 12.70 25.36 -7.77
CA LYS A 14 13.50 24.34 -8.44
C LYS A 14 14.71 23.90 -7.62
N VAL A 15 15.39 24.85 -6.96
CA VAL A 15 16.57 24.56 -6.14
C VAL A 15 16.16 23.65 -5.00
N LEU A 16 15.03 23.95 -4.38
CA LEU A 16 14.54 23.17 -3.27
C LEU A 16 14.01 21.79 -3.61
N GLU A 17 13.42 21.63 -4.81
CA GLU A 17 12.96 20.32 -5.31
C GLU A 17 14.16 19.46 -5.68
N ALA A 18 15.29 20.10 -6.04
CA ALA A 18 16.53 19.44 -6.41
C ALA A 18 17.29 18.93 -5.17
N LEU A 19 17.05 19.54 -4.00
CA LEU A 19 17.69 19.22 -2.75
C LEU A 19 16.91 18.29 -1.82
N LYS A 20 15.63 18.59 -1.57
CA LYS A 20 14.73 17.86 -0.65
C LYS A 20 14.79 16.32 -0.72
N ASP A 21 15.01 15.74 -1.92
CA ASP A 21 15.04 14.29 -2.09
C ASP A 21 16.36 13.62 -1.69
N LEU A 22 17.43 14.43 -1.58
CA LEU A 22 18.76 14.00 -1.20
C LEU A 22 19.04 14.25 0.28
N ILE A 23 18.71 15.46 0.76
CA ILE A 23 18.94 15.89 2.14
C ILE A 23 17.63 16.42 2.73
N ASN A 24 17.38 16.17 4.04
CA ASN A 24 16.16 16.62 4.73
C ASN A 24 16.41 17.89 5.54
N GLU A 25 17.64 18.06 6.03
CA GLU A 25 18.08 19.21 6.82
C GLU A 25 19.44 19.66 6.36
N ALA A 26 19.56 20.96 6.09
CA ALA A 26 20.82 21.58 5.68
C ALA A 26 20.93 22.98 6.21
N CYS A 27 22.17 23.39 6.46
CA CYS A 27 22.45 24.72 6.98
C CYS A 27 22.67 25.70 5.82
N TRP A 28 21.90 26.80 5.83
CA TRP A 28 21.96 27.87 4.84
C TRP A 28 22.85 28.97 5.37
N ASP A 29 24.07 29.06 4.82
CA ASP A 29 25.06 30.05 5.22
C ASP A 29 24.90 31.30 4.38
N ILE A 30 24.49 32.38 5.03
CA ILE A 30 24.26 33.68 4.39
C ILE A 30 25.42 34.62 4.72
N SER A 31 25.93 35.29 3.70
CA SER A 31 27.00 36.28 3.84
C SER A 31 26.86 37.36 2.79
N SER A 32 27.57 38.46 2.95
CA SER A 32 27.56 39.61 2.03
C SER A 32 27.78 39.19 0.58
N SER A 33 28.46 38.04 0.38
CA SER A 33 28.77 37.44 -0.92
C SER A 33 27.58 36.74 -1.53
N GLY A 34 26.74 36.14 -0.69
CA GLY A 34 25.56 35.41 -1.12
C GLY A 34 25.21 34.22 -0.24
N VAL A 35 24.36 33.34 -0.78
CA VAL A 35 23.84 32.14 -0.12
C VAL A 35 24.72 30.94 -0.45
N ASN A 36 25.10 30.18 0.59
CA ASN A 36 25.91 28.98 0.44
C ASN A 36 25.32 27.85 1.24
N LEU A 37 25.32 26.65 0.65
CA LEU A 37 24.81 25.46 1.32
C LEU A 37 25.73 24.29 0.99
N GLN A 38 26.17 23.58 2.02
CA GLN A 38 27.03 22.42 1.86
C GLN A 38 26.66 21.37 2.90
N SER A 39 26.07 20.27 2.41
CA SER A 39 25.56 19.19 3.24
C SER A 39 25.79 17.84 2.56
N MET A 40 26.08 16.81 3.36
CA MET A 40 26.24 15.45 2.85
C MET A 40 24.94 14.70 3.11
N ASP A 41 24.63 13.66 2.35
CA ASP A 41 23.39 12.90 2.54
C ASP A 41 23.47 11.94 3.74
N SER A 42 22.28 11.41 4.13
CA SER A 42 22.04 10.45 5.23
C SER A 42 22.92 9.20 5.15
N SER A 43 23.28 8.77 3.92
CA SER A 43 24.13 7.60 3.67
C SER A 43 25.61 7.92 3.62
N HIS A 44 26.00 9.21 3.82
CA HIS A 44 27.38 9.70 3.87
C HIS A 44 28.16 9.29 2.65
N VAL A 45 27.54 9.39 1.49
CA VAL A 45 28.10 8.92 0.23
C VAL A 45 28.13 9.99 -0.88
N SER A 46 27.24 11.00 -0.77
CA SER A 46 27.16 12.12 -1.69
C SER A 46 27.15 13.43 -0.93
N LEU A 47 27.56 14.52 -1.59
CA LEU A 47 27.60 15.85 -1.02
C LEU A 47 26.99 16.87 -1.98
N VAL A 48 26.17 17.80 -1.43
CA VAL A 48 25.56 18.90 -2.19
C VAL A 48 26.24 20.22 -1.85
N GLN A 49 26.47 21.05 -2.86
CA GLN A 49 27.04 22.36 -2.65
C GLN A 49 26.24 23.36 -3.49
N LEU A 50 25.53 24.26 -2.83
CA LEU A 50 24.75 25.30 -3.50
C LEU A 50 25.43 26.65 -3.31
N THR A 51 25.48 27.45 -4.39
CA THR A 51 26.01 28.80 -4.36
C THR A 51 25.09 29.71 -5.15
N LEU A 52 24.52 30.69 -4.46
CA LEU A 52 23.68 31.71 -5.07
C LEU A 52 24.36 33.05 -4.79
N ARG A 53 25.07 33.60 -5.79
CA ARG A 53 25.78 34.87 -5.65
C ARG A 53 24.81 36.02 -5.46
N SER A 54 25.13 36.93 -4.51
CA SER A 54 24.32 38.11 -4.17
C SER A 54 23.96 38.92 -5.41
N GLU A 55 24.87 38.95 -6.39
CA GLU A 55 24.73 39.66 -7.67
C GLU A 55 23.59 39.09 -8.49
N GLY A 56 23.17 37.87 -8.16
CA GLY A 56 22.07 37.19 -8.82
C GLY A 56 20.70 37.63 -8.32
N PHE A 57 20.65 38.33 -7.20
CA PHE A 57 19.40 38.79 -6.60
C PHE A 57 19.17 40.26 -6.96
N ASP A 58 17.89 40.64 -7.14
CA ASP A 58 17.53 42.03 -7.42
C ASP A 58 17.90 42.90 -6.22
N THR A 59 17.60 42.41 -5.01
CA THR A 59 17.91 43.09 -3.76
C THR A 59 18.65 42.10 -2.89
N TYR A 60 19.74 42.56 -2.26
CA TYR A 60 20.52 41.74 -1.37
C TYR A 60 21.16 42.58 -0.30
N ARG A 61 20.85 42.25 0.96
CA ARG A 61 21.36 42.92 2.15
C ARG A 61 21.67 41.85 3.20
N CYS A 62 22.84 41.93 3.82
CA CYS A 62 23.25 41.01 4.86
C CYS A 62 24.16 41.74 5.84
N ASP A 63 23.56 42.25 6.92
CA ASP A 63 24.26 42.98 7.98
C ASP A 63 25.22 42.03 8.68
N ARG A 64 24.68 40.94 9.26
CA ARG A 64 25.47 39.93 9.93
C ARG A 64 25.29 38.57 9.24
N ASN A 65 26.40 37.81 9.17
CA ASN A 65 26.47 36.48 8.57
C ASN A 65 25.64 35.48 9.36
N LEU A 66 24.70 34.81 8.67
CA LEU A 66 23.78 33.85 9.27
C LEU A 66 24.04 32.41 8.85
N ALA A 67 23.75 31.49 9.75
CA ALA A 67 23.85 30.06 9.51
C ALA A 67 22.53 29.48 10.00
N MET A 68 21.56 29.36 9.08
CA MET A 68 20.22 28.90 9.43
C MET A 68 20.00 27.41 9.18
N GLY A 69 19.67 26.70 10.26
CA GLY A 69 19.36 25.29 10.20
C GLY A 69 17.95 25.14 9.66
N VAL A 70 17.85 24.65 8.43
CA VAL A 70 16.57 24.53 7.75
C VAL A 70 16.18 23.09 7.50
N ASN A 71 14.88 22.78 7.67
CA ASN A 71 14.32 21.49 7.31
C ASN A 71 13.87 21.69 5.89
N LEU A 72 14.60 21.07 4.93
CA LEU A 72 14.36 21.19 3.49
C LEU A 72 13.01 20.75 3.04
N THR A 73 12.40 19.83 3.77
CA THR A 73 11.06 19.35 3.46
C THR A 73 10.02 20.44 3.74
N SER A 74 10.13 21.11 4.91
CA SER A 74 9.25 22.20 5.34
C SER A 74 9.41 23.39 4.42
N MET A 75 10.67 23.70 4.03
CA MET A 75 10.93 24.82 3.15
C MET A 75 10.36 24.54 1.79
N SER A 76 10.39 23.27 1.39
CA SER A 76 9.85 22.86 0.09
C SER A 76 8.34 23.04 0.05
N LYS A 77 7.64 22.63 1.14
CA LYS A 77 6.20 22.77 1.27
C LYS A 77 5.82 24.24 1.18
N ILE A 78 6.58 25.12 1.86
CA ILE A 78 6.38 26.56 1.84
C ILE A 78 6.59 27.09 0.44
N LEU A 79 7.66 26.66 -0.24
CA LEU A 79 7.93 27.13 -1.59
C LEU A 79 6.91 26.67 -2.60
N LYS A 80 6.28 25.52 -2.36
CA LYS A 80 5.22 24.97 -3.20
C LYS A 80 4.01 25.94 -3.20
N CYS A 81 3.89 26.77 -2.14
CA CYS A 81 2.85 27.78 -2.00
C CYS A 81 3.13 29.00 -2.88
N ALA A 82 4.32 29.06 -3.48
CA ALA A 82 4.69 30.15 -4.37
C ALA A 82 4.36 29.79 -5.80
N GLY A 83 3.73 30.73 -6.51
CA GLY A 83 3.40 30.60 -7.91
C GLY A 83 4.65 30.63 -8.76
N ASN A 84 4.64 29.93 -9.91
CA ASN A 84 5.78 29.81 -10.82
C ASN A 84 6.34 31.15 -11.39
N GLU A 85 5.54 32.23 -11.31
CA GLU A 85 5.89 33.58 -11.74
C GLU A 85 6.22 34.56 -10.57
N ASP A 86 5.95 34.16 -9.29
CA ASP A 86 6.15 34.99 -8.10
C ASP A 86 7.55 35.52 -7.87
N ILE A 87 7.64 36.69 -7.23
CA ILE A 87 8.91 37.30 -6.83
C ILE A 87 9.06 36.89 -5.37
N ILE A 88 10.13 36.18 -5.06
CA ILE A 88 10.36 35.71 -3.71
C ILE A 88 11.33 36.57 -2.95
N THR A 89 10.96 36.95 -1.73
CA THR A 89 11.80 37.71 -0.80
C THR A 89 12.12 36.85 0.43
N LEU A 90 13.42 36.77 0.77
CA LEU A 90 13.89 36.06 1.96
C LEU A 90 14.33 37.12 2.96
N ARG A 91 13.84 37.02 4.19
CA ARG A 91 14.17 38.00 5.22
C ARG A 91 14.38 37.31 6.55
N ALA A 92 15.54 37.53 7.16
CA ALA A 92 15.87 36.92 8.45
C ALA A 92 16.61 37.88 9.36
N GLU A 93 16.47 37.69 10.68
CA GLU A 93 17.15 38.52 11.68
C GLU A 93 18.02 37.60 12.57
N ASP A 94 19.14 38.13 13.12
CA ASP A 94 20.06 37.37 13.97
C ASP A 94 19.57 37.34 15.42
N ASP A 97 15.87 33.17 14.65
CA ASP A 97 14.81 32.35 15.27
C ASP A 97 13.96 31.60 14.21
N THR A 98 13.54 32.35 13.16
CA THR A 98 12.73 31.92 12.03
C THR A 98 13.27 32.54 10.74
N LEU A 99 12.82 32.00 9.58
CA LEU A 99 13.09 32.54 8.26
C LEU A 99 11.76 32.96 7.65
N ALA A 100 11.71 34.20 7.13
CA ALA A 100 10.52 34.74 6.50
C ALA A 100 10.63 34.73 4.99
N LEU A 101 9.63 34.13 4.33
CA LEU A 101 9.52 34.04 2.88
C LEU A 101 8.28 34.85 2.45
N VAL A 102 8.46 35.84 1.57
CA VAL A 102 7.34 36.65 1.10
C VAL A 102 7.15 36.46 -0.39
N PHE A 103 5.95 36.05 -0.78
CA PHE A 103 5.64 35.80 -2.18
C PHE A 103 4.80 36.90 -2.75
N GLU A 104 5.42 37.70 -3.61
CA GLU A 104 4.74 38.79 -4.30
C GLU A 104 4.31 38.22 -5.65
N ALA A 105 3.00 38.19 -5.86
CA ALA A 105 2.41 37.68 -7.08
C ALA A 105 2.35 38.81 -8.13
N PRO A 106 2.88 38.54 -9.35
CA PRO A 106 2.89 39.59 -10.39
C PRO A 106 1.51 39.87 -11.04
N ASN A 107 0.81 38.81 -11.48
CA ASN A 107 -0.50 38.84 -12.16
C ASN A 107 -1.74 39.00 -11.21
N GLN A 108 -1.54 39.52 -9.96
CA GLN A 108 -2.61 39.72 -8.96
C GLN A 108 -2.19 40.62 -7.79
N GLU A 109 -3.19 41.11 -7.01
CA GLU A 109 -3.00 41.92 -5.80
C GLU A 109 -2.96 41.02 -4.53
N LYS A 110 -2.30 39.84 -4.65
CA LYS A 110 -2.11 38.82 -3.61
C LYS A 110 -0.71 38.88 -3.04
N VAL A 111 -0.60 38.86 -1.70
CA VAL A 111 0.68 38.84 -0.99
C VAL A 111 0.69 37.70 0.04
N SER A 112 1.59 36.73 -0.16
CA SER A 112 1.79 35.59 0.73
C SER A 112 3.01 35.86 1.61
N ASP A 113 2.87 35.58 2.91
CA ASP A 113 3.93 35.76 3.89
C ASP A 113 4.01 34.54 4.82
N TYR A 114 5.09 33.78 4.70
CA TYR A 114 5.33 32.57 5.49
C TYR A 114 6.51 32.76 6.41
N GLU A 115 6.38 32.23 7.64
CA GLU A 115 7.40 32.30 8.66
C GLU A 115 7.75 30.86 9.00
N MET A 116 8.92 30.42 8.54
CA MET A 116 9.39 29.06 8.75
C MET A 116 10.29 28.97 9.99
N LYS A 117 9.96 28.06 10.91
CA LYS A 117 10.74 27.79 12.12
C LYS A 117 12.07 27.18 11.70
N LEU A 118 13.16 27.67 12.27
CA LEU A 118 14.49 27.13 12.01
C LEU A 118 14.82 26.13 13.10
N MET A 119 15.95 25.44 12.98
CA MET A 119 16.41 24.44 13.95
C MET A 119 17.92 24.50 14.14
N ASP A 120 18.45 23.92 15.24
CA ASP A 120 19.90 23.92 15.45
C ASP A 120 20.50 22.67 14.83
N LEU A 121 21.37 22.84 13.82
CA LEU A 121 22.00 21.72 13.12
C LEU A 121 23.47 21.47 13.44
N ASP A 122 23.73 20.44 14.26
CA ASP A 122 25.09 20.03 14.59
C ASP A 122 25.42 18.86 13.65
N VAL A 123 25.82 19.18 12.42
CA VAL A 123 26.14 18.16 11.42
C VAL A 123 27.64 18.23 11.04
N GLU A 124 28.12 17.25 10.25
CA GLU A 124 29.49 17.17 9.78
C GLU A 124 29.77 18.15 8.65
N GLN A 125 30.67 19.12 8.91
CA GLN A 125 31.10 20.11 7.95
C GLN A 125 32.34 19.58 7.20
N LEU A 126 32.24 19.47 5.87
CA LEU A 126 33.32 18.98 5.02
C LEU A 126 33.74 20.03 4.00
N GLY A 127 35.04 20.18 3.80
CA GLY A 127 35.61 21.15 2.88
C GLY A 127 36.11 20.50 1.61
N ILE A 128 35.67 21.02 0.45
CA ILE A 128 36.05 20.49 -0.87
C ILE A 128 37.09 21.34 -1.57
N PRO A 129 38.35 20.88 -1.68
CA PRO A 129 39.35 21.66 -2.43
C PRO A 129 39.09 21.57 -3.94
N GLU A 130 39.02 22.74 -4.59
CA GLU A 130 38.78 22.82 -6.03
C GLU A 130 40.04 22.31 -6.74
N GLN A 131 39.98 21.05 -7.21
CA GLN A 131 41.07 20.41 -7.91
C GLN A 131 40.79 20.33 -9.43
N GLU A 132 41.72 19.75 -10.19
CA GLU A 132 41.60 19.58 -11.64
C GLU A 132 41.28 18.13 -11.97
N TYR A 133 40.31 17.93 -12.89
CA TYR A 133 39.85 16.60 -13.29
C TYR A 133 40.42 16.09 -14.60
N SER A 134 40.65 14.76 -14.68
CA SER A 134 41.17 14.09 -15.86
C SER A 134 40.20 14.17 -17.04
N CYS A 135 38.89 14.31 -16.75
CA CYS A 135 37.83 14.39 -17.75
C CYS A 135 36.76 15.33 -17.31
N VAL A 136 36.27 16.16 -18.23
CA VAL A 136 35.17 17.09 -17.98
C VAL A 136 34.21 17.01 -19.16
N VAL A 137 33.04 16.37 -18.95
CA VAL A 137 32.02 16.21 -19.98
C VAL A 137 30.92 17.25 -19.82
N LYS A 138 30.62 18.01 -20.87
CA LYS A 138 29.50 18.96 -20.87
C LYS A 138 28.48 18.39 -21.83
N MET A 139 27.25 18.22 -21.36
CA MET A 139 26.20 17.66 -22.21
C MET A 139 24.80 18.18 -21.85
N PRO A 140 23.75 17.99 -22.71
CA PRO A 140 22.40 18.44 -22.33
C PRO A 140 21.87 17.70 -21.09
N SER A 141 21.42 18.45 -20.09
CA SER A 141 20.94 17.92 -18.83
C SER A 141 19.84 16.88 -18.97
N GLY A 142 18.99 17.08 -19.97
CA GLY A 142 17.90 16.16 -20.29
C GLY A 142 18.43 14.83 -20.78
N GLU A 143 19.44 14.88 -21.68
CA GLU A 143 20.12 13.71 -22.21
C GLU A 143 20.67 12.88 -21.02
N PHE A 144 21.37 13.57 -20.09
CA PHE A 144 21.94 12.95 -18.90
C PHE A 144 20.86 12.29 -18.02
N ALA A 145 19.77 13.02 -17.77
CA ALA A 145 18.67 12.53 -16.92
C ALA A 145 18.01 11.29 -17.53
N ARG A 146 17.91 11.27 -18.88
CA ARG A 146 17.35 10.16 -19.62
C ARG A 146 18.30 8.97 -19.50
N ILE A 147 19.61 9.18 -19.74
CA ILE A 147 20.63 8.14 -19.60
C ILE A 147 20.54 7.43 -18.23
N CYS A 148 20.59 8.23 -17.15
CA CYS A 148 20.54 7.72 -15.78
C CYS A 148 19.27 6.95 -15.48
N ARG A 149 18.13 7.43 -15.98
CA ARG A 149 16.83 6.78 -15.79
C ARG A 149 16.81 5.45 -16.54
N ASP A 150 17.28 5.48 -17.79
CA ASP A 150 17.33 4.30 -18.65
C ASP A 150 18.16 3.19 -18.07
N LEU A 151 19.42 3.48 -17.77
CA LEU A 151 20.32 2.48 -17.19
C LEU A 151 19.86 1.92 -15.86
N SER A 152 19.01 2.66 -15.13
CA SER A 152 18.38 2.24 -13.86
C SER A 152 17.51 1.01 -14.06
N HIS A 153 16.92 0.86 -15.27
CA HIS A 153 16.07 -0.26 -15.66
C HIS A 153 16.90 -1.48 -15.89
N ILE A 154 18.20 -1.28 -16.12
CA ILE A 154 19.12 -2.36 -16.42
C ILE A 154 19.90 -2.80 -15.20
N GLY A 155 20.43 -1.86 -14.45
CA GLY A 155 21.24 -2.17 -13.29
C GLY A 155 21.23 -1.10 -12.21
N ASP A 156 22.10 -1.30 -11.20
CA ASP A 156 22.20 -0.40 -10.06
C ASP A 156 23.33 0.59 -10.16
N ALA A 157 24.44 0.18 -10.80
CA ALA A 157 25.64 0.99 -11.00
C ALA A 157 25.87 1.31 -12.49
N VAL A 158 26.55 2.44 -12.73
CA VAL A 158 26.89 2.90 -14.08
C VAL A 158 28.41 3.03 -14.23
N VAL A 159 28.94 2.48 -15.31
CA VAL A 159 30.36 2.56 -15.59
C VAL A 159 30.57 3.66 -16.60
N ILE A 160 31.02 4.81 -16.13
CA ILE A 160 31.30 5.93 -17.01
C ILE A 160 32.73 5.84 -17.52
N SER A 161 32.88 5.64 -18.84
CA SER A 161 34.17 5.56 -19.52
C SER A 161 34.30 6.80 -20.37
N CYS A 162 35.29 7.60 -20.07
CA CYS A 162 35.53 8.82 -20.81
C CYS A 162 36.85 8.71 -21.58
N ALA A 163 36.79 8.97 -22.89
CA ALA A 163 37.93 8.90 -23.81
C ALA A 163 37.89 10.12 -24.75
N LYS A 164 38.82 10.18 -25.72
CA LYS A 164 38.91 11.28 -26.69
C LYS A 164 37.71 11.33 -27.64
N ASP A 165 37.27 10.14 -28.14
CA ASP A 165 36.15 9.95 -29.08
C ASP A 165 34.83 10.48 -28.53
N GLY A 166 34.44 9.93 -27.40
CA GLY A 166 33.22 10.29 -26.72
C GLY A 166 33.22 9.73 -25.32
N VAL A 167 32.04 9.64 -24.75
CA VAL A 167 31.84 9.10 -23.42
C VAL A 167 30.89 7.89 -23.50
N LYS A 168 31.06 6.92 -22.60
CA LYS A 168 30.23 5.74 -22.59
C LYS A 168 29.68 5.47 -21.20
N PHE A 169 28.38 5.18 -21.11
CA PHE A 169 27.72 4.85 -19.88
C PHE A 169 27.20 3.43 -20.04
N SER A 170 27.53 2.56 -19.08
CA SER A 170 27.09 1.16 -19.16
C SER A 170 26.54 0.65 -17.84
N ALA A 171 25.59 -0.28 -17.91
CA ALA A 171 25.01 -0.94 -16.75
C ALA A 171 24.75 -2.41 -17.06
N SER A 172 24.70 -3.26 -16.00
CA SER A 172 24.50 -4.68 -16.10
C SER A 172 23.56 -5.12 -15.00
N GLY A 173 22.72 -6.09 -15.31
CA GLY A 173 21.76 -6.63 -14.36
C GLY A 173 21.33 -8.02 -14.72
N GLU A 174 20.27 -8.49 -14.06
CA GLU A 174 19.77 -9.82 -14.30
C GLU A 174 19.12 -9.98 -15.68
N LEU A 175 18.64 -8.87 -16.28
CA LEU A 175 18.01 -8.94 -17.61
C LEU A 175 18.97 -8.94 -18.78
N GLY A 176 20.17 -8.45 -18.52
CA GLY A 176 21.25 -8.32 -19.49
C GLY A 176 22.05 -7.07 -19.20
N ASN A 177 22.65 -6.47 -20.23
CA ASN A 177 23.46 -5.27 -20.09
C ASN A 177 23.13 -4.18 -21.10
N GLY A 178 23.45 -2.94 -20.74
CA GLY A 178 23.19 -1.77 -21.55
C GLY A 178 24.40 -0.91 -21.78
N ASN A 179 24.41 -0.26 -22.92
CA ASN A 179 25.55 0.56 -23.31
C ASN A 179 25.11 1.82 -24.08
N ILE A 180 25.34 2.99 -23.51
CA ILE A 180 25.00 4.23 -24.19
C ILE A 180 26.26 5.00 -24.54
N LYS A 181 26.52 5.11 -25.84
CA LYS A 181 27.71 5.79 -26.36
C LYS A 181 27.40 7.15 -26.98
N LEU A 182 27.95 8.22 -26.35
CA LEU A 182 27.82 9.60 -26.80
C LEU A 182 29.09 10.01 -27.54
N SER A 183 28.93 10.75 -28.64
CA SER A 183 30.06 11.23 -29.46
C SER A 183 30.20 12.75 -29.31
N GLN A 184 31.44 13.29 -29.43
CA GLN A 184 31.70 14.72 -29.29
C GLN A 184 30.91 15.60 -30.25
N ALA A 194 24.63 19.57 -27.91
CA ALA A 194 26.10 19.54 -27.94
C ALA A 194 26.73 18.80 -26.77
N VAL A 195 27.71 17.93 -27.09
CA VAL A 195 28.48 17.12 -26.15
C VAL A 195 29.96 17.45 -26.38
N THR A 196 30.62 18.01 -25.35
CA THR A 196 32.03 18.39 -25.42
C THR A 196 32.82 17.74 -24.29
N ILE A 197 34.06 17.31 -24.59
CA ILE A 197 34.94 16.62 -23.64
C ILE A 197 36.30 17.31 -23.49
N GLU A 198 36.60 17.77 -22.26
CA GLU A 198 37.90 18.39 -21.95
C GLU A 198 38.71 17.36 -21.15
N MET A 199 39.12 16.29 -21.85
CA MET A 199 39.87 15.17 -21.30
C MET A 199 41.41 15.35 -21.32
N ASN A 200 42.05 15.04 -20.18
CA ASN A 200 43.49 15.07 -19.99
C ASN A 200 43.99 13.62 -20.01
N GLU A 201 43.35 12.74 -19.24
CA GLU A 201 43.65 11.31 -19.17
C GLU A 201 42.31 10.57 -19.32
N PRO A 202 42.27 9.38 -19.95
CA PRO A 202 40.99 8.65 -20.02
C PRO A 202 40.64 8.13 -18.62
N VAL A 203 39.35 8.15 -18.26
CA VAL A 203 38.87 7.72 -16.95
C VAL A 203 37.74 6.73 -17.12
N GLN A 204 37.64 5.78 -16.18
CA GLN A 204 36.59 4.79 -16.10
C GLN A 204 36.27 4.67 -14.63
N LEU A 205 35.04 5.07 -14.27
CA LEU A 205 34.57 5.03 -12.88
C LEU A 205 33.19 4.40 -12.78
N THR A 206 32.90 3.79 -11.63
CA THR A 206 31.60 3.15 -11.36
C THR A 206 30.84 3.94 -10.30
N PHE A 207 29.57 4.27 -10.59
CA PHE A 207 28.74 5.01 -9.66
C PHE A 207 27.34 4.41 -9.47
N ALA A 208 26.76 4.59 -8.26
CA ALA A 208 25.39 4.13 -7.94
C ALA A 208 24.38 5.05 -8.65
N LEU A 209 23.54 4.45 -9.52
CA LEU A 209 22.51 5.18 -10.28
C LEU A 209 21.47 5.82 -9.36
N ARG A 210 21.21 5.20 -8.21
CA ARG A 210 20.28 5.68 -7.18
C ARG A 210 20.52 7.18 -6.87
N TYR A 211 21.81 7.51 -6.64
CA TYR A 211 22.24 8.86 -6.32
C TYR A 211 22.26 9.77 -7.51
N LEU A 212 22.68 9.27 -8.67
CA LEU A 212 22.66 10.06 -9.91
C LEU A 212 21.24 10.53 -10.24
N ASN A 213 20.23 9.67 -10.01
CA ASN A 213 18.83 9.98 -10.22
C ASN A 213 18.25 11.02 -9.24
N PHE A 214 18.93 11.25 -8.13
CA PHE A 214 18.56 12.32 -7.20
C PHE A 214 19.14 13.62 -7.72
N PHE A 215 20.37 13.56 -8.25
CA PHE A 215 21.08 14.72 -8.82
C PHE A 215 20.30 15.28 -9.99
N THR A 216 19.82 14.38 -10.88
CA THR A 216 19.07 14.74 -12.09
C THR A 216 17.74 15.44 -11.80
N LYS A 217 17.40 15.60 -10.50
CA LYS A 217 16.21 16.32 -10.11
C LYS A 217 16.45 17.82 -10.23
N ALA A 218 17.73 18.21 -10.41
CA ALA A 218 18.18 19.58 -10.65
C ALA A 218 18.10 19.94 -12.14
N THR A 219 17.60 19.01 -13.00
CA THR A 219 17.50 19.21 -14.44
C THR A 219 16.77 20.50 -14.86
N PRO A 220 15.62 20.87 -14.22
CA PRO A 220 14.95 22.12 -14.63
C PRO A 220 15.78 23.39 -14.43
N LEU A 221 16.86 23.31 -13.63
CA LEU A 221 17.72 24.45 -13.37
C LEU A 221 18.60 24.84 -14.53
N SER A 222 18.94 23.88 -15.40
CA SER A 222 19.86 24.13 -16.50
C SER A 222 19.60 23.28 -17.70
N SER A 223 19.89 23.82 -18.90
CA SER A 223 19.73 23.12 -20.18
C SER A 223 20.91 22.16 -20.38
N THR A 224 22.02 22.39 -19.64
CA THR A 224 23.24 21.60 -19.70
C THR A 224 23.72 21.14 -18.34
N VAL A 225 24.54 20.10 -18.31
CA VAL A 225 25.15 19.51 -17.12
C VAL A 225 26.60 19.21 -17.43
N THR A 226 27.46 19.27 -16.41
CA THR A 226 28.88 18.97 -16.57
C THR A 226 29.30 17.90 -15.57
N LEU A 227 30.00 16.87 -16.04
CA LEU A 227 30.47 15.78 -15.19
C LEU A 227 32.00 15.81 -15.12
N SER A 228 32.54 16.04 -13.92
CA SER A 228 33.98 16.10 -13.72
C SER A 228 34.46 14.81 -13.08
N MET A 229 35.36 14.11 -13.76
CA MET A 229 35.89 12.83 -13.30
C MET A 229 37.39 12.78 -13.27
N SER A 230 37.91 12.25 -12.19
CA SER A 230 39.33 11.95 -11.95
C SER A 230 39.28 10.59 -11.25
N ALA A 231 40.23 9.70 -11.53
CA ALA A 231 40.28 8.36 -10.94
C ALA A 231 40.43 8.38 -9.43
N ASP A 232 39.75 7.42 -8.75
CA ASP A 232 39.74 7.25 -7.29
C ASP A 232 39.27 8.48 -6.49
N VAL A 233 38.53 9.40 -7.13
CA VAL A 233 38.00 10.59 -6.47
C VAL A 233 36.48 10.71 -6.78
N PRO A 234 35.69 11.44 -5.94
CA PRO A 234 34.26 11.57 -6.24
C PRO A 234 33.94 12.31 -7.54
N LEU A 235 32.79 11.95 -8.12
CA LEU A 235 32.29 12.57 -9.34
C LEU A 235 31.66 13.91 -8.98
N VAL A 236 31.69 14.85 -9.93
CA VAL A 236 31.06 16.16 -9.76
C VAL A 236 30.06 16.36 -10.88
N VAL A 237 28.80 16.51 -10.51
CA VAL A 237 27.72 16.77 -11.45
C VAL A 237 27.30 18.19 -11.13
N GLU A 238 27.59 19.13 -12.03
CA GLU A 238 27.28 20.53 -11.81
C GLU A 238 26.19 21.05 -12.71
N TYR A 239 25.27 21.80 -12.12
CA TYR A 239 24.18 22.48 -12.77
C TYR A 239 24.38 23.96 -12.52
N LYS A 240 24.68 24.72 -13.60
CA LYS A 240 24.86 26.16 -13.46
C LYS A 240 23.48 26.78 -13.43
N ILE A 241 23.23 27.62 -12.43
CA ILE A 241 21.92 28.21 -12.29
C ILE A 241 21.58 29.24 -13.38
N ALA A 242 22.12 30.48 -13.34
CA ALA A 242 21.85 31.49 -14.38
C ALA A 242 22.75 32.72 -14.12
N ASP A 243 24.09 32.50 -14.16
CA ASP A 243 25.13 33.50 -13.84
C ASP A 243 25.02 33.96 -12.37
N MET A 244 23.97 33.45 -11.70
CA MET A 244 23.63 33.66 -10.30
C MET A 244 24.51 32.77 -9.45
N GLY A 245 24.70 31.52 -9.90
CA GLY A 245 25.53 30.57 -9.22
C GLY A 245 25.44 29.19 -9.84
N HIS A 246 25.42 28.18 -8.98
CA HIS A 246 25.37 26.78 -9.37
C HIS A 246 24.93 25.90 -8.23
N LEU A 247 24.76 24.63 -8.56
CA LEU A 247 24.41 23.56 -7.64
C LEU A 247 25.31 22.38 -8.06
N LYS A 248 26.18 21.92 -7.15
CA LYS A 248 27.11 20.82 -7.43
C LYS A 248 26.80 19.62 -6.58
N TYR A 249 26.88 18.44 -7.20
CA TYR A 249 26.64 17.18 -6.50
C TYR A 249 27.89 16.33 -6.59
N TYR A 250 28.41 15.90 -5.45
CA TYR A 250 29.58 15.03 -5.40
C TYR A 250 29.12 13.63 -5.06
N LEU A 251 29.65 12.63 -5.76
CA LEU A 251 29.28 11.23 -5.52
C LEU A 251 30.52 10.38 -5.35
N ALA A 252 30.66 9.74 -4.20
CA ALA A 252 31.78 8.86 -3.93
C ALA A 252 31.77 7.72 -4.97
N PRO A 253 32.92 7.39 -5.58
CA PRO A 253 32.94 6.29 -6.55
C PRO A 253 32.81 4.93 -5.87
N LYS A 254 32.40 3.92 -6.63
CA LYS A 254 32.28 2.57 -6.12
C LYS A 254 33.68 1.90 -6.01
N ILE A 255 33.95 1.24 -4.87
CA ILE A 255 35.22 0.54 -4.57
C ILE A 255 35.44 -0.55 -5.63
N GLU A 256 36.53 -0.43 -6.44
CA GLU A 256 36.81 -1.41 -7.50
C GLU A 256 38.28 -1.80 -7.56
N LYS B 2 27.73 -5.74 -6.29
CA LYS B 2 29.08 -6.28 -6.15
C LYS B 2 29.96 -5.32 -5.32
N SER B 3 30.18 -4.10 -5.82
CA SER B 3 30.98 -3.05 -5.19
C SER B 3 30.21 -2.20 -4.17
N GLY B 4 30.93 -1.79 -3.14
CA GLY B 4 30.44 -0.88 -2.12
C GLY B 4 31.09 0.46 -2.36
N MET B 5 30.82 1.44 -1.48
CA MET B 5 31.41 2.79 -1.59
C MET B 5 32.15 3.19 -0.34
N LYS B 6 33.09 4.10 -0.50
CA LYS B 6 33.81 4.66 0.63
C LYS B 6 33.02 5.93 0.98
N SER B 7 33.00 6.33 2.26
CA SER B 7 32.27 7.53 2.68
C SER B 7 32.82 8.77 2.03
N ILE B 8 31.94 9.76 1.71
CA ILE B 8 32.41 10.99 1.09
C ILE B 8 33.44 11.76 1.97
N ASP B 9 33.40 11.52 3.30
CA ASP B 9 34.33 12.03 4.31
C ASP B 9 35.75 11.58 4.04
N THR B 10 35.94 10.34 3.54
CA THR B 10 37.26 9.75 3.21
C THR B 10 37.99 10.57 2.13
N PHE B 11 37.21 11.29 1.31
CA PHE B 11 37.74 12.13 0.24
C PHE B 11 37.88 13.58 0.72
N PHE B 12 36.98 13.99 1.67
CA PHE B 12 36.91 15.33 2.26
C PHE B 12 36.91 15.26 3.81
N MET C 1 -1.65 20.87 42.58
CA MET C 1 -0.89 19.65 42.37
C MET C 1 -1.79 18.41 42.33
N PHE C 2 -1.75 17.69 41.20
CA PHE C 2 -2.50 16.45 40.99
C PHE C 2 -1.56 15.27 40.98
N GLU C 3 -1.92 14.23 41.73
CA GLU C 3 -1.13 13.00 41.80
C GLU C 3 -2.04 11.82 42.06
N ALA C 4 -2.10 10.90 41.10
CA ALA C 4 -2.89 9.69 41.21
C ALA C 4 -2.04 8.47 40.91
N ARG C 5 -1.93 7.55 41.89
CA ARG C 5 -1.16 6.33 41.75
C ARG C 5 -2.12 5.17 41.53
N LEU C 6 -1.87 4.40 40.49
CA LEU C 6 -2.67 3.24 40.12
C LEU C 6 -1.76 2.01 40.10
N VAL C 7 -2.01 1.05 41.01
CA VAL C 7 -1.20 -0.17 41.12
C VAL C 7 -1.37 -1.06 39.88
N GLN C 8 -2.59 -1.08 39.34
CA GLN C 8 -2.90 -1.82 38.12
C GLN C 8 -2.72 -0.91 36.91
N GLY C 9 -1.47 -0.83 36.44
CA GLY C 9 -1.11 -0.04 35.27
C GLY C 9 -1.89 -0.44 34.03
N SER C 10 -2.12 -1.77 33.87
CA SER C 10 -2.87 -2.40 32.76
C SER C 10 -4.19 -1.68 32.50
N ILE C 11 -4.95 -1.35 33.57
CA ILE C 11 -6.23 -0.64 33.48
C ILE C 11 -6.10 0.58 32.59
N LEU C 12 -5.12 1.43 32.85
CA LEU C 12 -4.90 2.64 32.08
C LEU C 12 -4.47 2.35 30.66
N LYS C 13 -3.63 1.32 30.47
CA LYS C 13 -3.16 0.87 29.16
C LYS C 13 -4.39 0.48 28.32
N LYS C 14 -5.22 -0.43 28.87
CA LYS C 14 -6.47 -0.91 28.28
C LYS C 14 -7.47 0.20 28.01
N VAL C 15 -7.60 1.16 28.94
CA VAL C 15 -8.54 2.29 28.80
C VAL C 15 -8.17 3.10 27.58
N LEU C 16 -6.87 3.35 27.43
CA LEU C 16 -6.39 4.14 26.32
C LEU C 16 -6.47 3.47 24.95
N GLU C 17 -6.33 2.13 24.91
CA GLU C 17 -6.48 1.35 23.68
C GLU C 17 -7.97 1.31 23.27
N ALA C 18 -8.86 1.42 24.27
CA ALA C 18 -10.31 1.42 24.09
C ALA C 18 -10.82 2.76 23.52
N LEU C 19 -10.06 3.85 23.78
CA LEU C 19 -10.40 5.20 23.37
C LEU C 19 -9.76 5.68 22.08
N LYS C 20 -8.43 5.52 21.95
CA LYS C 20 -7.60 5.98 20.81
C LYS C 20 -8.19 5.74 19.41
N ASP C 21 -8.93 4.63 19.20
CA ASP C 21 -9.50 4.29 17.88
C ASP C 21 -10.78 5.03 17.52
N LEU C 22 -11.45 5.61 18.54
CA LEU C 22 -12.68 6.37 18.42
C LEU C 22 -12.41 7.89 18.40
N ILE C 23 -11.58 8.36 19.33
CA ILE C 23 -11.24 9.78 19.48
C ILE C 23 -9.72 9.96 19.49
N ASN C 24 -9.21 11.06 18.89
CA ASN C 24 -7.76 11.34 18.84
C ASN C 24 -7.32 12.33 19.90
N GLU C 25 -8.24 13.23 20.29
CA GLU C 25 -8.03 14.26 21.30
C GLU C 25 -9.24 14.33 22.20
N ALA C 26 -9.00 14.28 23.51
CA ALA C 26 -10.05 14.39 24.52
C ALA C 26 -9.54 15.09 25.74
N CYS C 27 -10.44 15.79 26.40
CA CYS C 27 -10.12 16.52 27.60
C CYS C 27 -10.32 15.66 28.83
N TRP C 28 -9.26 15.53 29.65
CA TRP C 28 -9.26 14.77 30.88
C TRP C 28 -9.55 15.70 32.04
N ASP C 29 -10.78 15.61 32.57
CA ASP C 29 -11.25 16.43 33.67
C ASP C 29 -10.93 15.76 34.99
N ILE C 30 -10.02 16.37 35.74
CA ILE C 30 -9.56 15.89 37.04
C ILE C 30 -10.20 16.70 38.16
N SER C 31 -10.72 16.00 39.17
CA SER C 31 -11.33 16.63 40.34
C SER C 31 -11.14 15.73 41.54
N SER C 32 -11.37 16.28 42.74
CA SER C 32 -11.24 15.58 44.02
C SER C 32 -11.98 14.23 44.04
N SER C 33 -13.02 14.11 43.18
CA SER C 33 -13.86 12.92 43.00
C SER C 33 -13.19 11.85 42.17
N GLY C 34 -12.40 12.28 41.17
CA GLY C 34 -11.70 11.39 40.26
C GLY C 34 -11.54 11.94 38.86
N VAL C 35 -11.22 11.04 37.92
CA VAL C 35 -10.95 11.34 36.51
C VAL C 35 -12.24 11.16 35.70
N ASN C 36 -12.55 12.17 34.88
CA ASN C 36 -13.71 12.15 34.00
C ASN C 36 -13.30 12.54 32.60
N LEU C 37 -13.86 11.84 31.60
CA LEU C 37 -13.60 12.15 30.20
C LEU C 37 -14.90 12.00 29.45
N GLN C 38 -15.25 13.04 28.68
CA GLN C 38 -16.47 13.05 27.88
C GLN C 38 -16.19 13.77 26.57
N SER C 39 -16.14 12.98 25.48
CA SER C 39 -15.81 13.46 24.16
C SER C 39 -16.67 12.74 23.12
N MET C 40 -17.04 13.46 22.05
CA MET C 40 -17.77 12.86 20.95
C MET C 40 -16.76 12.58 19.83
N ASP C 41 -17.06 11.64 18.92
CA ASP C 41 -16.14 11.31 17.84
C ASP C 41 -16.17 12.34 16.68
N SER C 42 -15.17 12.24 15.78
CA SER C 42 -14.95 13.07 14.59
C SER C 42 -16.17 13.16 13.68
N SER C 43 -16.98 12.09 13.62
CA SER C 43 -18.20 12.00 12.82
C SER C 43 -19.46 12.50 13.53
N HIS C 44 -19.31 12.97 14.80
CA HIS C 44 -20.39 13.55 15.63
C HIS C 44 -21.58 12.62 15.72
N VAL C 45 -21.31 11.33 15.90
CA VAL C 45 -22.33 10.29 15.88
C VAL C 45 -22.32 9.39 17.14
N SER C 46 -21.16 9.31 17.81
CA SER C 46 -20.98 8.55 19.03
C SER C 46 -20.32 9.41 20.10
N LEU C 47 -20.53 9.06 21.38
CA LEU C 47 -19.96 9.77 22.52
C LEU C 47 -19.34 8.79 23.52
N VAL C 48 -18.14 9.13 24.04
CA VAL C 48 -17.44 8.35 25.07
C VAL C 48 -17.51 9.06 26.42
N GLN C 49 -17.73 8.28 27.48
CA GLN C 49 -17.77 8.82 28.82
C GLN C 49 -16.96 7.87 29.71
N LEU C 50 -15.83 8.37 30.21
CA LEU C 50 -14.96 7.62 31.11
C LEU C 50 -15.07 8.18 32.51
N THR C 51 -15.16 7.29 33.51
CA THR C 51 -15.19 7.66 34.93
C THR C 51 -14.26 6.73 35.68
N LEU C 52 -13.23 7.31 36.31
CA LEU C 52 -12.31 6.60 37.17
C LEU C 52 -12.41 7.25 38.53
N ARG C 53 -13.14 6.63 39.47
CA ARG C 53 -13.33 7.16 40.83
C ARG C 53 -12.02 7.15 41.59
N SER C 54 -11.74 8.26 42.31
CA SER C 54 -10.53 8.46 43.12
C SER C 54 -10.28 7.29 44.06
N GLU C 55 -11.36 6.66 44.56
CA GLU C 55 -11.35 5.52 45.47
C GLU C 55 -10.74 4.28 44.79
N GLY C 56 -10.67 4.31 43.47
CA GLY C 56 -10.07 3.24 42.68
C GLY C 56 -8.56 3.30 42.61
N PHE C 57 -7.96 4.44 43.01
CA PHE C 57 -6.51 4.64 42.97
C PHE C 57 -5.92 4.42 44.35
N ASP C 58 -4.68 3.90 44.41
CA ASP C 58 -3.97 3.70 45.67
C ASP C 58 -3.70 5.03 46.33
N THR C 59 -3.27 6.01 45.53
CA THR C 59 -3.00 7.38 45.97
C THR C 59 -3.74 8.31 45.04
N TYR C 60 -4.42 9.30 45.62
CA TYR C 60 -5.15 10.30 44.86
C TYR C 60 -5.14 11.62 45.59
N ARG C 61 -4.62 12.64 44.92
CA ARG C 61 -4.54 14.02 45.40
C ARG C 61 -4.87 14.96 44.25
N CYS C 62 -5.73 15.95 44.51
CA CYS C 62 -6.12 16.94 43.51
C CYS C 62 -6.43 18.24 44.21
N ASP C 63 -5.41 19.13 44.28
CA ASP C 63 -5.50 20.45 44.91
C ASP C 63 -6.49 21.30 44.11
N ARG C 64 -6.19 21.52 42.83
CA ARG C 64 -7.05 22.28 41.94
C ARG C 64 -7.53 21.41 40.79
N ASN C 65 -8.80 21.61 40.38
CA ASN C 65 -9.46 20.88 39.30
C ASN C 65 -8.82 21.22 37.96
N LEU C 66 -8.39 20.17 37.23
CA LEU C 66 -7.71 20.30 35.94
C LEU C 66 -8.54 19.81 34.78
N ALA C 67 -8.34 20.42 33.62
CA ALA C 67 -8.96 20.05 32.37
C ALA C 67 -7.81 19.97 31.37
N MET C 68 -7.22 18.77 31.23
CA MET C 68 -6.06 18.59 30.36
C MET C 68 -6.41 18.09 28.96
N GLY C 69 -6.04 18.89 27.97
CA GLY C 69 -6.23 18.56 26.58
C GLY C 69 -5.16 17.58 26.16
N VAL C 70 -5.57 16.35 25.95
CA VAL C 70 -4.64 15.26 25.66
C VAL C 70 -4.84 14.74 24.26
N ASN C 71 -3.72 14.42 23.58
CA ASN C 71 -3.75 13.74 22.29
C ASN C 71 -3.68 12.27 22.69
N LEU C 72 -4.80 11.55 22.53
CA LEU C 72 -4.96 10.15 22.90
C LEU C 72 -4.02 9.21 22.24
N THR C 73 -3.55 9.55 21.05
CA THR C 73 -2.59 8.75 20.31
C THR C 73 -1.22 8.80 21.00
N SER C 74 -0.77 10.01 21.37
CA SER C 74 0.49 10.27 22.06
C SER C 74 0.47 9.63 23.44
N MET C 75 -0.66 9.73 24.14
CA MET C 75 -0.79 9.14 25.47
C MET C 75 -0.73 7.65 25.37
N SER C 76 -1.29 7.09 24.28
CA SER C 76 -1.29 5.65 24.05
C SER C 76 0.13 5.15 23.82
N LYS C 77 0.91 5.87 23.00
CA LYS C 77 2.30 5.55 22.69
C LYS C 77 3.12 5.52 23.98
N ILE C 78 2.90 6.52 24.85
CA ILE C 78 3.55 6.63 26.15
C ILE C 78 3.15 5.45 27.03
N LEU C 79 1.86 5.12 27.06
CA LEU C 79 1.39 4.02 27.89
C LEU C 79 1.89 2.67 27.43
N LYS C 80 2.15 2.52 26.12
CA LYS C 80 2.71 1.32 25.51
C LYS C 80 4.13 1.06 26.09
N CYS C 81 4.80 2.11 26.59
CA CYS C 81 6.12 2.04 27.21
C CYS C 81 6.02 1.49 28.62
N ALA C 82 4.79 1.32 29.15
CA ALA C 82 4.58 0.76 30.48
C ALA C 82 4.38 -0.74 30.39
N GLY C 83 5.08 -1.47 31.24
CA GLY C 83 4.96 -2.93 31.35
C GLY C 83 3.61 -3.30 31.91
N ASN C 84 3.07 -4.47 31.51
CA ASN C 84 1.74 -4.97 31.93
C ASN C 84 1.53 -5.13 33.46
N GLU C 85 2.65 -5.18 34.22
CA GLU C 85 2.68 -5.29 35.69
C GLU C 85 3.03 -3.97 36.42
N ASP C 86 3.48 -2.92 35.69
CA ASP C 86 3.89 -1.63 36.25
C ASP C 86 2.84 -0.89 37.06
N ILE C 87 3.31 -0.09 38.02
CA ILE C 87 2.48 0.78 38.83
C ILE C 87 2.59 2.13 38.17
N ILE C 88 1.47 2.67 37.70
CA ILE C 88 1.48 3.96 37.02
C ILE C 88 1.09 5.10 37.93
N THR C 89 1.90 6.18 37.92
CA THR C 89 1.62 7.40 38.64
C THR C 89 1.40 8.55 37.65
N LEU C 90 0.29 9.28 37.81
CA LEU C 90 -0.05 10.46 37.01
C LEU C 90 0.16 11.68 37.90
N ARG C 91 0.92 12.65 37.41
CA ARG C 91 1.21 13.84 38.18
C ARG C 91 1.17 15.06 37.29
N ALA C 92 0.36 16.05 37.66
CA ALA C 92 0.21 17.28 36.89
C ALA C 92 0.10 18.51 37.79
N GLU C 93 0.52 19.67 37.27
CA GLU C 93 0.46 20.94 38.00
C GLU C 93 -0.38 21.95 37.19
N ASP C 94 -1.07 22.89 37.89
CA ASP C 94 -1.92 23.90 37.24
C ASP C 94 -1.10 25.07 36.74
N ASP C 97 0.67 22.60 32.01
CA ASP C 97 1.57 22.72 30.86
C ASP C 97 1.81 21.36 30.16
N THR C 98 2.13 20.33 30.98
CA THR C 98 2.41 18.94 30.60
C THR C 98 1.77 17.99 31.61
N LEU C 99 1.67 16.70 31.24
CA LEU C 99 1.23 15.62 32.11
C LEU C 99 2.41 14.66 32.28
N ALA C 100 2.72 14.33 33.53
CA ALA C 100 3.81 13.41 33.85
C ALA C 100 3.28 12.03 34.21
N LEU C 101 3.81 11.01 33.54
CA LEU C 101 3.48 9.60 33.74
C LEU C 101 4.76 8.91 34.26
N VAL C 102 4.68 8.28 35.45
CA VAL C 102 5.82 7.59 36.02
C VAL C 102 5.53 6.11 36.13
N PHE C 103 6.38 5.29 35.51
CA PHE C 103 6.19 3.85 35.51
C PHE C 103 7.16 3.20 36.45
N GLU C 104 6.63 2.69 37.56
CA GLU C 104 7.41 1.98 38.55
C GLU C 104 7.25 0.51 38.23
N ALA C 105 8.38 -0.11 37.89
CA ALA C 105 8.44 -1.52 37.55
C ALA C 105 8.55 -2.35 38.85
N PRO C 106 7.66 -3.36 39.02
CA PRO C 106 7.68 -4.15 40.26
C PRO C 106 8.85 -5.13 40.41
N ASN C 107 9.09 -5.95 39.35
CA ASN C 107 10.13 -6.98 39.30
C ASN C 107 11.58 -6.49 38.97
N GLN C 108 11.86 -5.16 39.13
CA GLN C 108 13.16 -4.54 38.83
C GLN C 108 13.35 -3.15 39.45
N GLU C 109 14.62 -2.66 39.49
CA GLU C 109 15.00 -1.32 39.97
C GLU C 109 15.07 -0.33 38.77
N LYS C 110 14.06 -0.43 37.85
CA LYS C 110 13.86 0.41 36.67
C LYS C 110 12.74 1.42 36.91
N VAL C 111 13.00 2.70 36.61
CA VAL C 111 12.01 3.76 36.73
C VAL C 111 11.91 4.56 35.42
N SER C 112 10.72 4.52 34.82
CA SER C 112 10.41 5.26 33.60
C SER C 112 9.62 6.52 33.97
N ASP C 113 10.01 7.65 33.38
CA ASP C 113 9.38 8.95 33.62
C ASP C 113 9.16 9.67 32.28
N TYR C 114 7.88 9.82 31.90
CA TYR C 114 7.49 10.46 30.65
C TYR C 114 6.73 11.73 30.92
N GLU C 115 7.05 12.77 30.14
CA GLU C 115 6.41 14.08 30.24
C GLU C 115 5.72 14.33 28.92
N MET C 116 4.39 14.26 28.93
CA MET C 116 3.58 14.44 27.73
C MET C 116 3.08 15.87 27.62
N LYS C 117 3.35 16.51 26.47
CA LYS C 117 2.88 17.86 26.16
C LYS C 117 1.35 17.83 26.05
N LEU C 118 0.68 18.79 26.69
CA LEU C 118 -0.76 18.92 26.60
C LEU C 118 -1.08 19.95 25.52
N MET C 119 -2.37 20.10 25.19
CA MET C 119 -2.85 21.06 24.18
C MET C 119 -4.14 21.73 24.65
N ASP C 120 -4.51 22.89 24.07
CA ASP C 120 -5.76 23.54 24.46
C ASP C 120 -6.90 23.02 23.58
N LEU C 121 -7.89 22.34 24.18
CA LEU C 121 -9.02 21.78 23.45
C LEU C 121 -10.34 22.52 23.61
N ASP C 122 -10.72 23.30 22.58
CA ASP C 122 -11.99 24.00 22.55
C ASP C 122 -12.93 23.12 21.72
N VAL C 123 -13.52 22.11 22.38
CA VAL C 123 -14.43 21.18 21.71
C VAL C 123 -15.85 21.31 22.29
N GLU C 124 -16.84 20.66 21.64
CA GLU C 124 -18.24 20.67 22.02
C GLU C 124 -18.48 19.80 23.26
N GLN C 125 -18.92 20.47 24.34
CA GLN C 125 -19.28 19.85 25.62
C GLN C 125 -20.76 19.49 25.59
N LEU C 126 -21.08 18.18 25.74
CA LEU C 126 -22.44 17.67 25.73
C LEU C 126 -22.73 16.97 27.06
N GLY C 127 -23.92 17.24 27.61
CA GLY C 127 -24.37 16.67 28.86
C GLY C 127 -25.39 15.58 28.67
N ILE C 128 -25.14 14.41 29.27
CA ILE C 128 -26.01 13.24 29.16
C ILE C 128 -26.89 13.01 30.39
N PRO C 129 -28.21 13.27 30.32
CA PRO C 129 -29.05 12.97 31.49
C PRO C 129 -29.27 11.47 31.64
N GLU C 130 -28.99 10.94 32.84
CA GLU C 130 -29.17 9.53 33.14
C GLU C 130 -30.68 9.26 33.22
N GLN C 131 -31.20 8.69 32.13
CA GLN C 131 -32.61 8.34 32.00
C GLN C 131 -32.82 6.83 32.16
N GLU C 132 -34.07 6.37 32.04
CA GLU C 132 -34.42 4.94 32.15
C GLU C 132 -34.67 4.35 30.76
N TYR C 133 -34.14 3.15 30.51
CA TYR C 133 -34.25 2.47 29.21
C TYR C 133 -35.31 1.36 29.18
N SER C 134 -35.97 1.21 28.02
CA SER C 134 -36.99 0.19 27.78
C SER C 134 -36.42 -1.23 27.85
N CYS C 135 -35.10 -1.37 27.57
CA CYS C 135 -34.39 -2.66 27.57
C CYS C 135 -32.98 -2.47 28.07
N VAL C 136 -32.54 -3.40 28.91
CA VAL C 136 -31.17 -3.43 29.43
C VAL C 136 -30.65 -4.86 29.33
N VAL C 137 -29.75 -5.12 28.36
CA VAL C 137 -29.17 -6.46 28.15
C VAL C 137 -27.79 -6.54 28.80
N LYS C 138 -27.57 -7.56 29.65
CA LYS C 138 -26.25 -7.81 30.23
C LYS C 138 -25.79 -9.13 29.62
N MET C 139 -24.59 -9.14 29.04
CA MET C 139 -24.08 -10.35 28.39
C MET C 139 -22.54 -10.41 28.42
N PRO C 140 -21.90 -11.59 28.14
CA PRO C 140 -20.42 -11.64 28.09
C PRO C 140 -19.85 -10.73 27.01
N SER C 141 -18.92 -9.86 27.38
CA SER C 141 -18.29 -8.88 26.48
C SER C 141 -17.68 -9.50 25.22
N GLY C 142 -17.12 -10.70 25.37
CA GLY C 142 -16.54 -11.47 24.29
C GLY C 142 -17.59 -11.91 23.29
N GLU C 143 -18.74 -12.41 23.81
CA GLU C 143 -19.89 -12.82 23.01
C GLU C 143 -20.32 -11.63 22.14
N PHE C 144 -20.48 -10.45 22.78
CA PHE C 144 -20.86 -9.22 22.10
C PHE C 144 -19.87 -8.81 21.01
N ALA C 145 -18.56 -8.85 21.32
CA ALA C 145 -17.50 -8.49 20.39
C ALA C 145 -17.49 -9.42 19.18
N ARG C 146 -17.79 -10.73 19.42
CA ARG C 146 -17.86 -11.73 18.37
C ARG C 146 -19.07 -11.43 17.51
N ILE C 147 -20.25 -11.19 18.13
CA ILE C 147 -21.48 -10.84 17.40
C ILE C 147 -21.25 -9.68 16.42
N CYS C 148 -20.73 -8.56 16.93
CA CYS C 148 -20.45 -7.36 16.15
C CYS C 148 -19.48 -7.60 15.01
N ARG C 149 -18.43 -8.41 15.25
CA ARG C 149 -17.42 -8.74 14.24
C ARG C 149 -18.07 -9.60 13.16
N ASP C 150 -18.84 -10.61 13.59
CA ASP C 150 -19.53 -11.53 12.70
C ASP C 150 -20.49 -10.83 11.76
N LEU C 151 -21.45 -10.08 12.31
CA LEU C 151 -22.42 -9.35 11.50
C LEU C 151 -21.83 -8.32 10.55
N SER C 152 -20.60 -7.84 10.85
CA SER C 152 -19.82 -6.91 10.01
C SER C 152 -19.52 -7.54 8.67
N HIS C 153 -19.37 -8.88 8.64
CA HIS C 153 -19.09 -9.67 7.44
C HIS C 153 -20.32 -9.76 6.57
N ILE C 154 -21.47 -9.50 7.17
CA ILE C 154 -22.75 -9.59 6.48
C ILE C 154 -23.24 -8.24 6.01
N GLY C 155 -23.20 -7.25 6.88
CA GLY C 155 -23.70 -5.92 6.55
C GLY C 155 -23.02 -4.81 7.32
N ASP C 156 -23.57 -3.59 7.17
CA ASP C 156 -23.03 -2.39 7.79
C ASP C 156 -23.75 -1.97 9.05
N ALA C 157 -25.06 -2.27 9.11
CA ALA C 157 -25.93 -1.97 10.24
C ALA C 157 -26.46 -3.23 10.93
N VAL C 158 -26.78 -3.11 12.22
CA VAL C 158 -27.31 -4.19 13.04
C VAL C 158 -28.66 -3.81 13.61
N VAL C 159 -29.64 -4.72 13.48
CA VAL C 159 -30.96 -4.49 14.00
C VAL C 159 -31.07 -5.23 15.29
N ILE C 160 -30.98 -4.50 16.40
CA ILE C 160 -31.10 -5.12 17.72
C ILE C 160 -32.55 -5.14 18.12
N SER C 161 -33.14 -6.35 18.24
CA SER C 161 -34.52 -6.58 18.66
C SER C 161 -34.47 -7.18 20.04
N CYS C 162 -35.02 -6.48 20.99
CA CYS C 162 -35.02 -6.95 22.35
C CYS C 162 -36.47 -7.25 22.78
N ALA C 163 -36.69 -8.47 23.28
CA ALA C 163 -37.99 -8.95 23.75
C ALA C 163 -37.83 -9.71 25.07
N LYS C 164 -38.93 -10.30 25.60
CA LYS C 164 -38.93 -11.04 26.87
C LYS C 164 -38.09 -12.34 26.79
N ASP C 165 -38.23 -13.09 25.66
CA ASP C 165 -37.54 -14.37 25.37
C ASP C 165 -36.02 -14.22 25.38
N GLY C 166 -35.54 -13.37 24.50
CA GLY C 166 -34.12 -13.08 24.37
C GLY C 166 -33.91 -11.85 23.54
N VAL C 167 -32.70 -11.70 23.03
CA VAL C 167 -32.32 -10.58 22.19
C VAL C 167 -31.89 -11.11 20.82
N LYS C 168 -32.13 -10.32 19.77
CA LYS C 168 -31.75 -10.72 18.42
C LYS C 168 -30.97 -9.62 17.72
N PHE C 169 -29.87 -10.01 17.08
CA PHE C 169 -29.03 -9.12 16.32
C PHE C 169 -29.08 -9.60 14.90
N SER C 170 -29.41 -8.70 13.97
CA SER C 170 -29.50 -9.07 12.57
C SER C 170 -28.80 -8.08 11.65
N ALA C 171 -28.28 -8.57 10.52
CA ALA C 171 -27.65 -7.74 9.50
C ALA C 171 -28.00 -8.28 8.11
N SER C 172 -27.95 -7.41 7.09
CA SER C 172 -28.26 -7.73 5.70
C SER C 172 -27.24 -7.08 4.80
N GLY C 173 -26.89 -7.77 3.73
CA GLY C 173 -25.92 -7.28 2.75
C GLY C 173 -26.11 -7.93 1.41
N GLU C 174 -25.12 -7.74 0.55
CA GLU C 174 -25.17 -8.31 -0.78
C GLU C 174 -25.07 -9.82 -0.82
N LEU C 175 -24.43 -10.44 0.21
CA LEU C 175 -24.27 -11.90 0.27
C LEU C 175 -25.48 -12.65 0.80
N GLY C 176 -26.31 -11.93 1.54
CA GLY C 176 -27.52 -12.44 2.16
C GLY C 176 -27.75 -11.75 3.47
N ASN C 177 -28.39 -12.44 4.42
CA ASN C 177 -28.67 -11.88 5.74
C ASN C 177 -28.31 -12.83 6.87
N GLY C 178 -28.06 -12.23 8.03
CA GLY C 178 -27.63 -12.95 9.22
C GLY C 178 -28.49 -12.66 10.41
N ASN C 179 -28.60 -13.65 11.28
CA ASN C 179 -29.44 -13.56 12.45
C ASN C 179 -28.83 -14.27 13.66
N ILE C 180 -28.50 -13.51 14.71
CA ILE C 180 -27.96 -14.13 15.92
C ILE C 180 -28.95 -13.95 17.06
N LYS C 181 -29.52 -15.07 17.51
CA LYS C 181 -30.51 -15.09 18.58
C LYS C 181 -29.95 -15.63 19.90
N LEU C 182 -29.94 -14.74 20.92
CA LEU C 182 -29.50 -15.04 22.28
C LEU C 182 -30.71 -15.26 23.18
N SER C 183 -30.65 -16.27 24.05
CA SER C 183 -31.73 -16.61 25.00
C SER C 183 -31.32 -16.24 26.42
N GLN C 184 -32.29 -15.87 27.29
CA GLN C 184 -32.02 -15.47 28.68
C GLN C 184 -31.26 -16.51 29.51
N ALA C 194 -23.63 -15.99 30.92
CA ALA C 194 -24.98 -15.56 31.31
C ALA C 194 -25.46 -14.33 30.54
N VAL C 195 -26.73 -14.40 30.08
CA VAL C 195 -27.42 -13.34 29.35
C VAL C 195 -28.71 -13.02 30.12
N THR C 196 -28.83 -11.76 30.59
CA THR C 196 -29.98 -11.29 31.36
C THR C 196 -30.59 -10.05 30.74
N ILE C 197 -31.94 -9.97 30.74
CA ILE C 197 -32.69 -8.86 30.13
C ILE C 197 -33.65 -8.18 31.10
N GLU C 198 -33.43 -6.88 31.37
CA GLU C 198 -34.30 -6.08 32.23
C GLU C 198 -35.18 -5.19 31.32
N MET C 199 -36.08 -5.83 30.58
CA MET C 199 -36.98 -5.20 29.61
C MET C 199 -38.29 -4.69 30.22
N ASN C 200 -38.67 -3.45 29.85
CA ASN C 200 -39.92 -2.79 30.23
C ASN C 200 -40.85 -2.82 29.03
N GLU C 201 -40.35 -2.40 27.86
CA GLU C 201 -41.07 -2.41 26.57
C GLU C 201 -40.16 -3.09 25.55
N PRO C 202 -40.69 -3.84 24.55
CA PRO C 202 -39.79 -4.41 23.54
C PRO C 202 -39.25 -3.30 22.64
N VAL C 203 -37.97 -3.39 22.26
CA VAL C 203 -37.32 -2.36 21.43
C VAL C 203 -36.68 -3.01 20.22
N GLN C 204 -36.63 -2.26 19.12
CA GLN C 204 -36.00 -2.64 17.89
C GLN C 204 -35.34 -1.38 17.37
N LEU C 205 -34.00 -1.40 17.33
CA LEU C 205 -33.19 -0.26 16.87
C LEU C 205 -32.11 -0.70 15.89
N THR C 206 -31.73 0.22 14.98
CA THR C 206 -30.69 -0.04 13.98
C THR C 206 -29.45 0.79 14.28
N PHE C 207 -28.28 0.12 14.29
CA PHE C 207 -27.01 0.81 14.56
C PHE C 207 -25.90 0.43 13.58
N ALA C 208 -24.97 1.40 13.32
CA ALA C 208 -23.81 1.17 12.47
C ALA C 208 -22.79 0.26 13.21
N LEU C 209 -22.49 -0.91 12.61
CA LEU C 209 -21.53 -1.87 13.17
C LEU C 209 -20.13 -1.28 13.29
N ARG C 210 -19.77 -0.37 12.38
CA ARG C 210 -18.47 0.33 12.35
C ARG C 210 -18.12 0.87 13.75
N TYR C 211 -19.09 1.57 14.36
CA TYR C 211 -18.96 2.17 15.68
C TYR C 211 -19.02 1.17 16.79
N LEU C 212 -19.89 0.17 16.71
CA LEU C 212 -19.95 -0.90 17.69
C LEU C 212 -18.62 -1.65 17.83
N ASN C 213 -17.93 -1.86 16.68
CA ASN C 213 -16.61 -2.49 16.63
C ASN C 213 -15.47 -1.66 17.23
N PHE C 214 -15.68 -0.34 17.38
CA PHE C 214 -14.74 0.53 18.07
C PHE C 214 -14.97 0.39 19.58
N PHE C 215 -16.25 0.28 19.98
CA PHE C 215 -16.65 0.15 21.38
C PHE C 215 -16.12 -1.15 21.95
N THR C 216 -16.22 -2.25 21.18
CA THR C 216 -15.77 -3.59 21.57
C THR C 216 -14.26 -3.67 21.80
N LYS C 217 -13.55 -2.56 21.58
CA LYS C 217 -12.11 -2.50 21.83
C LYS C 217 -11.85 -2.38 23.34
N ALA C 218 -12.92 -2.06 24.09
CA ALA C 218 -12.93 -1.96 25.55
C ALA C 218 -13.16 -3.35 26.19
N THR C 219 -13.27 -4.43 25.36
CA THR C 219 -13.51 -5.81 25.82
C THR C 219 -12.54 -6.28 26.92
N PRO C 220 -11.21 -6.02 26.85
CA PRO C 220 -10.31 -6.48 27.93
C PRO C 220 -10.58 -5.86 29.29
N LEU C 221 -11.36 -4.76 29.33
CA LEU C 221 -11.69 -4.09 30.58
C LEU C 221 -12.71 -4.83 31.43
N SER C 222 -13.57 -5.64 30.80
CA SER C 222 -14.63 -6.35 31.53
C SER C 222 -15.00 -7.67 30.90
N SER C 223 -15.40 -8.64 31.73
CA SER C 223 -15.86 -9.96 31.27
C SER C 223 -17.29 -9.87 30.74
N THR C 224 -18.02 -8.80 31.13
CA THR C 224 -19.41 -8.55 30.74
C THR C 224 -19.60 -7.15 30.16
N VAL C 225 -20.69 -6.97 29.40
CA VAL C 225 -21.09 -5.72 28.76
C VAL C 225 -22.59 -5.55 28.94
N THR C 226 -23.05 -4.29 29.02
CA THR C 226 -24.47 -3.99 29.17
C THR C 226 -24.90 -3.03 28.06
N LEU C 227 -26.02 -3.35 27.38
CA LEU C 227 -26.58 -2.53 26.31
C LEU C 227 -27.93 -1.96 26.74
N SER C 228 -27.99 -0.64 26.86
CA SER C 228 -29.21 0.04 27.26
C SER C 228 -29.89 0.66 26.05
N MET C 229 -31.14 0.24 25.78
CA MET C 229 -31.91 0.70 24.63
C MET C 229 -33.27 1.21 24.99
N SER C 230 -33.62 2.34 24.38
CA SER C 230 -34.92 3.00 24.42
C SER C 230 -35.12 3.50 22.98
N ALA C 231 -36.36 3.44 22.48
CA ALA C 231 -36.67 3.85 21.10
C ALA C 231 -36.36 5.33 20.83
N ASP C 232 -35.89 5.63 19.60
CA ASP C 232 -35.52 6.96 19.12
C ASP C 232 -34.46 7.70 19.97
N VAL C 233 -33.67 6.96 20.78
CA VAL C 233 -32.62 7.54 21.61
C VAL C 233 -31.30 6.75 21.40
N PRO C 234 -30.11 7.35 21.68
CA PRO C 234 -28.85 6.61 21.49
C PRO C 234 -28.70 5.37 22.37
N LEU C 235 -27.94 4.40 21.84
CA LEU C 235 -27.63 3.16 22.54
C LEU C 235 -26.53 3.44 23.55
N VAL C 236 -26.50 2.67 24.66
CA VAL C 236 -25.46 2.77 25.67
C VAL C 236 -24.80 1.42 25.83
N VAL C 237 -23.50 1.36 25.55
CA VAL C 237 -22.70 0.15 25.69
C VAL C 237 -21.76 0.49 26.83
N GLU C 238 -21.97 -0.16 27.99
CA GLU C 238 -21.16 0.11 29.18
C GLU C 238 -20.28 -1.04 29.54
N TYR C 239 -19.04 -0.70 29.88
CA TYR C 239 -18.00 -1.61 30.36
C TYR C 239 -17.61 -1.14 31.74
N LYS C 240 -17.93 -1.94 32.78
CA LYS C 240 -17.57 -1.57 34.16
C LYS C 240 -16.12 -1.93 34.34
N ILE C 241 -15.33 -0.97 34.84
CA ILE C 241 -13.91 -1.22 34.99
C ILE C 241 -13.57 -2.22 36.10
N ALA C 242 -13.61 -1.84 37.39
CA ALA C 242 -13.31 -2.76 38.52
C ALA C 242 -13.63 -2.07 39.85
N ASP C 243 -14.92 -1.68 40.03
CA ASP C 243 -15.44 -0.91 41.18
C ASP C 243 -14.77 0.47 41.24
N MET C 244 -13.82 0.70 40.32
CA MET C 244 -13.06 1.92 40.12
C MET C 244 -13.90 2.89 39.34
N GLY C 245 -14.62 2.38 38.35
CA GLY C 245 -15.49 3.16 37.51
C GLY C 245 -16.04 2.39 36.34
N HIS C 246 -16.14 3.06 35.20
CA HIS C 246 -16.68 2.51 33.96
C HIS C 246 -16.26 3.32 32.77
N LEU C 247 -16.63 2.80 31.61
CA LEU C 247 -16.41 3.41 30.31
C LEU C 247 -17.73 3.18 29.55
N LYS C 248 -18.42 4.27 29.16
CA LYS C 248 -19.69 4.21 28.47
C LYS C 248 -19.58 4.74 27.06
N TYR C 249 -20.21 4.05 26.10
CA TYR C 249 -20.21 4.47 24.72
C TYR C 249 -21.65 4.70 24.27
N TYR C 250 -21.93 5.90 23.77
CA TYR C 250 -23.25 6.25 23.25
C TYR C 250 -23.21 6.24 21.74
N LEU C 251 -24.22 5.64 21.10
CA LEU C 251 -24.28 5.58 19.64
C LEU C 251 -25.63 6.05 19.15
N ALA C 252 -25.65 7.10 18.33
CA ALA C 252 -26.87 7.62 17.75
C ALA C 252 -27.53 6.51 16.92
N PRO C 253 -28.85 6.29 17.05
CA PRO C 253 -29.49 5.26 16.23
C PRO C 253 -29.63 5.69 14.78
N LYS C 254 -29.82 4.73 13.89
CA LYS C 254 -30.00 5.00 12.47
C LYS C 254 -31.46 5.49 12.20
N ILE C 255 -31.59 6.58 11.42
CA ILE C 255 -32.88 7.19 11.04
C ILE C 255 -33.74 6.15 10.31
N GLU C 256 -34.90 5.78 10.89
CA GLU C 256 -35.78 4.77 10.26
C GLU C 256 -37.25 5.17 10.24
N ASP D 1 -25.22 2.99 2.88
CA ASP D 1 -26.36 2.38 3.57
C ASP D 1 -27.69 3.10 3.30
N LYS D 2 -28.84 2.37 3.41
CA LYS D 2 -30.19 2.91 3.25
C LYS D 2 -30.41 4.05 4.27
N SER D 3 -30.27 3.77 5.58
CA SER D 3 -30.44 4.75 6.66
C SER D 3 -29.17 5.52 7.01
N GLY D 4 -29.38 6.79 7.36
CA GLY D 4 -28.35 7.69 7.86
C GLY D 4 -28.55 7.86 9.35
N MET D 5 -27.74 8.70 9.99
CA MET D 5 -27.85 8.95 11.44
C MET D 5 -28.03 10.41 11.75
N LYS D 6 -28.62 10.69 12.90
CA LYS D 6 -28.76 12.06 13.38
C LYS D 6 -27.53 12.27 14.26
N SER D 7 -27.03 13.50 14.37
CA SER D 7 -25.86 13.80 15.20
C SER D 7 -26.13 13.51 16.66
N ILE D 8 -25.11 13.05 17.40
CA ILE D 8 -25.30 12.76 18.83
C ILE D 8 -25.72 14.01 19.65
N ASP D 9 -25.39 15.21 19.13
CA ASP D 9 -25.78 16.53 19.65
C ASP D 9 -27.29 16.70 19.65
N THR D 10 -28.01 16.16 18.65
CA THR D 10 -29.48 16.23 18.54
C THR D 10 -30.17 15.56 19.74
N PHE D 11 -29.47 14.61 20.38
CA PHE D 11 -29.98 13.90 21.54
C PHE D 11 -29.47 14.53 22.83
N PHE D 12 -28.28 15.17 22.77
CA PHE D 12 -27.61 15.87 23.88
C PHE D 12 -27.21 17.30 23.48
N MET E 1 -43.72 10.70 -15.18
CA MET E 1 -42.58 10.63 -16.10
C MET E 1 -41.70 11.88 -16.03
N PHE E 2 -40.41 11.67 -15.70
CA PHE E 2 -39.42 12.74 -15.63
C PHE E 2 -38.43 12.61 -16.76
N GLU E 3 -38.15 13.71 -17.44
CA GLU E 3 -37.21 13.75 -18.54
C GLU E 3 -36.57 15.12 -18.62
N ALA E 4 -35.26 15.18 -18.41
CA ALA E 4 -34.49 16.42 -18.49
C ALA E 4 -33.29 16.24 -19.39
N ARG E 5 -33.22 17.04 -20.47
CA ARG E 5 -32.13 17.00 -21.42
C ARG E 5 -31.20 18.19 -21.19
N LEU E 6 -29.92 17.89 -21.04
CA LEU E 6 -28.89 18.89 -20.81
C LEU E 6 -27.86 18.80 -21.91
N VAL E 7 -27.75 19.86 -22.73
CA VAL E 7 -26.81 19.90 -23.87
C VAL E 7 -25.35 19.88 -23.40
N GLN E 8 -25.11 20.55 -22.27
CA GLN E 8 -23.79 20.58 -21.68
C GLN E 8 -23.67 19.44 -20.65
N GLY E 9 -23.32 18.26 -21.14
CA GLY E 9 -23.14 17.06 -20.32
C GLY E 9 -22.09 17.25 -19.25
N SER E 10 -21.00 17.97 -19.60
CA SER E 10 -19.89 18.33 -18.72
C SER E 10 -20.39 18.83 -17.37
N ILE E 11 -21.39 19.74 -17.36
CA ILE E 11 -21.99 20.31 -16.16
C ILE E 11 -22.32 19.22 -15.16
N LEU E 12 -23.04 18.20 -15.59
CA LEU E 12 -23.43 17.10 -14.73
C LEU E 12 -22.25 16.25 -14.28
N LYS E 13 -21.27 16.04 -15.18
CA LYS E 13 -20.05 15.30 -14.88
C LYS E 13 -19.31 16.02 -13.76
N LYS E 14 -19.06 17.33 -13.94
CA LYS E 14 -18.41 18.22 -13.00
C LYS E 14 -19.16 18.31 -11.66
N VAL E 15 -20.50 18.37 -11.72
CA VAL E 15 -21.34 18.47 -10.51
C VAL E 15 -21.12 17.22 -9.67
N LEU E 16 -21.10 16.07 -10.31
CA LEU E 16 -20.93 14.82 -9.61
C LEU E 16 -19.54 14.57 -9.04
N GLU E 17 -18.49 15.09 -9.69
CA GLU E 17 -17.11 15.02 -9.21
C GLU E 17 -16.93 15.96 -8.02
N ALA E 18 -17.75 17.03 -7.97
CA ALA E 18 -17.75 18.03 -6.91
C ALA E 18 -18.44 17.51 -5.64
N LEU E 19 -19.36 16.53 -5.80
CA LEU E 19 -20.14 15.95 -4.72
C LEU E 19 -19.60 14.65 -4.15
N LYS E 20 -19.28 13.67 -5.03
CA LYS E 20 -18.82 12.31 -4.67
C LYS E 20 -17.77 12.22 -3.54
N ASP E 21 -16.86 13.21 -3.44
CA ASP E 21 -15.80 13.18 -2.42
C ASP E 21 -16.22 13.63 -1.03
N LEU E 22 -17.37 14.31 -0.96
CA LEU E 22 -17.97 14.83 0.27
C LEU E 22 -19.09 13.91 0.78
N ILE E 23 -19.99 13.47 -0.12
CA ILE E 23 -21.14 12.62 0.21
C ILE E 23 -21.15 11.39 -0.70
N ASN E 24 -21.57 10.22 -0.17
CA ASN E 24 -21.63 8.97 -0.94
C ASN E 24 -23.03 8.66 -1.43
N GLU E 25 -24.04 9.10 -0.66
CA GLU E 25 -25.46 8.93 -0.95
C GLU E 25 -26.20 10.20 -0.68
N ALA E 26 -26.99 10.65 -1.66
CA ALA E 26 -27.82 11.84 -1.54
C ALA E 26 -29.11 11.69 -2.30
N CYS E 27 -30.14 12.33 -1.79
CA CYS E 27 -31.45 12.29 -2.41
C CYS E 27 -31.61 13.43 -3.41
N TRP E 28 -31.96 13.05 -4.66
CA TRP E 28 -32.19 13.98 -5.77
C TRP E 28 -33.66 14.28 -5.86
N ASP E 29 -34.04 15.48 -5.42
CA ASP E 29 -35.42 15.94 -5.42
C ASP E 29 -35.73 16.63 -6.74
N ILE E 30 -36.61 16.00 -7.52
CA ILE E 30 -37.05 16.49 -8.82
C ILE E 30 -38.44 17.09 -8.72
N SER E 31 -38.62 18.27 -9.30
CA SER E 31 -39.90 18.96 -9.33
C SER E 31 -40.00 19.80 -10.60
N SER E 32 -41.21 20.25 -10.93
CA SER E 32 -41.50 21.08 -12.10
C SER E 32 -40.54 22.29 -12.23
N SER E 33 -39.99 22.73 -11.07
CA SER E 33 -39.07 23.85 -10.94
C SER E 33 -37.65 23.48 -11.33
N GLY E 34 -37.27 22.23 -11.08
CA GLY E 34 -35.93 21.72 -11.37
C GLY E 34 -35.43 20.69 -10.38
N VAL E 35 -34.09 20.46 -10.43
CA VAL E 35 -33.38 19.48 -9.61
C VAL E 35 -32.84 20.14 -8.35
N ASN E 36 -33.08 19.50 -7.21
CA ASN E 36 -32.60 19.99 -5.91
C ASN E 36 -31.94 18.85 -5.15
N LEU E 37 -30.84 19.16 -4.48
CA LEU E 37 -30.12 18.19 -3.66
C LEU E 37 -29.63 18.87 -2.41
N GLN E 38 -29.94 18.28 -1.25
CA GLN E 38 -29.52 18.82 0.04
C GLN E 38 -29.16 17.67 0.97
N SER E 39 -27.86 17.51 1.23
CA SER E 39 -27.32 16.43 2.04
C SER E 39 -26.16 16.93 2.90
N MET E 40 -26.04 16.37 4.12
CA MET E 40 -24.91 16.70 4.99
C MET E 40 -23.90 15.57 4.87
N ASP E 41 -22.62 15.82 5.19
CA ASP E 41 -21.59 14.78 5.09
C ASP E 41 -21.61 13.78 6.26
N SER E 42 -20.86 12.68 6.09
CA SER E 42 -20.68 11.57 7.03
C SER E 42 -20.24 12.01 8.44
N SER E 43 -19.46 13.12 8.51
CA SER E 43 -18.97 13.69 9.76
C SER E 43 -19.92 14.73 10.38
N HIS E 44 -21.09 14.97 9.74
CA HIS E 44 -22.14 15.87 10.21
C HIS E 44 -21.61 17.25 10.51
N VAL E 45 -20.74 17.75 9.65
CA VAL E 45 -20.03 19.01 9.86
C VAL E 45 -20.18 20.00 8.69
N SER E 46 -20.47 19.48 7.49
CA SER E 46 -20.69 20.29 6.28
C SER E 46 -21.97 19.87 5.61
N LEU E 47 -22.56 20.78 4.82
CA LEU E 47 -23.79 20.54 4.08
C LEU E 47 -23.66 21.00 2.63
N VAL E 48 -24.18 20.19 1.68
CA VAL E 48 -24.21 20.52 0.24
C VAL E 48 -25.63 20.84 -0.18
N GLN E 49 -25.76 21.87 -1.03
CA GLN E 49 -27.04 22.26 -1.58
C GLN E 49 -26.86 22.51 -3.07
N LEU E 50 -27.47 21.65 -3.90
CA LEU E 50 -27.42 21.78 -5.35
C LEU E 50 -28.77 22.24 -5.87
N THR E 51 -28.76 23.19 -6.81
CA THR E 51 -29.96 23.68 -7.48
C THR E 51 -29.68 23.79 -8.97
N LEU E 52 -30.43 23.03 -9.76
CA LEU E 52 -30.36 23.09 -11.21
C LEU E 52 -31.76 23.46 -11.69
N ARG E 53 -31.97 24.75 -12.05
CA ARG E 53 -33.27 25.25 -12.51
C ARG E 53 -33.64 24.63 -13.84
N SER E 54 -34.92 24.21 -13.98
CA SER E 54 -35.49 23.59 -15.18
C SER E 54 -35.19 24.40 -16.44
N GLU E 55 -35.15 25.73 -16.29
CA GLU E 55 -34.88 26.71 -17.35
C GLU E 55 -33.45 26.53 -17.90
N GLY E 56 -32.61 25.85 -17.14
CA GLY E 56 -31.24 25.58 -17.54
C GLY E 56 -31.10 24.38 -18.46
N PHE E 57 -32.16 23.57 -18.58
CA PHE E 57 -32.16 22.38 -19.42
C PHE E 57 -32.83 22.67 -20.74
N ASP E 58 -32.36 22.03 -21.83
CA ASP E 58 -32.95 22.16 -23.15
C ASP E 58 -34.38 21.60 -23.13
N THR E 59 -34.55 20.44 -22.50
CA THR E 59 -35.83 19.77 -22.35
C THR E 59 -36.01 19.45 -20.88
N TYR E 60 -37.20 19.74 -20.35
CA TYR E 60 -37.53 19.46 -18.97
C TYR E 60 -38.99 19.15 -18.82
N ARG E 61 -39.28 17.96 -18.30
CA ARG E 61 -40.63 17.45 -18.04
C ARG E 61 -40.61 16.73 -16.70
N CYS E 62 -41.60 17.00 -15.86
CA CYS E 62 -41.73 16.36 -14.55
C CYS E 62 -43.21 16.29 -14.20
N ASP E 63 -43.83 15.14 -14.52
CA ASP E 63 -45.24 14.87 -14.25
C ASP E 63 -45.45 14.83 -12.75
N ARG E 64 -44.77 13.91 -12.06
CA ARG E 64 -44.83 13.78 -10.61
C ARG E 64 -43.46 14.03 -9.99
N ASN E 65 -43.46 14.70 -8.82
CA ASN E 65 -42.28 15.04 -8.04
C ASN E 65 -41.61 13.80 -7.49
N LEU E 66 -40.31 13.64 -7.78
CA LEU E 66 -39.52 12.48 -7.39
C LEU E 66 -38.46 12.81 -6.37
N ALA E 67 -38.17 11.83 -5.52
CA ALA E 67 -37.11 11.91 -4.52
C ALA E 67 -36.31 10.63 -4.68
N MET E 68 -35.26 10.69 -5.52
CA MET E 68 -34.45 9.52 -5.82
C MET E 68 -33.20 9.38 -4.97
N GLY E 69 -33.13 8.28 -4.25
CA GLY E 69 -31.98 7.94 -3.42
C GLY E 69 -30.89 7.41 -4.30
N VAL E 70 -29.84 8.22 -4.46
CA VAL E 70 -28.76 7.90 -5.38
C VAL E 70 -27.46 7.66 -4.63
N ASN E 71 -26.69 6.64 -5.08
CA ASN E 71 -25.34 6.40 -4.59
C ASN E 71 -24.48 7.23 -5.53
N LEU E 72 -23.93 8.34 -5.02
CA LEU E 72 -23.12 9.31 -5.77
C LEU E 72 -21.89 8.73 -6.41
N THR E 73 -21.35 7.68 -5.83
CA THR E 73 -20.18 6.99 -6.37
C THR E 73 -20.54 6.26 -7.66
N SER E 74 -21.66 5.52 -7.62
CA SER E 74 -22.20 4.77 -8.77
C SER E 74 -22.60 5.71 -9.89
N MET E 75 -23.23 6.86 -9.53
CA MET E 75 -23.65 7.84 -10.50
C MET E 75 -22.45 8.46 -11.15
N SER E 76 -21.37 8.62 -10.37
CA SER E 76 -20.15 9.22 -10.86
C SER E 76 -19.48 8.30 -11.89
N LYS E 77 -19.43 6.99 -11.58
CA LYS E 77 -18.86 5.96 -12.45
C LYS E 77 -19.61 5.97 -13.78
N ILE E 78 -20.95 6.06 -13.73
CA ILE E 78 -21.84 6.12 -14.89
C ILE E 78 -21.53 7.39 -15.68
N LEU E 79 -21.42 8.53 -14.99
CA LEU E 79 -21.15 9.78 -15.68
C LEU E 79 -19.78 9.86 -16.31
N LYS E 80 -18.81 9.11 -15.76
CA LYS E 80 -17.46 8.98 -16.30
C LYS E 80 -17.52 8.33 -17.69
N CYS E 81 -18.59 7.57 -17.97
CA CYS E 81 -18.83 6.90 -19.26
C CYS E 81 -19.32 7.90 -20.29
N ALA E 82 -19.62 9.13 -19.87
CA ALA E 82 -20.08 10.17 -20.78
C ALA E 82 -18.90 11.01 -21.25
N GLY E 83 -18.83 11.23 -22.56
CA GLY E 83 -17.80 12.08 -23.18
C GLY E 83 -18.01 13.53 -22.78
N ASN E 84 -16.91 14.30 -22.69
CA ASN E 84 -16.91 15.72 -22.28
C ASN E 84 -17.79 16.68 -23.15
N GLU E 85 -18.17 16.23 -24.37
CA GLU E 85 -19.02 16.95 -25.31
C GLU E 85 -20.47 16.41 -25.39
N ASP E 86 -20.76 15.22 -24.79
CA ASP E 86 -22.06 14.55 -24.85
C ASP E 86 -23.25 15.34 -24.34
N ILE E 87 -24.43 15.06 -24.89
CA ILE E 87 -25.70 15.64 -24.45
C ILE E 87 -26.28 14.59 -23.53
N ILE E 88 -26.49 14.95 -22.27
CA ILE E 88 -27.02 14.01 -21.30
C ILE E 88 -28.52 14.17 -21.08
N THR E 89 -29.25 13.04 -21.12
CA THR E 89 -30.68 12.98 -20.85
C THR E 89 -30.92 12.14 -19.59
N LEU E 90 -31.69 12.69 -18.65
CA LEU E 90 -32.09 12.00 -17.42
C LEU E 90 -33.56 11.65 -17.57
N ARG E 91 -33.91 10.39 -17.33
CA ARG E 91 -35.29 9.94 -17.48
C ARG E 91 -35.64 8.98 -16.36
N ALA E 92 -36.71 9.28 -15.63
CA ALA E 92 -37.14 8.44 -14.53
C ALA E 92 -38.67 8.34 -14.47
N GLU E 93 -39.17 7.23 -13.92
CA GLU E 93 -40.60 6.99 -13.76
C GLU E 93 -40.93 6.76 -12.28
N ASP E 94 -42.15 7.13 -11.82
CA ASP E 94 -42.55 6.97 -10.43
C ASP E 94 -43.07 5.55 -10.16
N ASP E 97 -37.98 3.30 -9.48
CA ASP E 97 -37.23 2.06 -9.27
C ASP E 97 -35.73 2.22 -9.62
N THR E 98 -35.45 2.84 -10.79
CA THR E 98 -34.13 3.13 -11.35
C THR E 98 -34.12 4.52 -11.97
N LEU E 99 -32.92 5.04 -12.26
CA LEU E 99 -32.69 6.30 -12.97
C LEU E 99 -31.97 5.97 -14.27
N ALA E 100 -32.50 6.47 -15.40
CA ALA E 100 -31.91 6.24 -16.71
C ALA E 100 -31.16 7.46 -17.19
N LEU E 101 -29.90 7.25 -17.59
CA LEU E 101 -29.00 8.27 -18.12
C LEU E 101 -28.69 7.90 -19.57
N VAL E 102 -29.00 8.81 -20.51
CA VAL E 102 -28.74 8.56 -21.93
C VAL E 102 -27.71 9.54 -22.47
N PHE E 103 -26.62 9.01 -23.02
CA PHE E 103 -25.55 9.84 -23.52
C PHE E 103 -25.57 9.88 -25.01
N GLU E 104 -25.95 11.03 -25.56
CA GLU E 104 -25.97 11.26 -26.99
C GLU E 104 -24.65 11.93 -27.34
N ALA E 105 -23.86 11.23 -28.15
CA ALA E 105 -22.55 11.69 -28.58
C ALA E 105 -22.73 12.61 -29.82
N PRO E 106 -22.15 13.83 -29.77
CA PRO E 106 -22.29 14.75 -30.92
C PRO E 106 -21.45 14.39 -32.15
N ASN E 107 -20.14 14.13 -31.95
CA ASN E 107 -19.14 13.79 -32.97
C ASN E 107 -19.16 12.32 -33.47
N GLN E 108 -20.28 11.55 -33.26
CA GLN E 108 -20.43 10.14 -33.65
C GLN E 108 -21.88 9.65 -33.63
N GLU E 109 -22.15 8.49 -34.29
CA GLU E 109 -23.46 7.81 -34.32
C GLU E 109 -23.57 6.75 -33.17
N LYS E 110 -23.02 7.12 -31.97
CA LYS E 110 -22.98 6.31 -30.75
C LYS E 110 -24.03 6.80 -29.75
N VAL E 111 -24.78 5.85 -29.17
CA VAL E 111 -25.78 6.14 -28.14
C VAL E 111 -25.56 5.22 -26.92
N SER E 112 -25.22 5.83 -25.78
CA SER E 112 -25.03 5.14 -24.52
C SER E 112 -26.28 5.30 -23.66
N ASP E 113 -26.73 4.19 -23.07
CA ASP E 113 -27.92 4.14 -22.21
C ASP E 113 -27.63 3.33 -20.93
N TYR E 114 -27.60 4.02 -19.79
CA TYR E 114 -27.31 3.43 -18.50
C TYR E 114 -28.50 3.51 -17.59
N GLU E 115 -28.76 2.43 -16.87
CA GLU E 115 -29.87 2.31 -15.93
C GLU E 115 -29.27 2.09 -14.56
N MET E 116 -29.34 3.12 -13.73
CA MET E 116 -28.77 3.09 -12.38
C MET E 116 -29.82 2.71 -11.35
N LYS E 117 -29.54 1.68 -10.55
CA LYS E 117 -30.41 1.23 -9.45
C LYS E 117 -30.45 2.33 -8.40
N LEU E 118 -31.64 2.66 -7.91
CA LEU E 118 -31.80 3.67 -6.86
C LEU E 118 -31.90 2.92 -5.54
N MET E 119 -31.91 3.66 -4.42
CA MET E 119 -32.02 3.10 -3.07
C MET E 119 -32.95 3.97 -2.22
N ASP E 120 -33.48 3.43 -1.11
CA ASP E 120 -34.32 4.23 -0.24
C ASP E 120 -33.47 4.91 0.82
N LEU E 121 -33.41 6.25 0.83
CA LEU E 121 -32.60 7.03 1.76
C LEU E 121 -33.37 7.70 2.90
N ASP E 122 -33.27 7.12 4.11
CA ASP E 122 -33.87 7.68 5.31
C ASP E 122 -32.73 8.45 6.02
N VAL E 123 -32.47 9.68 5.56
CA VAL E 123 -31.40 10.52 6.14
C VAL E 123 -32.00 11.77 6.81
N GLU E 124 -31.16 12.52 7.52
CA GLU E 124 -31.51 13.75 8.21
C GLU E 124 -31.68 14.92 7.22
N GLN E 125 -32.93 15.42 7.16
CA GLN E 125 -33.30 16.56 6.32
C GLN E 125 -33.14 17.83 7.16
N LEU E 126 -32.28 18.76 6.69
CA LEU E 126 -32.02 20.04 7.37
C LEU E 126 -32.39 21.20 6.45
N GLY E 127 -33.05 22.21 7.03
CA GLY E 127 -33.49 23.40 6.31
C GLY E 127 -32.63 24.61 6.61
N ILE E 128 -32.11 25.25 5.56
CA ILE E 128 -31.24 26.42 5.68
C ILE E 128 -31.95 27.75 5.39
N PRO E 129 -32.20 28.59 6.43
CA PRO E 129 -32.82 29.89 6.16
C PRO E 129 -31.83 30.84 5.51
N GLU E 130 -32.21 31.43 4.35
CA GLU E 130 -31.36 32.38 3.64
C GLU E 130 -31.30 33.67 4.45
N GLN E 131 -30.20 33.84 5.19
CA GLN E 131 -29.97 35.00 6.04
C GLN E 131 -28.95 35.95 5.38
N GLU E 132 -28.63 37.06 6.07
CA GLU E 132 -27.67 38.05 5.59
C GLU E 132 -26.34 37.90 6.34
N TYR E 133 -25.22 37.96 5.60
CA TYR E 133 -23.88 37.79 6.15
C TYR E 133 -23.11 39.08 6.36
N SER E 134 -22.30 39.13 7.43
CA SER E 134 -21.45 40.27 7.79
C SER E 134 -20.39 40.55 6.72
N CYS E 135 -19.98 39.51 5.97
CA CYS E 135 -18.97 39.60 4.91
C CYS E 135 -19.31 38.69 3.77
N VAL E 136 -19.13 39.20 2.55
CA VAL E 136 -19.34 38.42 1.33
C VAL E 136 -18.15 38.68 0.40
N VAL E 137 -17.25 37.69 0.26
CA VAL E 137 -16.06 37.81 -0.59
C VAL E 137 -16.30 37.11 -1.92
N LYS E 138 -16.09 37.82 -3.04
CA LYS E 138 -16.16 37.23 -4.37
C LYS E 138 -14.75 37.24 -4.92
N MET E 139 -14.26 36.07 -5.36
CA MET E 139 -12.89 35.98 -5.86
C MET E 139 -12.73 34.87 -6.93
N PRO E 140 -11.61 34.83 -7.70
CA PRO E 140 -11.43 33.73 -8.68
C PRO E 140 -11.34 32.37 -7.98
N SER E 141 -12.17 31.42 -8.42
CA SER E 141 -12.27 30.07 -7.86
C SER E 141 -10.92 29.34 -7.77
N GLY E 142 -10.08 29.57 -8.77
CA GLY E 142 -8.74 28.99 -8.86
C GLY E 142 -7.84 29.54 -7.77
N GLU E 143 -7.89 30.88 -7.55
CA GLU E 143 -7.15 31.58 -6.50
C GLU E 143 -7.51 30.93 -5.15
N PHE E 144 -8.83 30.77 -4.90
CA PHE E 144 -9.34 30.15 -3.68
C PHE E 144 -8.84 28.70 -3.50
N ALA E 145 -8.91 27.90 -4.55
CA ALA E 145 -8.48 26.50 -4.53
C ALA E 145 -6.99 26.38 -4.24
N ARG E 146 -6.20 27.34 -4.78
CA ARG E 146 -4.77 27.40 -4.57
C ARG E 146 -4.51 27.77 -3.11
N ILE E 147 -5.20 28.81 -2.60
CA ILE E 147 -5.07 29.23 -1.19
C ILE E 147 -5.29 28.05 -0.23
N CYS E 148 -6.43 27.36 -0.37
CA CYS E 148 -6.79 26.21 0.45
C CYS E 148 -5.79 25.08 0.40
N ARG E 149 -5.26 24.80 -0.81
CA ARG E 149 -4.27 23.74 -1.02
C ARG E 149 -2.98 24.12 -0.33
N ASP E 150 -2.55 25.38 -0.53
CA ASP E 150 -1.33 25.94 0.03
C ASP E 150 -1.32 25.87 1.54
N LEU E 151 -2.31 26.49 2.18
CA LEU E 151 -2.41 26.50 3.64
C LEU E 151 -2.52 25.13 4.28
N SER E 152 -2.97 24.11 3.52
CA SER E 152 -3.06 22.70 3.93
C SER E 152 -1.69 22.15 4.25
N HIS E 153 -0.65 22.67 3.57
CA HIS E 153 0.75 22.29 3.74
C HIS E 153 1.28 22.84 5.03
N ILE E 154 0.62 23.87 5.54
CA ILE E 154 1.04 24.54 6.76
C ILE E 154 0.29 24.04 7.98
N GLY E 155 -1.03 23.95 7.88
CA GLY E 155 -1.85 23.54 9.00
C GLY E 155 -3.14 22.86 8.61
N ASP E 156 -3.99 22.62 9.62
CA ASP E 156 -5.26 21.92 9.44
C ASP E 156 -6.45 22.85 9.34
N ALA E 157 -6.38 23.98 10.04
CA ALA E 157 -7.41 25.01 10.08
C ALA E 157 -6.96 26.34 9.44
N VAL E 158 -7.93 27.09 8.92
CA VAL E 158 -7.69 28.38 8.29
C VAL E 158 -8.47 29.48 9.01
N VAL E 159 -7.78 30.57 9.32
CA VAL E 159 -8.40 31.70 9.99
C VAL E 159 -8.70 32.73 8.94
N ILE E 160 -9.97 32.82 8.55
CA ILE E 160 -10.38 33.79 7.56
C ILE E 160 -10.76 35.09 8.27
N SER E 161 -9.97 36.16 8.03
CA SER E 161 -10.20 37.50 8.58
C SER E 161 -10.63 38.38 7.44
N CYS E 162 -11.83 38.89 7.55
CA CYS E 162 -12.37 39.75 6.53
C CYS E 162 -12.55 41.16 7.08
N ALA E 163 -11.97 42.15 6.38
CA ALA E 163 -12.02 43.57 6.73
C ALA E 163 -12.31 44.41 5.49
N LYS E 164 -12.32 45.76 5.62
CA LYS E 164 -12.58 46.69 4.52
C LYS E 164 -11.49 46.65 3.43
N ASP E 165 -10.19 46.61 3.85
CA ASP E 165 -8.99 46.57 3.01
C ASP E 165 -8.97 45.37 2.06
N GLY E 166 -9.00 44.20 2.66
CA GLY E 166 -9.02 42.95 1.94
C GLY E 166 -9.39 41.81 2.85
N VAL E 167 -9.06 40.60 2.44
CA VAL E 167 -9.31 39.39 3.20
C VAL E 167 -7.98 38.70 3.51
N LYS E 168 -7.91 38.01 4.64
CA LYS E 168 -6.70 37.32 5.03
C LYS E 168 -6.99 35.88 5.43
N PHE E 169 -6.19 34.95 4.91
CA PHE E 169 -6.30 33.54 5.23
C PHE E 169 -5.00 33.16 5.89
N SER E 170 -5.10 32.54 7.06
CA SER E 170 -3.90 32.15 7.81
C SER E 170 -3.98 30.72 8.34
N ALA E 171 -2.83 30.05 8.44
CA ALA E 171 -2.73 28.72 9.01
C ALA E 171 -1.43 28.60 9.83
N SER E 172 -1.42 27.67 10.81
CA SER E 172 -0.28 27.43 11.69
C SER E 172 -0.10 25.93 11.84
N GLY E 173 1.15 25.50 11.95
CA GLY E 173 1.49 24.11 12.12
C GLY E 173 2.85 23.93 12.73
N GLU E 174 3.35 22.70 12.66
CA GLU E 174 4.64 22.38 13.25
C GLU E 174 5.80 23.02 12.51
N LEU E 175 5.63 23.32 11.19
CA LEU E 175 6.71 23.93 10.39
C LEU E 175 6.84 25.44 10.53
N GLY E 176 5.76 26.05 10.97
CA GLY E 176 5.65 27.49 11.17
C GLY E 176 4.23 27.93 10.86
N ASN E 177 4.08 29.18 10.39
CA ASN E 177 2.78 29.74 10.04
C ASN E 177 2.77 30.42 8.68
N GLY E 178 1.58 30.50 8.11
CA GLY E 178 1.36 31.09 6.79
C GLY E 178 0.29 32.13 6.79
N ASN E 179 0.45 33.09 5.89
CA ASN E 179 -0.46 34.21 5.80
C ASN E 179 -0.67 34.66 4.35
N ILE E 180 -1.90 34.52 3.84
CA ILE E 180 -2.18 34.98 2.49
C ILE E 180 -3.14 36.15 2.53
N LYS E 181 -2.64 37.33 2.14
CA LYS E 181 -3.41 38.56 2.13
C LYS E 181 -3.83 39.00 0.72
N LEU E 182 -5.16 39.03 0.50
CA LEU E 182 -5.80 39.46 -0.75
C LEU E 182 -6.32 40.89 -0.59
N SER E 183 -6.13 41.73 -1.61
CA SER E 183 -6.59 43.12 -1.61
C SER E 183 -7.76 43.29 -2.57
N GLN E 184 -8.69 44.24 -2.28
CA GLN E 184 -9.88 44.50 -3.12
C GLN E 184 -9.57 44.81 -4.59
N ALA E 194 -10.28 39.52 -10.25
CA ALA E 194 -10.98 40.49 -9.41
C ALA E 194 -11.44 39.91 -8.06
N VAL E 195 -11.18 40.67 -6.97
CA VAL E 195 -11.54 40.36 -5.59
C VAL E 195 -12.40 41.51 -5.07
N THR E 196 -13.65 41.22 -4.69
CA THR E 196 -14.61 42.21 -4.19
C THR E 196 -15.17 41.77 -2.84
N ILE E 197 -15.35 42.74 -1.90
CA ILE E 197 -15.84 42.49 -0.55
C ILE E 197 -17.07 43.33 -0.19
N GLU E 198 -18.20 42.66 0.09
CA GLU E 198 -19.45 43.32 0.51
C GLU E 198 -19.59 43.13 2.03
N MET E 199 -18.69 43.77 2.79
CA MET E 199 -18.60 43.70 4.24
C MET E 199 -19.50 44.71 4.99
N ASN E 200 -20.21 44.21 6.01
CA ASN E 200 -21.06 45.01 6.91
C ASN E 200 -20.33 45.17 8.22
N GLU E 201 -19.83 44.06 8.79
CA GLU E 201 -19.05 44.01 10.03
C GLU E 201 -17.79 43.19 9.73
N PRO E 202 -16.62 43.49 10.34
CA PRO E 202 -15.44 42.63 10.09
C PRO E 202 -15.66 41.27 10.77
N VAL E 203 -15.23 40.18 10.13
CA VAL E 203 -15.41 38.83 10.65
C VAL E 203 -14.07 38.10 10.67
N GLN E 204 -13.90 37.22 11.66
CA GLN E 204 -12.75 36.36 11.81
C GLN E 204 -13.30 35.03 12.25
N LEU E 205 -13.15 34.00 11.39
CA LEU E 205 -13.65 32.65 11.64
C LEU E 205 -12.58 31.61 11.33
N THR E 206 -12.65 30.46 12.03
CA THR E 206 -11.71 29.35 11.84
C THR E 206 -12.42 28.16 11.21
N PHE E 207 -11.84 27.61 10.13
CA PHE E 207 -12.42 26.46 9.44
C PHE E 207 -11.42 25.37 9.12
N ALA E 208 -11.88 24.09 9.11
CA ALA E 208 -11.05 22.93 8.75
C ALA E 208 -10.78 22.95 7.24
N LEU E 209 -9.48 23.00 6.86
CA LEU E 209 -9.05 23.01 5.46
C LEU E 209 -9.46 21.75 4.73
N ARG E 210 -9.52 20.61 5.47
CA ARG E 210 -9.92 19.30 4.94
C ARG E 210 -11.22 19.41 4.12
N TYR E 211 -12.22 20.09 4.70
CA TYR E 211 -13.52 20.29 4.09
C TYR E 211 -13.50 21.33 3.01
N LEU E 212 -12.76 22.43 3.19
CA LEU E 212 -12.61 23.45 2.15
C LEU E 212 -12.03 22.87 0.86
N ASN E 213 -11.06 21.94 0.99
CA ASN E 213 -10.46 21.23 -0.13
C ASN E 213 -11.38 20.25 -0.86
N PHE E 214 -12.48 19.84 -0.22
CA PHE E 214 -13.51 19.02 -0.87
C PHE E 214 -14.40 19.96 -1.67
N PHE E 215 -14.70 21.15 -1.12
CA PHE E 215 -15.55 22.16 -1.75
C PHE E 215 -14.90 22.64 -3.04
N THR E 216 -13.58 22.90 -3.00
CA THR E 216 -12.79 23.38 -4.15
C THR E 216 -12.75 22.40 -5.31
N LYS E 217 -13.39 21.22 -5.13
CA LYS E 217 -13.48 20.25 -6.22
C LYS E 217 -14.55 20.67 -7.22
N ALA E 218 -15.37 21.67 -6.82
CA ALA E 218 -16.39 22.30 -7.65
C ALA E 218 -15.79 23.44 -8.51
N THR E 219 -14.45 23.66 -8.43
CA THR E 219 -13.74 24.71 -9.17
C THR E 219 -14.02 24.72 -10.68
N PRO E 220 -14.05 23.56 -11.39
CA PRO E 220 -14.34 23.60 -12.84
C PRO E 220 -15.72 24.13 -13.21
N LEU E 221 -16.64 24.20 -12.22
CA LEU E 221 -18.00 24.70 -12.46
C LEU E 221 -18.08 26.21 -12.66
N SER E 222 -17.13 26.96 -12.07
CA SER E 222 -17.17 28.42 -12.14
C SER E 222 -15.79 29.04 -12.12
N SER E 223 -15.65 30.19 -12.80
CA SER E 223 -14.42 30.97 -12.84
C SER E 223 -14.25 31.75 -11.53
N THR E 224 -15.37 31.94 -10.79
CA THR E 224 -15.40 32.68 -9.53
C THR E 224 -16.08 31.89 -8.41
N VAL E 225 -15.81 32.28 -7.16
CA VAL E 225 -16.36 31.69 -5.94
C VAL E 225 -16.73 32.81 -4.99
N THR E 226 -17.76 32.58 -4.17
CA THR E 226 -18.19 33.56 -3.17
C THR E 226 -18.22 32.92 -1.79
N LEU E 227 -17.62 33.60 -0.80
CA LEU E 227 -17.57 33.13 0.60
C LEU E 227 -18.39 34.06 1.49
N SER E 228 -19.47 33.52 2.06
CA SER E 228 -20.36 34.29 2.93
C SER E 228 -20.07 33.95 4.38
N MET E 229 -19.69 34.96 5.17
CA MET E 229 -19.34 34.79 6.57
C MET E 229 -20.09 35.72 7.48
N SER E 230 -20.56 35.16 8.59
CA SER E 230 -21.19 35.84 9.73
C SER E 230 -20.64 35.09 10.95
N ALA E 231 -20.36 35.80 12.04
CA ALA E 231 -19.79 35.20 13.25
C ALA E 231 -20.69 34.14 13.89
N ASP E 232 -20.08 33.09 14.44
CA ASP E 232 -20.76 31.95 15.11
C ASP E 232 -21.78 31.20 14.23
N VAL E 233 -21.69 31.34 12.89
CA VAL E 233 -22.57 30.64 11.95
C VAL E 233 -21.74 29.93 10.87
N PRO E 234 -22.27 28.89 10.18
CA PRO E 234 -21.48 28.22 9.13
C PRO E 234 -21.11 29.10 7.95
N LEU E 235 -19.98 28.77 7.31
CA LEU E 235 -19.48 29.45 6.13
C LEU E 235 -20.26 28.95 4.92
N VAL E 236 -20.39 29.81 3.90
CA VAL E 236 -21.06 29.44 2.64
C VAL E 236 -20.09 29.68 1.50
N VAL E 237 -19.76 28.61 0.79
CA VAL E 237 -18.88 28.65 -0.36
C VAL E 237 -19.80 28.31 -1.51
N GLU E 238 -20.09 29.31 -2.37
CA GLU E 238 -21.00 29.13 -3.49
C GLU E 238 -20.30 29.19 -4.82
N TYR E 239 -20.68 28.24 -5.68
CA TYR E 239 -20.22 28.13 -7.06
C TYR E 239 -21.46 28.26 -7.93
N LYS E 240 -21.56 29.35 -8.70
CA LYS E 240 -22.70 29.55 -9.59
C LYS E 240 -22.43 28.72 -10.82
N ILE E 241 -23.42 27.90 -11.21
CA ILE E 241 -23.22 27.03 -12.36
C ILE E 241 -23.16 27.77 -13.69
N ALA E 242 -24.30 28.23 -14.27
CA ALA E 242 -24.30 28.98 -15.54
C ALA E 242 -25.73 29.51 -15.81
N ASP E 243 -26.24 30.36 -14.89
CA ASP E 243 -27.60 30.92 -14.88
C ASP E 243 -28.65 29.78 -14.76
N MET E 244 -28.14 28.54 -14.74
CA MET E 244 -28.87 27.28 -14.59
C MET E 244 -29.15 27.08 -13.11
N GLY E 245 -28.17 27.40 -12.28
CA GLY E 245 -28.30 27.28 -10.84
C GLY E 245 -26.98 27.53 -10.14
N HIS E 246 -26.76 26.74 -9.07
CA HIS E 246 -25.58 26.84 -8.23
C HIS E 246 -25.37 25.58 -7.43
N LEU E 247 -24.26 25.56 -6.72
CA LEU E 247 -23.85 24.51 -5.81
C LEU E 247 -23.27 25.26 -4.59
N LYS E 248 -23.91 25.07 -3.41
CA LYS E 248 -23.50 25.74 -2.18
C LYS E 248 -22.97 24.75 -1.16
N TYR E 249 -21.88 25.11 -0.49
CA TYR E 249 -21.28 24.28 0.53
C TYR E 249 -21.28 25.03 1.86
N TYR E 250 -21.87 24.43 2.89
CA TYR E 250 -21.89 25.02 4.22
C TYR E 250 -20.91 24.30 5.10
N LEU E 251 -20.11 25.05 5.88
CA LEU E 251 -19.12 24.45 6.76
C LEU E 251 -19.26 25.01 8.15
N ALA E 252 -19.51 24.14 9.12
CA ALA E 252 -19.61 24.55 10.53
C ALA E 252 -18.29 25.18 10.95
N PRO E 253 -18.32 26.33 11.64
CA PRO E 253 -17.07 26.94 12.09
C PRO E 253 -16.45 26.15 13.25
N LYS E 254 -15.15 26.36 13.46
CA LYS E 254 -14.45 25.71 14.56
C LYS E 254 -14.77 26.44 15.91
N ILE E 255 -15.08 25.66 16.96
CA ILE E 255 -15.41 26.16 18.31
C ILE E 255 -14.22 26.97 18.85
N GLU E 256 -14.41 28.28 19.11
CA GLU E 256 -13.32 29.16 19.60
C GLU E 256 -13.80 30.10 20.70
N ASP F 1 -6.04 18.82 16.17
CA ASP F 1 -6.51 20.20 16.06
C ASP F 1 -7.01 20.74 17.41
N LYS F 2 -6.45 21.91 17.87
CA LYS F 2 -6.82 22.59 19.13
C LYS F 2 -8.36 22.70 19.26
N SER F 3 -9.01 23.35 18.29
CA SER F 3 -10.48 23.51 18.25
C SER F 3 -11.20 22.34 17.55
N GLY F 4 -12.40 22.06 18.05
CA GLY F 4 -13.30 21.08 17.47
C GLY F 4 -14.42 21.84 16.80
N MET F 5 -15.42 21.12 16.25
CA MET F 5 -16.57 21.73 15.56
C MET F 5 -17.88 21.30 16.15
N LYS F 6 -18.89 22.14 15.97
CA LYS F 6 -20.24 21.81 16.41
C LYS F 6 -20.87 21.19 15.16
N SER F 7 -21.83 20.27 15.33
CA SER F 7 -22.51 19.63 14.19
C SER F 7 -23.27 20.64 13.36
N ILE F 8 -23.33 20.45 12.03
CA ILE F 8 -24.06 21.38 11.17
C ILE F 8 -25.57 21.47 11.53
N ASP F 9 -26.10 20.41 12.16
CA ASP F 9 -27.46 20.29 12.70
C ASP F 9 -27.72 21.35 13.78
N THR F 10 -26.71 21.68 14.61
CA THR F 10 -26.81 22.70 15.67
C THR F 10 -27.14 24.09 15.10
N PHE F 11 -26.81 24.31 13.84
CA PHE F 11 -27.07 25.57 13.16
C PHE F 11 -28.37 25.47 12.34
N PHE F 12 -28.70 24.25 11.88
CA PHE F 12 -29.89 23.92 11.07
C PHE F 12 -30.68 22.75 11.70
N MET G 1 38.77 -27.27 0.97
CA MET G 1 37.48 -27.78 1.45
C MET G 1 37.13 -27.28 2.86
N PHE G 2 36.01 -26.57 2.98
CA PHE G 2 35.51 -26.06 4.24
C PHE G 2 34.26 -26.81 4.65
N GLU G 3 34.21 -27.24 5.92
CA GLU G 3 33.07 -27.95 6.46
C GLU G 3 32.95 -27.66 7.94
N ALA G 4 31.85 -27.03 8.33
CA ALA G 4 31.56 -26.71 9.72
C ALA G 4 30.17 -27.19 10.11
N ARG G 5 30.10 -28.08 11.11
CA ARG G 5 28.84 -28.63 11.60
C ARG G 5 28.48 -27.97 12.91
N LEU G 6 27.27 -27.45 12.98
CA LEU G 6 26.75 -26.78 14.16
C LEU G 6 25.48 -27.49 14.61
N VAL G 7 25.52 -28.10 15.80
CA VAL G 7 24.38 -28.86 16.35
C VAL G 7 23.19 -27.94 16.66
N GLN G 8 23.51 -26.73 17.12
CA GLN G 8 22.49 -25.73 17.40
C GLN G 8 22.29 -24.87 16.15
N GLY G 9 21.42 -25.34 15.26
CA GLY G 9 21.07 -24.65 14.03
C GLY G 9 20.48 -23.27 14.28
N SER G 10 19.66 -23.16 15.34
CA SER G 10 19.03 -21.93 15.81
C SER G 10 20.02 -20.76 15.85
N ILE G 11 21.23 -20.99 16.39
CA ILE G 11 22.30 -19.98 16.50
C ILE G 11 22.48 -19.29 15.16
N LEU G 12 22.66 -20.05 14.10
CA LEU G 12 22.87 -19.49 12.77
C LEU G 12 21.65 -18.79 12.23
N LYS G 13 20.45 -19.33 12.51
CA LYS G 13 19.17 -18.74 12.11
C LYS G 13 19.07 -17.35 12.75
N LYS G 14 19.24 -17.28 14.08
CA LYS G 14 19.23 -16.08 14.91
C LYS G 14 20.31 -15.08 14.49
N VAL G 15 21.54 -15.57 14.15
CA VAL G 15 22.64 -14.71 13.74
C VAL G 15 22.25 -13.97 12.46
N LEU G 16 21.66 -14.70 11.54
CA LEU G 16 21.27 -14.13 10.27
C LEU G 16 20.09 -13.18 10.32
N GLU G 17 19.15 -13.38 11.26
CA GLU G 17 18.02 -12.48 11.47
C GLU G 17 18.52 -11.20 12.13
N ALA G 18 19.64 -11.30 12.89
CA ALA G 18 20.28 -10.20 13.59
C ALA G 18 21.06 -9.29 12.64
N LEU G 19 21.50 -9.84 11.51
CA LEU G 19 22.30 -9.17 10.50
C LEU G 19 21.52 -8.61 9.31
N LYS G 20 20.66 -9.44 8.68
CA LYS G 20 19.87 -9.10 7.48
C LYS G 20 19.21 -7.72 7.45
N ASP G 21 18.77 -7.21 8.61
CA ASP G 21 18.06 -5.91 8.66
C ASP G 21 18.98 -4.70 8.64
N LEU G 22 20.28 -4.94 8.96
CA LEU G 22 21.34 -3.92 8.99
C LEU G 22 22.16 -3.89 7.70
N ILE G 23 22.57 -5.07 7.23
CA ILE G 23 23.39 -5.24 6.04
C ILE G 23 22.74 -6.25 5.09
N ASN G 24 22.84 -6.02 3.77
CA ASN G 24 22.25 -6.92 2.76
C ASN G 24 23.27 -7.87 2.17
N GLU G 25 24.54 -7.44 2.12
CA GLU G 25 25.68 -8.18 1.61
C GLU G 25 26.85 -8.02 2.52
N ALA G 26 27.44 -9.14 2.91
CA ALA G 26 28.63 -9.16 3.77
C ALA G 26 29.53 -10.32 3.40
N CYS G 27 30.82 -10.11 3.60
CA CYS G 27 31.81 -11.11 3.31
C CYS G 27 32.07 -11.98 4.53
N TRP G 28 31.92 -13.30 4.36
CA TRP G 28 32.14 -14.30 5.39
C TRP G 28 33.54 -14.84 5.25
N ASP G 29 34.42 -14.42 6.17
CA ASP G 29 35.82 -14.81 6.19
C ASP G 29 35.98 -16.07 7.02
N ILE G 30 36.34 -17.16 6.35
CA ILE G 30 36.55 -18.47 6.95
C ILE G 30 38.03 -18.77 7.09
N SER G 31 38.44 -19.23 8.26
CA SER G 31 39.82 -19.62 8.54
C SER G 31 39.84 -20.75 9.56
N SER G 32 40.99 -21.40 9.71
CA SER G 32 41.22 -22.50 10.64
C SER G 32 40.75 -22.16 12.08
N SER G 33 40.73 -20.85 12.40
CA SER G 33 40.31 -20.29 13.69
C SER G 33 38.80 -20.25 13.84
N GLY G 34 38.10 -20.00 12.73
CA GLY G 34 36.65 -19.91 12.71
C GLY G 34 36.10 -18.93 11.67
N VAL G 35 34.82 -18.56 11.85
CA VAL G 35 34.07 -17.67 10.96
C VAL G 35 34.15 -16.24 11.48
N ASN G 36 34.46 -15.31 10.57
CA ASN G 36 34.55 -13.89 10.88
C ASN G 36 33.78 -13.09 9.86
N LEU G 37 33.07 -12.05 10.33
CA LEU G 37 32.32 -11.15 9.45
C LEU G 37 32.47 -9.74 9.96
N GLN G 38 32.86 -8.82 9.07
CA GLN G 38 33.02 -7.40 9.44
C GLN G 38 32.57 -6.56 8.26
N SER G 39 31.42 -5.89 8.43
CA SER G 39 30.77 -5.09 7.40
C SER G 39 30.14 -3.85 8.01
N MET G 40 30.18 -2.73 7.27
CA MET G 40 29.52 -1.51 7.72
C MET G 40 28.19 -1.42 6.97
N ASP G 41 27.22 -0.67 7.51
CA ASP G 41 25.90 -0.55 6.87
C ASP G 41 25.90 0.43 5.68
N SER G 42 24.80 0.39 4.89
CA SER G 42 24.53 1.21 3.69
C SER G 42 24.67 2.71 3.94
N SER G 43 24.36 3.17 5.18
CA SER G 43 24.46 4.58 5.58
C SER G 43 25.82 4.97 6.15
N HIS G 44 26.79 4.01 6.20
CA HIS G 44 28.17 4.20 6.63
C HIS G 44 28.23 4.82 8.00
N VAL G 45 27.39 4.36 8.91
CA VAL G 45 27.22 4.94 10.23
C VAL G 45 27.37 3.91 11.38
N SER G 46 27.14 2.62 11.07
CA SER G 46 27.28 1.51 12.00
C SER G 46 28.13 0.42 11.38
N LEU G 47 28.76 -0.41 12.23
CA LEU G 47 29.59 -1.53 11.81
C LEU G 47 29.23 -2.80 12.60
N VAL G 48 29.15 -3.96 11.89
CA VAL G 48 28.90 -5.28 12.49
C VAL G 48 30.18 -6.11 12.49
N GLN G 49 30.41 -6.82 13.59
CA GLN G 49 31.55 -7.72 13.70
C GLN G 49 31.05 -9.03 14.30
N LEU G 50 31.08 -10.10 13.50
CA LEU G 50 30.67 -11.43 13.96
C LEU G 50 31.91 -12.32 14.10
N THR G 51 31.96 -13.09 15.18
CA THR G 51 33.02 -14.06 15.44
C THR G 51 32.40 -15.35 15.93
N LEU G 52 32.60 -16.43 15.17
CA LEU G 52 32.15 -17.76 15.56
C LEU G 52 33.41 -18.62 15.61
N ARG G 53 33.93 -18.88 16.83
CA ARG G 53 35.15 -19.69 17.00
C ARG G 53 34.90 -21.14 16.61
N SER G 54 35.87 -21.72 15.88
CA SER G 54 35.84 -23.12 15.40
C SER G 54 35.51 -24.10 16.50
N GLU G 55 35.97 -23.79 17.74
CA GLU G 55 35.77 -24.59 18.95
C GLU G 55 34.28 -24.65 19.31
N GLY G 56 33.50 -23.74 18.77
CA GLY G 56 32.06 -23.70 19.00
C GLY G 56 31.27 -24.65 18.12
N PHE G 57 31.91 -25.20 17.09
CA PHE G 57 31.27 -26.13 16.15
C PHE G 57 31.62 -27.56 16.51
N ASP G 58 30.67 -28.50 16.28
CA ASP G 58 30.90 -29.91 16.53
C ASP G 58 32.00 -30.43 15.59
N THR G 59 31.91 -30.03 14.32
CA THR G 59 32.88 -30.38 13.29
C THR G 59 33.33 -29.10 12.62
N TYR G 60 34.63 -28.96 12.43
CA TYR G 60 35.22 -27.81 11.78
C TYR G 60 36.47 -28.20 11.02
N ARG G 61 36.46 -27.93 9.72
CA ARG G 61 37.55 -28.19 8.80
C ARG G 61 37.66 -27.01 7.83
N CYS G 62 38.88 -26.51 7.62
CA CYS G 62 39.13 -25.40 6.70
C CYS G 62 40.52 -25.56 6.12
N ASP G 63 40.59 -26.19 4.94
CA ASP G 63 41.84 -26.44 4.21
C ASP G 63 42.42 -25.10 3.78
N ARG G 64 41.67 -24.33 2.98
CA ARG G 64 42.10 -23.02 2.53
C ARG G 64 41.14 -21.95 3.04
N ASN G 65 41.68 -20.78 3.40
CA ASN G 65 40.96 -19.61 3.91
C ASN G 65 40.08 -19.02 2.84
N LEU G 66 38.78 -18.90 3.12
CA LEU G 66 37.77 -18.40 2.18
C LEU G 66 37.21 -17.05 2.58
N ALA G 67 36.82 -16.28 1.58
CA ALA G 67 36.18 -14.98 1.74
C ALA G 67 34.98 -15.03 0.83
N MET G 68 33.83 -15.46 1.37
CA MET G 68 32.61 -15.62 0.58
C MET G 68 31.67 -14.42 0.64
N GLY G 69 31.43 -13.85 -0.53
CA GLY G 69 30.51 -12.74 -0.69
C GLY G 69 29.10 -13.26 -0.67
N VAL G 70 28.41 -12.98 0.41
CA VAL G 70 27.07 -13.51 0.64
C VAL G 70 26.03 -12.42 0.62
N ASN G 71 24.87 -12.71 0.01
CA ASN G 71 23.71 -11.85 0.07
C ASN G 71 22.96 -12.35 1.29
N LEU G 72 22.99 -11.57 2.38
CA LEU G 72 22.38 -11.90 3.67
C LEU G 72 20.91 -12.15 3.63
N THR G 73 20.22 -11.54 2.68
CA THR G 73 18.78 -11.75 2.50
C THR G 73 18.50 -13.17 2.00
N SER G 74 19.27 -13.60 0.97
CA SER G 74 19.17 -14.93 0.35
C SER G 74 19.55 -16.00 1.37
N MET G 75 20.61 -15.73 2.16
CA MET G 75 21.06 -16.68 3.17
C MET G 75 20.02 -16.82 4.24
N SER G 76 19.33 -15.71 4.54
CA SER G 76 18.28 -15.71 5.55
C SER G 76 17.09 -16.54 5.11
N LYS G 77 16.67 -16.39 3.85
CA LYS G 77 15.57 -17.14 3.24
C LYS G 77 15.88 -18.63 3.32
N ILE G 78 17.12 -19.01 2.99
CA ILE G 78 17.61 -20.39 3.05
C ILE G 78 17.57 -20.88 4.49
N LEU G 79 18.05 -20.07 5.44
CA LEU G 79 18.05 -20.48 6.84
C LEU G 79 16.68 -20.63 7.43
N LYS G 80 15.70 -19.87 6.89
CA LYS G 80 14.29 -19.94 7.30
C LYS G 80 13.73 -21.34 6.98
N CYS G 81 14.36 -22.05 6.01
CA CYS G 81 13.98 -23.39 5.59
C CYS G 81 14.50 -24.43 6.61
N ALA G 82 15.31 -24.00 7.58
CA ALA G 82 15.84 -24.87 8.61
C ALA G 82 14.94 -24.83 9.83
N GLY G 83 14.59 -26.00 10.35
CA GLY G 83 13.79 -26.15 11.56
C GLY G 83 14.58 -25.69 12.77
N ASN G 84 13.88 -25.16 13.80
CA ASN G 84 14.48 -24.63 15.03
C ASN G 84 15.36 -25.62 15.85
N GLU G 85 15.21 -26.93 15.57
CA GLU G 85 15.97 -28.03 16.19
C GLU G 85 17.06 -28.65 15.28
N ASP G 86 17.08 -28.30 13.97
CA ASP G 86 18.00 -28.85 12.97
C ASP G 86 19.48 -28.66 13.27
N ILE G 87 20.30 -29.59 12.77
CA ILE G 87 21.76 -29.53 12.85
C ILE G 87 22.18 -28.98 11.50
N ILE G 88 22.83 -27.83 11.51
CA ILE G 88 23.25 -27.19 10.26
C ILE G 88 24.71 -27.46 9.93
N THR G 89 24.96 -27.87 8.69
CA THR G 89 26.31 -28.09 8.15
C THR G 89 26.58 -27.07 7.02
N LEU G 90 27.71 -26.37 7.11
CA LEU G 90 28.16 -25.44 6.09
C LEU G 90 29.34 -26.10 5.35
N ARG G 91 29.29 -26.13 4.03
CA ARG G 91 30.32 -26.75 3.25
C ARG G 91 30.61 -25.94 2.01
N ALA G 92 31.87 -25.56 1.81
CA ALA G 92 32.28 -24.76 0.67
C ALA G 92 33.63 -25.22 0.12
N GLU G 93 33.86 -24.99 -1.18
CA GLU G 93 35.11 -25.34 -1.87
C GLU G 93 35.71 -24.07 -2.49
N ASP G 94 37.07 -24.01 -2.61
CA ASP G 94 37.77 -22.85 -3.17
C ASP G 94 37.78 -22.87 -4.68
N ASP G 97 32.64 -20.86 -5.44
CA ASP G 97 31.59 -20.62 -6.43
C ASP G 97 30.21 -20.43 -5.77
N THR G 98 29.85 -21.37 -4.86
CA THR G 98 28.61 -21.44 -4.08
C THR G 98 28.91 -21.84 -2.65
N LEU G 99 27.93 -21.66 -1.74
CA LEU G 99 27.97 -22.12 -0.36
C LEU G 99 26.85 -23.14 -0.18
N ALA G 100 27.18 -24.32 0.37
CA ALA G 100 26.22 -25.38 0.61
C ALA G 100 25.83 -25.44 2.08
N LEU G 101 24.52 -25.43 2.34
CA LEU G 101 23.92 -25.52 3.66
C LEU G 101 23.12 -26.82 3.72
N VAL G 102 23.45 -27.70 4.68
CA VAL G 102 22.75 -28.98 4.83
C VAL G 102 22.02 -29.03 6.15
N PHE G 103 20.71 -29.23 6.09
CA PHE G 103 19.88 -29.27 7.29
C PHE G 103 19.50 -30.68 7.64
N GLU G 104 20.09 -31.18 8.71
CA GLU G 104 19.80 -32.51 9.22
C GLU G 104 18.75 -32.32 10.29
N ALA G 105 17.58 -32.90 10.05
CA ALA G 105 16.45 -32.84 10.96
C ALA G 105 16.59 -33.95 12.01
N PRO G 106 16.49 -33.59 13.32
CA PRO G 106 16.66 -34.61 14.38
C PRO G 106 15.47 -35.58 14.55
N ASN G 107 14.25 -35.03 14.66
CA ASN G 107 12.99 -35.76 14.86
C ASN G 107 12.35 -36.39 13.59
N GLN G 108 13.15 -36.60 12.50
CA GLN G 108 12.68 -37.16 11.21
C GLN G 108 13.82 -37.64 10.31
N GLU G 109 13.47 -38.46 9.28
CA GLU G 109 14.39 -38.98 8.25
C GLU G 109 14.41 -38.03 7.00
N LYS G 110 14.37 -36.70 7.27
CA LYS G 110 14.39 -35.61 6.29
C LYS G 110 15.77 -34.97 6.22
N VAL G 111 16.30 -34.80 4.99
CA VAL G 111 17.58 -34.12 4.76
C VAL G 111 17.40 -33.02 3.71
N SER G 112 17.62 -31.76 4.13
CA SER G 112 17.53 -30.58 3.27
C SER G 112 18.95 -30.17 2.86
N ASP G 113 19.14 -29.88 1.58
CA ASP G 113 20.42 -29.48 1.01
C ASP G 113 20.21 -28.27 0.07
N TYR G 114 20.73 -27.12 0.48
CA TYR G 114 20.63 -25.87 -0.27
C TYR G 114 21.98 -25.41 -0.74
N GLU G 115 22.04 -24.94 -1.99
CA GLU G 115 23.25 -24.43 -2.63
C GLU G 115 23.00 -22.98 -2.94
N MET G 116 23.64 -22.10 -2.18
CA MET G 116 23.50 -20.65 -2.33
C MET G 116 24.60 -20.07 -3.20
N LYS G 117 24.21 -19.34 -4.25
CA LYS G 117 25.12 -18.64 -5.15
C LYS G 117 25.83 -17.54 -4.37
N LEU G 118 27.14 -17.43 -4.52
CA LEU G 118 27.92 -16.38 -3.88
C LEU G 118 28.12 -15.26 -4.87
N MET G 119 28.71 -14.14 -4.43
CA MET G 119 29.00 -12.96 -5.27
C MET G 119 30.36 -12.37 -4.92
N ASP G 120 30.95 -11.56 -5.82
CA ASP G 120 32.23 -10.92 -5.50
C ASP G 120 31.98 -9.56 -4.84
N LEU G 121 32.40 -9.41 -3.57
CA LEU G 121 32.18 -8.17 -2.81
C LEU G 121 33.43 -7.30 -2.63
N ASP G 122 33.49 -6.20 -3.38
CA ASP G 122 34.57 -5.22 -3.26
C ASP G 122 33.99 -4.09 -2.37
N VAL G 123 34.05 -4.30 -1.04
CA VAL G 123 33.53 -3.33 -0.08
C VAL G 123 34.68 -2.74 0.77
N GLU G 124 34.37 -1.68 1.54
CA GLU G 124 35.31 -0.99 2.42
C GLU G 124 35.62 -1.82 3.66
N GLN G 125 36.91 -2.22 3.79
CA GLN G 125 37.45 -2.97 4.92
C GLN G 125 37.94 -1.97 5.97
N LEU G 126 37.36 -2.03 7.18
CA LEU G 126 37.72 -1.18 8.31
C LEU G 126 38.19 -2.01 9.47
N GLY G 127 39.29 -1.58 10.10
CA GLY G 127 39.90 -2.24 11.24
C GLY G 127 39.60 -1.55 12.55
N ILE G 128 39.07 -2.31 13.52
CA ILE G 128 38.71 -1.78 14.84
C ILE G 128 39.72 -2.11 15.95
N PRO G 129 40.51 -1.13 16.43
CA PRO G 129 41.42 -1.43 17.55
C PRO G 129 40.64 -1.59 18.86
N GLU G 130 40.84 -2.72 19.55
CA GLU G 130 40.17 -2.98 20.83
C GLU G 130 40.82 -2.07 21.88
N GLN G 131 40.12 -0.98 22.20
CA GLN G 131 40.53 0.03 23.16
C GLN G 131 39.77 -0.12 24.48
N GLU G 132 40.04 0.76 25.45
CA GLU G 132 39.39 0.75 26.76
C GLU G 132 38.34 1.85 26.84
N TYR G 133 37.15 1.52 27.38
CA TYR G 133 36.02 2.45 27.47
C TYR G 133 35.82 3.04 28.86
N SER G 134 35.38 4.32 28.89
CA SER G 134 35.09 5.07 30.13
C SER G 134 33.95 4.44 30.92
N CYS G 135 33.03 3.73 30.23
CA CYS G 135 31.85 3.09 30.82
C CYS G 135 31.56 1.79 30.12
N VAL G 136 31.24 0.77 30.90
CA VAL G 136 30.83 -0.54 30.39
C VAL G 136 29.61 -1.00 31.16
N VAL G 137 28.42 -0.96 30.52
CA VAL G 137 27.15 -1.36 31.14
C VAL G 137 26.78 -2.79 30.71
N LYS G 138 26.54 -3.67 31.68
CA LYS G 138 26.05 -5.03 31.40
C LYS G 138 24.61 -5.06 31.92
N MET G 139 23.67 -5.47 31.08
CA MET G 139 22.27 -5.50 31.49
C MET G 139 21.48 -6.59 30.73
N PRO G 140 20.24 -6.95 31.18
CA PRO G 140 19.45 -7.95 30.42
C PRO G 140 19.10 -7.42 29.02
N SER G 141 19.41 -8.22 27.99
CA SER G 141 19.19 -7.87 26.58
C SER G 141 17.76 -7.45 26.26
N GLY G 142 16.80 -8.10 26.93
CA GLY G 142 15.38 -7.81 26.80
C GLY G 142 15.04 -6.44 27.32
N GLU G 143 15.59 -6.09 28.51
CA GLU G 143 15.44 -4.78 29.14
C GLU G 143 15.91 -3.71 28.14
N PHE G 144 17.11 -3.90 27.56
CA PHE G 144 17.69 -3.00 26.58
C PHE G 144 16.82 -2.84 25.33
N ALA G 145 16.31 -3.97 24.78
CA ALA G 145 15.47 -3.98 23.60
C ALA G 145 14.16 -3.25 23.84
N ARG G 146 13.61 -3.39 25.08
CA ARG G 146 12.39 -2.71 25.49
C ARG G 146 12.68 -1.22 25.58
N ILE G 147 13.77 -0.82 26.26
CA ILE G 147 14.18 0.58 26.37
C ILE G 147 14.24 1.27 25.00
N CYS G 148 15.00 0.69 24.07
CA CYS G 148 15.17 1.21 22.71
C CYS G 148 13.87 1.33 21.94
N ARG G 149 12.98 0.33 22.08
CA ARG G 149 11.67 0.32 21.42
C ARG G 149 10.81 1.42 22.00
N ASP G 150 10.79 1.53 23.33
CA ASP G 150 10.01 2.52 24.06
C ASP G 150 10.37 3.93 23.67
N LEU G 151 11.64 4.29 23.83
CA LEU G 151 12.11 5.63 23.50
C LEU G 151 11.93 6.03 22.03
N SER G 152 11.82 5.03 21.12
CA SER G 152 11.55 5.21 19.70
C SER G 152 10.21 5.87 19.47
N HIS G 153 9.24 5.63 20.39
CA HIS G 153 7.90 6.18 20.38
C HIS G 153 7.94 7.63 20.75
N ILE G 154 9.01 8.04 21.42
CA ILE G 154 9.16 9.40 21.90
C ILE G 154 10.01 10.24 20.96
N GLY G 155 11.15 9.72 20.55
CA GLY G 155 12.06 10.46 19.70
C GLY G 155 12.90 9.61 18.80
N ASP G 156 13.86 10.26 18.11
CA ASP G 156 14.73 9.61 17.15
C ASP G 156 16.09 9.25 17.70
N ALA G 157 16.59 10.07 18.65
CA ALA G 157 17.87 9.89 19.33
C ALA G 157 17.73 9.60 20.81
N VAL G 158 18.73 8.89 21.38
CA VAL G 158 18.78 8.53 22.79
C VAL G 158 20.05 9.09 23.43
N VAL G 159 19.87 9.74 24.59
CA VAL G 159 20.98 10.31 25.32
C VAL G 159 21.32 9.34 26.43
N ILE G 160 22.39 8.59 26.23
CA ILE G 160 22.84 7.64 27.25
C ILE G 160 23.81 8.34 28.20
N SER G 161 23.39 8.50 29.47
CA SER G 161 24.19 9.11 30.53
C SER G 161 24.58 8.00 31.47
N CYS G 162 25.87 7.79 31.59
CA CYS G 162 26.38 6.76 32.46
C CYS G 162 27.15 7.39 33.61
N ALA G 163 26.78 7.04 34.85
CA ALA G 163 27.40 7.53 36.08
C ALA G 163 27.61 6.37 37.05
N LYS G 164 28.10 6.67 38.28
CA LYS G 164 28.35 5.66 39.33
C LYS G 164 27.06 4.99 39.84
N ASP G 165 25.99 5.81 40.06
CA ASP G 165 24.66 5.39 40.55
C ASP G 165 23.99 4.36 39.63
N GLY G 166 23.78 4.77 38.40
CA GLY G 166 23.18 3.94 37.38
C GLY G 166 23.38 4.54 36.02
N VAL G 167 22.57 4.10 35.07
CA VAL G 167 22.59 4.59 33.71
C VAL G 167 21.24 5.22 33.36
N LYS G 168 21.24 6.23 32.51
CA LYS G 168 20.01 6.90 32.11
C LYS G 168 19.90 6.99 30.59
N PHE G 169 18.72 6.65 30.06
CA PHE G 169 18.42 6.74 28.65
C PHE G 169 17.30 7.74 28.50
N SER G 170 17.48 8.74 27.64
CA SER G 170 16.47 9.76 27.44
C SER G 170 16.21 10.07 25.98
N ALA G 171 14.97 10.45 25.65
CA ALA G 171 14.57 10.84 24.30
C ALA G 171 13.56 12.00 24.37
N SER G 172 13.50 12.82 23.29
CA SER G 172 12.62 13.97 23.18
C SER G 172 12.00 13.99 21.79
N GLY G 173 10.76 14.44 21.70
CA GLY G 173 10.03 14.53 20.44
C GLY G 173 8.90 15.51 20.52
N GLU G 174 8.03 15.47 19.52
CA GLU G 174 6.91 16.38 19.44
C GLU G 174 5.85 16.11 20.52
N LEU G 175 5.76 14.85 21.02
CA LEU G 175 4.77 14.52 22.05
C LEU G 175 5.17 14.87 23.48
N GLY G 176 6.47 15.02 23.68
CA GLY G 176 7.10 15.34 24.95
C GLY G 176 8.44 14.64 25.06
N ASN G 177 8.86 14.30 26.28
CA ASN G 177 10.14 13.63 26.52
C ASN G 177 10.02 12.43 27.46
N GLY G 178 10.99 11.53 27.33
CA GLY G 178 11.07 10.32 28.11
C GLY G 178 12.39 10.12 28.81
N ASN G 179 12.34 9.46 29.95
CA ASN G 179 13.51 9.22 30.77
C ASN G 179 13.47 7.85 31.45
N ILE G 180 14.41 6.96 31.10
CA ILE G 180 14.47 5.66 31.74
C ILE G 180 15.74 5.54 32.56
N LYS G 181 15.58 5.48 33.89
CA LYS G 181 16.69 5.39 34.82
C LYS G 181 16.86 3.98 35.43
N LEU G 182 18.01 3.35 35.11
CA LEU G 182 18.39 2.03 35.62
C LEU G 182 19.39 2.20 36.77
N SER G 183 19.23 1.39 37.84
CA SER G 183 20.11 1.42 39.01
C SER G 183 20.97 0.15 39.04
N GLN G 184 22.20 0.24 39.61
CA GLN G 184 23.13 -0.90 39.69
C GLN G 184 22.57 -2.15 40.40
N ALA G 194 19.91 -8.32 36.50
CA ALA G 194 21.10 -7.64 37.03
C ALA G 194 21.69 -6.60 36.05
N VAL G 195 21.99 -5.41 36.59
CA VAL G 195 22.59 -4.27 35.89
C VAL G 195 23.89 -3.91 36.61
N THR G 196 25.02 -4.00 35.90
CA THR G 196 26.35 -3.71 36.45
C THR G 196 27.07 -2.68 35.60
N ILE G 197 27.80 -1.75 36.24
CA ILE G 197 28.53 -0.67 35.58
C ILE G 197 30.01 -0.64 35.94
N GLU G 198 30.89 -0.82 34.94
CA GLU G 198 32.35 -0.75 35.12
C GLU G 198 32.83 0.60 34.57
N MET G 199 32.44 1.68 35.26
CA MET G 199 32.72 3.08 34.90
C MET G 199 34.06 3.60 35.44
N ASN G 200 34.82 4.28 34.55
CA ASN G 200 36.09 4.94 34.86
C ASN G 200 35.84 6.43 34.93
N GLU G 201 35.17 6.99 33.91
CA GLU G 201 34.78 8.40 33.81
C GLU G 201 33.28 8.43 33.47
N PRO G 202 32.49 9.41 33.95
CA PRO G 202 31.08 9.47 33.52
C PRO G 202 31.00 9.87 32.05
N VAL G 203 30.07 9.26 31.29
CA VAL G 203 29.91 9.53 29.86
C VAL G 203 28.47 9.89 29.56
N GLN G 204 28.27 10.75 28.56
CA GLN G 204 26.99 11.18 28.04
C GLN G 204 27.16 11.25 26.56
N LEU G 205 26.44 10.35 25.83
CA LEU G 205 26.50 10.28 24.37
C LEU G 205 25.10 10.20 23.78
N THR G 206 24.95 10.71 22.55
CA THR G 206 23.69 10.69 21.82
C THR G 206 23.77 9.71 20.65
N PHE G 207 22.77 8.82 20.53
CA PHE G 207 22.73 7.86 19.43
C PHE G 207 21.37 7.76 18.75
N ALA G 208 21.36 7.43 17.44
CA ALA G 208 20.13 7.23 16.66
C ALA G 208 19.48 5.90 17.08
N LEU G 209 18.22 5.97 17.58
CA LEU G 209 17.47 4.79 18.01
C LEU G 209 17.22 3.83 16.87
N ARG G 210 17.07 4.35 15.64
CA ARG G 210 16.86 3.58 14.41
C ARG G 210 17.85 2.41 14.33
N TYR G 211 19.14 2.71 14.54
CA TYR G 211 20.24 1.75 14.50
C TYR G 211 20.27 0.86 15.70
N LEU G 212 20.03 1.41 16.90
CA LEU G 212 19.96 0.60 18.12
C LEU G 212 18.89 -0.50 18.03
N ASN G 213 17.74 -0.18 17.40
CA ASN G 213 16.65 -1.12 17.16
C ASN G 213 16.96 -2.22 16.14
N PHE G 214 17.99 -2.02 15.31
CA PHE G 214 18.45 -3.05 14.40
C PHE G 214 19.37 -3.99 15.19
N PHE G 215 20.19 -3.43 16.09
CA PHE G 215 21.12 -4.17 16.94
C PHE G 215 20.36 -5.11 17.86
N THR G 216 19.27 -4.61 18.46
CA THR G 216 18.42 -5.37 19.38
C THR G 216 17.73 -6.56 18.74
N LYS G 217 17.94 -6.75 17.41
CA LYS G 217 17.39 -7.90 16.71
C LYS G 217 18.23 -9.14 17.04
N ALA G 218 19.43 -8.92 17.64
CA ALA G 218 20.33 -9.96 18.12
C ALA G 218 19.93 -10.44 19.55
N THR G 219 18.83 -9.88 20.12
CA THR G 219 18.35 -10.22 21.45
C THR G 219 18.19 -11.74 21.71
N PRO G 220 17.62 -12.55 20.78
CA PRO G 220 17.49 -13.98 21.06
C PRO G 220 18.82 -14.73 21.24
N LEU G 221 19.94 -14.11 20.82
CA LEU G 221 21.27 -14.71 20.94
C LEU G 221 21.81 -14.74 22.36
N SER G 222 21.38 -13.80 23.22
CA SER G 222 21.89 -13.70 24.58
C SER G 222 20.87 -13.16 25.55
N SER G 223 20.94 -13.60 26.81
CA SER G 223 20.08 -13.14 27.89
C SER G 223 20.55 -11.78 28.38
N THR G 224 21.82 -11.42 28.09
CA THR G 224 22.45 -10.16 28.50
C THR G 224 23.11 -9.43 27.32
N VAL G 225 23.32 -8.12 27.49
CA VAL G 225 23.94 -7.23 26.51
C VAL G 225 24.92 -6.32 27.25
N THR G 226 25.99 -5.91 26.55
CA THR G 226 26.97 -4.99 27.13
C THR G 226 27.16 -3.78 26.23
N LEU G 227 27.11 -2.58 26.81
CA LEU G 227 27.28 -1.32 26.09
C LEU G 227 28.58 -0.63 26.53
N SER G 228 29.53 -0.51 25.61
CA SER G 228 30.80 0.12 25.90
C SER G 228 30.82 1.54 25.34
N MET G 229 31.03 2.53 26.23
CA MET G 229 31.02 3.94 25.85
C MET G 229 32.25 4.66 26.33
N SER G 230 32.79 5.49 25.44
CA SER G 230 33.88 6.42 25.64
C SER G 230 33.45 7.66 24.83
N ALA G 231 33.74 8.87 25.34
CA ALA G 231 33.34 10.11 24.68
C ALA G 231 33.98 10.30 23.31
N ASP G 232 33.21 10.90 22.36
CA ASP G 232 33.62 11.16 20.98
C ASP G 232 34.06 9.91 20.17
N VAL G 233 33.66 8.70 20.62
CA VAL G 233 33.98 7.46 19.92
C VAL G 233 32.70 6.62 19.73
N PRO G 234 32.64 5.69 18.75
CA PRO G 234 31.43 4.87 18.58
C PRO G 234 31.08 3.97 19.77
N LEU G 235 29.78 3.71 19.91
CA LEU G 235 29.23 2.83 20.94
C LEU G 235 29.47 1.38 20.51
N VAL G 236 29.60 0.48 21.48
CA VAL G 236 29.74 -0.95 21.23
C VAL G 236 28.64 -1.69 21.95
N VAL G 237 27.79 -2.38 21.20
CA VAL G 237 26.71 -3.17 21.75
C VAL G 237 27.11 -4.59 21.42
N GLU G 238 27.49 -5.38 22.46
CA GLU G 238 27.94 -6.75 22.26
C GLU G 238 26.97 -7.75 22.81
N TYR G 239 26.76 -8.81 22.01
CA TYR G 239 25.93 -9.96 22.33
C TYR G 239 26.84 -11.16 22.27
N LYS G 240 27.09 -11.79 23.43
CA LYS G 240 27.95 -12.98 23.47
C LYS G 240 27.09 -14.15 23.04
N ILE G 241 27.58 -14.93 22.07
CA ILE G 241 26.79 -16.03 21.56
C ILE G 241 26.63 -17.18 22.56
N ALA G 242 27.64 -18.05 22.77
CA ALA G 242 27.55 -19.17 23.74
C ALA G 242 28.93 -19.84 23.88
N ASP G 243 29.94 -19.03 24.31
CA ASP G 243 31.35 -19.40 24.45
C ASP G 243 31.93 -19.75 23.05
N MET G 244 31.06 -19.72 22.04
CA MET G 244 31.32 -19.96 20.63
C MET G 244 31.91 -18.69 20.03
N GLY G 245 31.37 -17.55 20.44
CA GLY G 245 31.83 -16.26 19.98
C GLY G 245 30.94 -15.13 20.44
N HIS G 246 30.77 -14.14 19.56
CA HIS G 246 29.97 -12.96 19.81
C HIS G 246 29.57 -12.28 18.53
N LEU G 247 28.76 -11.25 18.69
CA LEU G 247 28.28 -10.38 17.63
C LEU G 247 28.35 -8.96 18.22
N LYS G 248 29.18 -8.09 17.62
CA LYS G 248 29.38 -6.71 18.09
C LYS G 248 28.85 -5.71 17.11
N TYR G 249 28.17 -4.68 17.62
CA TYR G 249 27.62 -3.62 16.79
C TYR G 249 28.25 -2.29 17.20
N TYR G 250 28.84 -1.58 16.26
CA TYR G 250 29.43 -0.26 16.52
C TYR G 250 28.53 0.80 15.94
N LEU G 251 28.28 1.87 16.70
CA LEU G 251 27.41 2.95 16.24
C LEU G 251 28.09 4.28 16.42
N ALA G 252 28.28 5.02 15.33
CA ALA G 252 28.88 6.34 15.39
C ALA G 252 28.01 7.24 16.26
N PRO G 253 28.61 8.01 17.17
CA PRO G 253 27.79 8.91 18.00
C PRO G 253 27.27 10.10 17.20
N LYS G 254 26.23 10.75 17.71
CA LYS G 254 25.67 11.93 17.07
C LYS G 254 26.55 13.18 17.37
N ILE G 255 26.83 13.98 16.33
CA ILE G 255 27.65 15.21 16.42
C ILE G 255 26.98 16.19 17.40
N GLU G 256 27.66 16.53 18.53
CA GLU G 256 27.09 17.44 19.53
C GLU G 256 28.13 18.42 20.06
N LYS H 2 18.07 17.31 14.93
CA LYS H 2 19.00 18.39 15.24
C LYS H 2 20.43 17.96 14.88
N SER H 3 20.95 16.90 15.53
CA SER H 3 22.30 16.39 15.31
C SER H 3 22.39 15.37 14.17
N GLY H 4 23.52 15.41 13.47
CA GLY H 4 23.87 14.47 12.43
C GLY H 4 24.95 13.57 12.96
N MET H 5 25.46 12.65 12.14
CA MET H 5 26.52 11.71 12.54
C MET H 5 27.73 11.80 11.65
N LYS H 6 28.88 11.41 12.17
CA LYS H 6 30.09 11.34 11.39
C LYS H 6 30.13 9.89 10.90
N SER H 7 30.73 9.62 9.73
CA SER H 7 30.82 8.27 9.19
C SER H 7 31.63 7.36 10.10
N ILE H 8 31.26 6.07 10.18
CA ILE H 8 32.00 5.13 11.03
C ILE H 8 33.49 5.00 10.60
N ASP H 9 33.79 5.28 9.32
CA ASP H 9 35.12 5.34 8.71
C ASP H 9 36.00 6.39 9.40
N THR H 10 35.42 7.54 9.82
CA THR H 10 36.14 8.63 10.51
C THR H 10 36.76 8.15 11.83
N PHE H 11 36.20 7.09 12.41
CA PHE H 11 36.67 6.51 13.66
C PHE H 11 37.58 5.32 13.38
N PHE H 12 37.35 4.63 12.23
CA PHE H 12 38.11 3.45 11.76
C PHE H 12 38.58 3.65 10.31
N MET I 1 22.87 -15.44 -38.76
CA MET I 1 22.86 -14.03 -38.39
C MET I 1 21.53 -13.34 -38.77
N PHE I 2 20.84 -12.79 -37.75
CA PHE I 2 19.59 -12.07 -37.94
C PHE I 2 19.80 -10.60 -37.67
N GLU I 3 19.29 -9.76 -38.58
CA GLU I 3 19.39 -8.32 -38.46
C GLU I 3 18.20 -7.67 -39.12
N ALA I 4 17.37 -6.98 -38.32
CA ALA I 4 16.20 -6.26 -38.81
C ALA I 4 16.21 -4.83 -38.31
N ARG I 5 16.23 -3.87 -39.24
CA ARG I 5 16.22 -2.45 -38.93
C ARG I 5 14.83 -1.89 -39.17
N LEU I 6 14.30 -1.22 -38.15
CA LEU I 6 12.99 -0.60 -38.19
C LEU I 6 13.14 0.89 -37.92
N VAL I 7 12.82 1.72 -38.91
CA VAL I 7 12.95 3.19 -38.83
C VAL I 7 11.96 3.76 -37.79
N GLN I 8 10.77 3.15 -37.73
CA GLN I 8 9.77 3.54 -36.77
C GLN I 8 9.92 2.68 -35.50
N GLY I 9 10.81 3.13 -34.61
CA GLY I 9 11.08 2.47 -33.34
C GLY I 9 9.84 2.36 -32.48
N SER I 10 9.00 3.41 -32.50
CA SER I 10 7.74 3.51 -31.78
C SER I 10 6.91 2.24 -31.94
N ILE I 11 6.80 1.70 -33.18
CA ILE I 11 6.06 0.47 -33.50
C ILE I 11 6.41 -0.63 -32.54
N LEU I 12 7.71 -0.90 -32.37
CA LEU I 12 8.17 -1.95 -31.49
C LEU I 12 7.90 -1.64 -30.02
N LYS I 13 8.05 -0.35 -29.62
CA LYS I 13 7.78 0.11 -28.27
C LYS I 13 6.31 -0.17 -27.94
N LYS I 14 5.41 0.30 -28.82
CA LYS I 14 3.96 0.11 -28.75
C LYS I 14 3.55 -1.37 -28.76
N VAL I 15 4.21 -2.18 -29.61
CA VAL I 15 3.92 -3.61 -29.72
C VAL I 15 4.19 -4.27 -28.37
N LEU I 16 5.30 -3.93 -27.76
CA LEU I 16 5.68 -4.50 -26.50
C LEU I 16 4.84 -4.08 -25.29
N GLU I 17 4.31 -2.84 -25.31
CA GLU I 17 3.42 -2.34 -24.27
C GLU I 17 2.05 -3.01 -24.42
N ALA I 18 1.71 -3.42 -25.66
CA ALA I 18 0.46 -4.10 -26.00
C ALA I 18 0.47 -5.56 -25.56
N LEU I 19 1.66 -6.16 -25.44
CA LEU I 19 1.87 -7.55 -25.08
C LEU I 19 2.17 -7.81 -23.61
N LYS I 20 3.14 -7.07 -23.03
CA LYS I 20 3.64 -7.23 -21.65
C LYS I 20 2.55 -7.43 -20.56
N ASP I 21 1.38 -6.79 -20.71
CA ASP I 21 0.32 -6.87 -19.69
C ASP I 21 -0.52 -8.15 -19.76
N LEU I 22 -0.46 -8.84 -20.90
CA LEU I 22 -1.18 -10.09 -21.18
C LEU I 22 -0.28 -11.31 -20.96
N ILE I 23 0.95 -11.27 -21.51
CA ILE I 23 1.92 -12.36 -21.43
C ILE I 23 3.25 -11.85 -20.88
N ASN I 24 3.96 -12.65 -20.08
CA ASN I 24 5.25 -12.26 -19.49
C ASN I 24 6.43 -12.84 -20.25
N GLU I 25 6.23 -14.01 -20.88
CA GLU I 25 7.21 -14.72 -21.67
C GLU I 25 6.57 -15.24 -22.93
N ALA I 26 7.19 -14.95 -24.07
CA ALA I 26 6.74 -15.41 -25.38
C ALA I 26 7.90 -15.69 -26.29
N CYS I 27 7.72 -16.65 -27.17
CA CYS I 27 8.74 -17.03 -28.12
C CYS I 27 8.60 -16.22 -29.41
N TRP I 28 9.70 -15.56 -29.80
CA TRP I 28 9.79 -14.74 -31.01
C TRP I 28 10.37 -15.57 -32.12
N ASP I 29 9.51 -15.99 -33.05
CA ASP I 29 9.89 -16.80 -34.19
C ASP I 29 10.30 -15.92 -35.35
N ILE I 30 11.59 -15.97 -35.69
CA ILE I 30 12.19 -15.19 -36.78
C ILE I 30 12.43 -16.08 -37.98
N SER I 31 12.03 -15.61 -39.16
CA SER I 31 12.23 -16.31 -40.42
C SER I 31 12.40 -15.32 -41.55
N SER I 32 12.88 -15.78 -42.70
CA SER I 32 13.10 -14.97 -43.91
C SER I 32 11.87 -14.12 -44.28
N SER I 33 10.68 -14.58 -43.86
CA SER I 33 9.38 -13.94 -44.08
C SER I 33 9.14 -12.77 -43.13
N GLY I 34 9.64 -12.89 -41.91
CA GLY I 34 9.48 -11.88 -40.88
C GLY I 34 9.39 -12.43 -39.46
N VAL I 35 8.92 -11.57 -38.53
CA VAL I 35 8.77 -11.86 -37.10
C VAL I 35 7.36 -12.37 -36.81
N ASN I 36 7.29 -13.48 -36.06
CA ASN I 36 6.03 -14.09 -35.67
C ASN I 36 6.05 -14.41 -34.19
N LEU I 37 4.91 -14.16 -33.51
CA LEU I 37 4.76 -14.46 -32.10
C LEU I 37 3.36 -15.01 -31.87
N GLN I 38 3.28 -16.15 -31.19
CA GLN I 38 2.00 -16.77 -30.86
C GLN I 38 2.09 -17.41 -29.48
N SER I 39 1.40 -16.80 -28.52
CA SER I 39 1.42 -17.21 -27.12
C SER I 39 0.04 -17.05 -26.49
N MET I 40 -0.32 -17.97 -25.58
CA MET I 40 -1.58 -17.87 -24.85
C MET I 40 -1.25 -17.29 -23.47
N ASP I 41 -2.23 -16.68 -22.79
CA ASP I 41 -1.99 -16.08 -21.49
C ASP I 41 -1.95 -17.12 -20.34
N SER I 42 -1.47 -16.67 -19.16
CA SER I 42 -1.33 -17.42 -17.91
C SER I 42 -2.62 -18.11 -17.46
N SER I 43 -3.79 -17.51 -17.78
CA SER I 43 -5.11 -18.05 -17.45
C SER I 43 -5.69 -18.98 -18.51
N HIS I 44 -4.93 -19.23 -19.61
CA HIS I 44 -5.27 -20.14 -20.71
C HIS I 44 -6.63 -19.85 -21.29
N VAL I 45 -6.92 -18.56 -21.48
CA VAL I 45 -8.23 -18.09 -21.89
C VAL I 45 -8.20 -17.17 -23.12
N SER I 46 -7.04 -16.52 -23.37
CA SER I 46 -6.81 -15.65 -24.52
C SER I 46 -5.52 -16.03 -25.20
N LEU I 47 -5.41 -15.70 -26.49
CA LEU I 47 -4.23 -15.96 -27.31
C LEU I 47 -3.82 -14.70 -28.10
N VAL I 48 -2.49 -14.43 -28.15
CA VAL I 48 -1.92 -13.32 -28.94
C VAL I 48 -1.20 -13.86 -30.17
N GLN I 49 -1.36 -13.18 -31.29
CA GLN I 49 -0.68 -13.53 -32.52
C GLN I 49 -0.11 -12.24 -33.14
N LEU I 50 1.22 -12.12 -33.17
CA LEU I 50 1.89 -10.97 -33.77
C LEU I 50 2.55 -11.39 -35.07
N THR I 51 2.42 -10.53 -36.09
CA THR I 51 3.05 -10.73 -37.40
C THR I 51 3.66 -9.42 -37.86
N LEU I 52 4.97 -9.39 -38.04
CA LEU I 52 5.69 -8.24 -38.57
C LEU I 52 6.40 -8.73 -39.83
N ARG I 53 5.83 -8.43 -41.01
CA ARG I 53 6.40 -8.85 -42.30
C ARG I 53 7.72 -8.16 -42.56
N SER I 54 8.71 -8.94 -43.05
CA SER I 54 10.07 -8.46 -43.37
C SER I 54 10.06 -7.22 -44.25
N GLU I 55 9.06 -7.13 -45.14
CA GLU I 55 8.84 -6.02 -46.07
C GLU I 55 8.56 -4.72 -45.33
N GLY I 56 8.18 -4.85 -44.06
CA GLY I 56 7.89 -3.70 -43.21
C GLY I 56 9.14 -3.06 -42.60
N PHE I 57 10.29 -3.76 -42.68
CA PHE I 57 11.54 -3.28 -42.12
C PHE I 57 12.40 -2.68 -43.22
N ASP I 58 13.17 -1.63 -42.87
CA ASP I 58 14.09 -0.99 -43.80
C ASP I 58 15.19 -1.99 -44.22
N THR I 59 15.71 -2.73 -43.22
CA THR I 59 16.72 -3.75 -43.44
C THR I 59 16.22 -5.03 -42.77
N TYR I 60 16.34 -6.16 -43.48
CA TYR I 60 15.93 -7.45 -42.96
C TYR I 60 16.82 -8.54 -43.52
N ARG I 61 17.47 -9.27 -42.64
CA ARG I 61 18.35 -10.39 -42.95
C ARG I 61 18.10 -11.50 -41.92
N CYS I 62 17.95 -12.74 -42.39
CA CYS I 62 17.73 -13.89 -41.52
C CYS I 62 18.32 -15.11 -42.20
N ASP I 63 19.59 -15.43 -41.84
CA ASP I 63 20.34 -16.56 -42.36
C ASP I 63 19.65 -17.85 -41.90
N ARG I 64 19.55 -18.05 -40.58
CA ARG I 64 18.88 -19.21 -39.99
C ARG I 64 17.68 -18.76 -39.17
N ASN I 65 16.61 -19.56 -39.21
CA ASN I 65 15.35 -19.34 -38.50
C ASN I 65 15.57 -19.49 -37.00
N LEU I 66 15.18 -18.45 -36.24
CA LEU I 66 15.35 -18.39 -34.78
C LEU I 66 14.05 -18.45 -34.03
N ALA I 67 14.10 -19.03 -32.84
CA ALA I 67 12.98 -19.11 -31.91
C ALA I 67 13.53 -18.64 -30.58
N MET I 68 13.41 -17.34 -30.31
CA MET I 68 13.96 -16.74 -29.10
C MET I 68 12.96 -16.61 -27.96
N GLY I 69 13.28 -17.25 -26.85
CA GLY I 69 12.48 -17.19 -25.63
C GLY I 69 12.77 -15.87 -24.95
N VAL I 70 11.80 -14.98 -24.99
CA VAL I 70 11.96 -13.63 -24.46
C VAL I 70 11.07 -13.40 -23.26
N ASN I 71 11.60 -12.69 -22.25
CA ASN I 71 10.83 -12.23 -21.11
C ASN I 71 10.34 -10.85 -21.55
N LEU I 72 9.04 -10.75 -21.85
CA LEU I 72 8.40 -9.53 -22.35
C LEU I 72 8.51 -8.34 -21.46
N THR I 73 8.64 -8.56 -20.17
CA THR I 73 8.80 -7.48 -19.19
C THR I 73 10.19 -6.84 -19.36
N SER I 74 11.24 -7.67 -19.46
CA SER I 74 12.63 -7.26 -19.64
C SER I 74 12.78 -6.55 -20.97
N MET I 75 12.14 -7.08 -22.02
CA MET I 75 12.22 -6.49 -23.34
C MET I 75 11.56 -5.14 -23.34
N SER I 76 10.48 -5.02 -22.55
CA SER I 76 9.74 -3.78 -22.44
C SER I 76 10.57 -2.69 -21.76
N LYS I 77 11.25 -3.07 -20.66
CA LYS I 77 12.15 -2.18 -19.90
C LYS I 77 13.24 -1.66 -20.83
N ILE I 78 13.83 -2.55 -21.65
CA ILE I 78 14.85 -2.22 -22.63
C ILE I 78 14.27 -1.26 -23.68
N LEU I 79 13.08 -1.56 -24.18
CA LEU I 79 12.47 -0.71 -25.20
C LEU I 79 12.08 0.65 -24.67
N LYS I 80 11.80 0.76 -23.37
CA LYS I 80 11.49 2.03 -22.69
C LYS I 80 12.71 2.95 -22.76
N CYS I 81 13.92 2.38 -22.93
CA CYS I 81 15.19 3.12 -23.05
C CYS I 81 15.32 3.71 -24.45
N ALA I 82 14.42 3.36 -25.37
CA ALA I 82 14.43 3.88 -26.73
C ALA I 82 13.53 5.10 -26.82
N GLY I 83 14.04 6.17 -27.43
CA GLY I 83 13.29 7.40 -27.66
C GLY I 83 12.21 7.19 -28.70
N ASN I 84 11.10 7.92 -28.59
CA ASN I 84 9.92 7.80 -29.47
C ASN I 84 10.18 8.01 -30.99
N GLU I 85 11.33 8.63 -31.34
CA GLU I 85 11.78 8.89 -32.71
C GLU I 85 12.94 7.96 -33.18
N ASP I 86 13.54 7.15 -32.26
CA ASP I 86 14.68 6.27 -32.54
C ASP I 86 14.46 5.23 -33.64
N ILE I 87 15.55 4.86 -34.31
CA ILE I 87 15.56 3.79 -35.30
C ILE I 87 16.06 2.58 -34.54
N ILE I 88 15.24 1.54 -34.47
CA ILE I 88 15.61 0.34 -33.74
C ILE I 88 16.13 -0.76 -34.64
N THR I 89 17.28 -1.34 -34.27
CA THR I 89 17.89 -2.48 -34.96
C THR I 89 17.88 -3.70 -34.02
N LEU I 90 17.39 -4.83 -34.53
CA LEU I 90 17.39 -6.11 -33.80
C LEU I 90 18.43 -6.99 -34.47
N ARG I 91 19.32 -7.56 -33.66
CA ARG I 91 20.40 -8.39 -34.18
C ARG I 91 20.62 -9.58 -33.28
N ALA I 92 20.55 -10.78 -33.84
CA ALA I 92 20.73 -12.01 -33.09
C ALA I 92 21.53 -13.04 -33.87
N GLU I 93 22.24 -13.92 -33.13
CA GLU I 93 23.03 -15.00 -33.73
C GLU I 93 22.53 -16.36 -33.20
N ASP I 94 22.66 -17.44 -34.01
CA ASP I 94 22.22 -18.77 -33.60
C ASP I 94 23.29 -19.49 -32.78
N ASP I 97 21.93 -17.04 -27.95
CA ASP I 97 22.29 -16.86 -26.54
C ASP I 97 21.59 -15.62 -25.92
N THR I 98 21.67 -14.47 -26.65
CA THR I 98 21.12 -13.17 -26.31
C THR I 98 20.50 -12.52 -27.55
N LEU I 99 19.69 -11.46 -27.34
CA LEU I 99 19.12 -10.62 -28.39
C LEU I 99 19.69 -9.21 -28.20
N ALA I 100 20.22 -8.63 -29.29
CA ALA I 100 20.80 -7.30 -29.26
C ALA I 100 19.86 -6.28 -29.88
N LEU I 101 19.59 -5.20 -29.15
CA LEU I 101 18.75 -4.09 -29.56
C LEU I 101 19.62 -2.84 -29.65
N VAL I 102 19.69 -2.20 -30.82
CA VAL I 102 20.49 -0.99 -31.02
C VAL I 102 19.60 0.19 -31.33
N PHE I 103 19.71 1.23 -30.51
CA PHE I 103 18.88 2.42 -30.66
C PHE I 103 19.68 3.54 -31.25
N GLU I 104 19.39 3.86 -32.49
CA GLU I 104 20.02 4.98 -33.18
C GLU I 104 19.09 6.16 -33.03
N ALA I 105 19.59 7.20 -32.32
CA ALA I 105 18.85 8.41 -32.06
C ALA I 105 19.02 9.37 -33.25
N PRO I 106 17.89 9.87 -33.81
CA PRO I 106 17.98 10.78 -34.97
C PRO I 106 18.46 12.22 -34.64
N ASN I 107 17.84 12.85 -33.61
CA ASN I 107 18.10 14.23 -33.16
C ASN I 107 19.33 14.40 -32.22
N GLN I 108 20.28 13.42 -32.21
CA GLN I 108 21.50 13.43 -31.37
C GLN I 108 22.58 12.44 -31.83
N GLU I 109 23.82 12.64 -31.32
CA GLU I 109 24.98 11.78 -31.58
C GLU I 109 25.10 10.66 -30.49
N LYS I 110 23.93 10.11 -30.08
CA LYS I 110 23.78 9.06 -29.06
C LYS I 110 23.49 7.72 -29.73
N VAL I 111 24.21 6.68 -29.32
CA VAL I 111 23.98 5.30 -29.77
C VAL I 111 23.85 4.37 -28.55
N SER I 112 22.66 3.80 -28.39
CA SER I 112 22.34 2.87 -27.32
C SER I 112 22.41 1.45 -27.86
N ASP I 113 23.05 0.56 -27.10
CA ASP I 113 23.21 -0.84 -27.44
C ASP I 113 22.92 -1.72 -26.21
N TYR I 114 21.82 -2.48 -26.28
CA TYR I 114 21.36 -3.35 -25.21
C TYR I 114 21.42 -4.79 -25.63
N GLU I 115 21.87 -5.65 -24.72
CA GLU I 115 22.01 -7.08 -24.93
C GLU I 115 21.10 -7.75 -23.92
N MET I 116 19.99 -8.29 -24.40
CA MET I 116 19.00 -8.94 -23.56
C MET I 116 19.21 -10.46 -23.52
N LYS I 117 19.33 -11.01 -22.31
CA LYS I 117 19.46 -12.46 -22.08
C LYS I 117 18.18 -13.14 -22.52
N LEU I 118 18.30 -14.23 -23.27
CA LEU I 118 17.14 -15.01 -23.69
C LEU I 118 16.96 -16.16 -22.72
N MET I 119 15.86 -16.92 -22.85
CA MET I 119 15.56 -18.08 -22.01
C MET I 119 14.96 -19.22 -22.84
N ASP I 120 14.98 -20.46 -22.31
CA ASP I 120 14.37 -21.58 -23.02
C ASP I 120 12.91 -21.71 -22.61
N LEU I 121 11.98 -21.52 -23.58
CA LEU I 121 10.54 -21.59 -23.34
C LEU I 121 9.84 -22.86 -23.82
N ASP I 122 9.51 -23.75 -22.88
CA ASP I 122 8.75 -24.96 -23.17
C ASP I 122 7.28 -24.65 -22.83
N VAL I 123 6.58 -23.99 -23.77
CA VAL I 123 5.18 -23.62 -23.57
C VAL I 123 4.27 -24.35 -24.59
N GLU I 124 2.94 -24.25 -24.39
CA GLU I 124 1.93 -24.85 -25.26
C GLU I 124 1.77 -24.07 -26.57
N GLN I 125 2.10 -24.74 -27.69
CA GLN I 125 1.98 -24.21 -29.03
C GLN I 125 0.59 -24.58 -29.58
N LEU I 126 -0.21 -23.56 -29.95
CA LEU I 126 -1.57 -23.75 -30.49
C LEU I 126 -1.67 -23.15 -31.88
N GLY I 127 -2.33 -23.87 -32.79
CA GLY I 127 -2.54 -23.45 -34.17
C GLY I 127 -3.94 -22.97 -34.44
N ILE I 128 -4.05 -21.75 -35.01
CA ILE I 128 -5.34 -21.13 -35.31
C ILE I 128 -5.73 -21.19 -36.79
N PRO I 129 -6.72 -22.03 -37.17
CA PRO I 129 -7.14 -22.03 -38.58
C PRO I 129 -7.96 -20.77 -38.91
N GLU I 130 -7.53 -20.04 -39.97
CA GLU I 130 -8.23 -18.83 -40.40
C GLU I 130 -9.56 -19.25 -41.03
N GLN I 131 -10.64 -19.10 -40.25
CA GLN I 131 -12.00 -19.43 -40.64
C GLN I 131 -12.80 -18.17 -40.99
N GLU I 132 -14.08 -18.34 -41.34
CA GLU I 132 -14.97 -17.24 -41.69
C GLU I 132 -15.94 -16.96 -40.54
N TYR I 133 -16.14 -15.67 -40.21
CA TYR I 133 -16.99 -15.24 -39.10
C TYR I 133 -18.36 -14.72 -39.53
N SER I 134 -19.37 -14.99 -38.69
CA SER I 134 -20.76 -14.56 -38.89
C SER I 134 -20.90 -13.04 -38.88
N CYS I 135 -19.98 -12.34 -38.16
CA CYS I 135 -19.97 -10.89 -38.01
C CYS I 135 -18.55 -10.38 -37.98
N VAL I 136 -18.30 -9.28 -38.69
CA VAL I 136 -17.02 -8.59 -38.70
C VAL I 136 -17.27 -7.09 -38.54
N VAL I 137 -16.96 -6.54 -37.35
CA VAL I 137 -17.15 -5.12 -37.06
C VAL I 137 -15.83 -4.36 -37.19
N LYS I 138 -15.80 -3.29 -37.99
CA LYS I 138 -14.63 -2.42 -38.10
C LYS I 138 -15.04 -1.11 -37.47
N MET I 139 -14.26 -0.61 -36.51
CA MET I 139 -14.60 0.63 -35.83
C MET I 139 -13.35 1.39 -35.32
N PRO I 140 -13.46 2.70 -34.93
CA PRO I 140 -12.27 3.39 -34.37
C PRO I 140 -11.80 2.74 -33.08
N SER I 141 -10.50 2.42 -33.02
CA SER I 141 -9.86 1.74 -31.90
C SER I 141 -10.08 2.45 -30.56
N GLY I 142 -10.11 3.78 -30.60
CA GLY I 142 -10.34 4.64 -29.45
C GLY I 142 -11.75 4.47 -28.92
N GLU I 143 -12.74 4.44 -29.84
CA GLU I 143 -14.15 4.23 -29.53
C GLU I 143 -14.27 2.90 -28.77
N PHE I 144 -13.65 1.83 -29.32
CA PHE I 144 -13.65 0.50 -28.73
C PHE I 144 -13.02 0.48 -27.32
N ALA I 145 -11.85 1.13 -27.16
CA ALA I 145 -11.14 1.19 -25.91
C ALA I 145 -11.96 1.93 -24.84
N ARG I 146 -12.69 2.98 -25.27
CA ARG I 146 -13.56 3.75 -24.39
C ARG I 146 -14.72 2.85 -23.98
N ILE I 147 -15.38 2.17 -24.94
CA ILE I 147 -16.49 1.25 -24.66
C ILE I 147 -16.11 0.23 -23.58
N CYS I 148 -15.00 -0.50 -23.79
CA CYS I 148 -14.48 -1.51 -22.86
C CYS I 148 -14.18 -0.98 -21.49
N ARG I 149 -13.59 0.22 -21.42
CA ARG I 149 -13.26 0.88 -20.16
C ARG I 149 -14.53 1.26 -19.42
N ASP I 150 -15.48 1.86 -20.16
CA ASP I 150 -16.76 2.29 -19.64
C ASP I 150 -17.55 1.16 -19.03
N LEU I 151 -17.83 0.13 -19.81
CA LEU I 151 -18.59 -1.02 -19.34
C LEU I 151 -17.96 -1.77 -18.17
N SER I 152 -16.62 -1.63 -17.99
CA SER I 152 -15.84 -2.19 -16.87
C SER I 152 -16.30 -1.62 -15.55
N HIS I 153 -16.79 -0.36 -15.57
CA HIS I 153 -17.32 0.36 -14.42
C HIS I 153 -18.66 -0.18 -14.03
N ILE I 154 -19.31 -0.86 -14.96
CA ILE I 154 -20.64 -1.40 -14.75
C ILE I 154 -20.59 -2.87 -14.38
N GLY I 155 -19.83 -3.66 -15.12
CA GLY I 155 -19.77 -5.09 -14.89
C GLY I 155 -18.46 -5.73 -15.30
N ASP I 156 -18.44 -7.06 -15.26
CA ASP I 156 -17.26 -7.87 -15.55
C ASP I 156 -17.24 -8.42 -16.95
N ALA I 157 -18.43 -8.75 -17.48
CA ALA I 157 -18.64 -9.29 -18.82
C ALA I 157 -19.40 -8.34 -19.74
N VAL I 158 -19.15 -8.47 -21.06
CA VAL I 158 -19.80 -7.67 -22.09
C VAL I 158 -20.55 -8.57 -23.06
N VAL I 159 -21.81 -8.20 -23.34
CA VAL I 159 -22.62 -8.95 -24.28
C VAL I 159 -22.60 -8.21 -25.58
N ILE I 160 -21.82 -8.73 -26.52
CA ILE I 160 -21.73 -8.11 -27.84
C ILE I 160 -22.81 -8.71 -28.73
N SER I 161 -23.78 -7.88 -29.15
CA SER I 161 -24.88 -8.25 -30.05
C SER I 161 -24.63 -7.56 -31.36
N CYS I 162 -24.45 -8.35 -32.39
CA CYS I 162 -24.20 -7.82 -33.70
C CYS I 162 -25.38 -8.15 -34.62
N ALA I 163 -25.93 -7.11 -35.26
CA ALA I 163 -27.06 -7.21 -36.19
C ALA I 163 -26.79 -6.34 -37.44
N LYS I 164 -27.76 -6.26 -38.37
CA LYS I 164 -27.65 -5.47 -39.61
C LYS I 164 -27.57 -3.96 -39.35
N ASP I 165 -28.41 -3.45 -38.41
CA ASP I 165 -28.50 -2.03 -37.99
C ASP I 165 -27.17 -1.49 -37.46
N GLY I 166 -26.71 -2.12 -36.40
CA GLY I 166 -25.46 -1.76 -35.76
C GLY I 166 -25.03 -2.84 -34.82
N VAL I 167 -24.15 -2.48 -33.90
CA VAL I 167 -23.63 -3.40 -32.88
C VAL I 167 -23.99 -2.85 -31.49
N LYS I 168 -24.19 -3.75 -30.54
CA LYS I 168 -24.53 -3.35 -29.18
C LYS I 168 -23.63 -4.04 -28.16
N PHE I 169 -23.12 -3.26 -27.21
CA PHE I 169 -22.29 -3.76 -26.13
C PHE I 169 -23.04 -3.48 -24.86
N SER I 170 -23.22 -4.51 -24.03
CA SER I 170 -23.95 -4.34 -22.77
C SER I 170 -23.23 -4.99 -21.59
N ALA I 171 -23.40 -4.42 -20.40
CA ALA I 171 -22.85 -4.95 -19.15
C ALA I 171 -23.84 -4.74 -18.01
N SER I 172 -23.77 -5.59 -16.97
CA SER I 172 -24.64 -5.56 -15.80
C SER I 172 -23.79 -5.78 -14.56
N GLY I 173 -24.19 -5.12 -13.48
CA GLY I 173 -23.50 -5.21 -12.21
C GLY I 173 -24.38 -4.81 -11.06
N GLU I 174 -23.74 -4.61 -9.92
CA GLU I 174 -24.44 -4.26 -8.70
C GLU I 174 -25.04 -2.86 -8.76
N LEU I 175 -24.44 -1.94 -9.57
CA LEU I 175 -24.96 -0.56 -9.67
C LEU I 175 -26.14 -0.38 -10.61
N GLY I 176 -26.28 -1.32 -11.53
CA GLY I 176 -27.29 -1.35 -12.56
C GLY I 176 -26.73 -1.94 -13.84
N ASN I 177 -27.24 -1.52 -14.99
CA ASN I 177 -26.79 -2.02 -16.29
C ASN I 177 -26.52 -0.91 -17.31
N GLY I 178 -25.67 -1.24 -18.27
CA GLY I 178 -25.23 -0.32 -19.31
C GLY I 178 -25.41 -0.86 -20.70
N ASN I 179 -25.66 0.04 -21.64
CA ASN I 179 -25.93 -0.33 -23.01
C ASN I 179 -25.33 0.68 -23.99
N ILE I 180 -24.37 0.25 -24.80
CA ILE I 180 -23.79 1.15 -25.81
C ILE I 180 -24.13 0.65 -27.20
N LYS I 181 -24.93 1.44 -27.91
CA LYS I 181 -25.39 1.12 -29.25
C LYS I 181 -24.71 1.96 -30.34
N LEU I 182 -23.94 1.26 -31.20
CA LEU I 182 -23.24 1.86 -32.35
C LEU I 182 -24.03 1.59 -33.64
N SER I 183 -24.10 2.60 -34.52
CA SER I 183 -24.83 2.49 -35.79
C SER I 183 -23.83 2.48 -36.96
N GLN I 184 -24.17 1.80 -38.08
CA GLN I 184 -23.31 1.70 -39.27
C GLN I 184 -22.86 3.04 -39.86
N ALA I 194 -15.85 6.09 -38.53
CA ALA I 194 -16.60 5.14 -39.34
C ALA I 194 -16.73 3.76 -38.68
N VAL I 195 -17.97 3.22 -38.69
CA VAL I 195 -18.33 1.91 -38.16
C VAL I 195 -18.98 1.11 -39.30
N THR I 196 -18.37 -0.03 -39.67
CA THR I 196 -18.84 -0.89 -40.75
C THR I 196 -19.03 -2.33 -40.26
N ILE I 197 -20.10 -3.00 -40.74
CA ILE I 197 -20.44 -4.37 -40.33
C ILE I 197 -20.59 -5.31 -41.51
N GLU I 198 -19.75 -6.36 -41.58
CA GLU I 198 -19.82 -7.39 -42.62
C GLU I 198 -20.44 -8.65 -42.01
N MET I 199 -21.73 -8.53 -41.66
CA MET I 199 -22.53 -9.59 -41.02
C MET I 199 -23.19 -10.58 -42.01
N ASN I 200 -23.07 -11.88 -41.69
CA ASN I 200 -23.66 -13.00 -42.43
C ASN I 200 -24.87 -13.49 -41.64
N GLU I 201 -24.68 -13.74 -40.33
CA GLU I 201 -25.71 -14.16 -39.39
C GLU I 201 -25.62 -13.24 -38.17
N PRO I 202 -26.73 -12.89 -37.48
CA PRO I 202 -26.59 -12.08 -36.27
C PRO I 202 -25.95 -12.91 -35.16
N VAL I 203 -25.05 -12.30 -34.36
CA VAL I 203 -24.35 -13.00 -33.28
C VAL I 203 -24.54 -12.25 -31.97
N GLN I 204 -24.54 -13.00 -30.87
CA GLN I 204 -24.62 -12.50 -29.52
C GLN I 204 -23.69 -13.36 -28.71
N LEU I 205 -22.60 -12.76 -28.20
CA LEU I 205 -21.58 -13.45 -27.40
C LEU I 205 -21.24 -12.67 -26.15
N THR I 206 -20.82 -13.39 -25.10
CA THR I 206 -20.43 -12.81 -23.82
C THR I 206 -18.92 -12.95 -23.61
N PHE I 207 -18.24 -11.83 -23.27
CA PHE I 207 -16.80 -11.85 -23.02
C PHE I 207 -16.38 -11.12 -21.75
N ALA I 208 -15.28 -11.59 -21.11
CA ALA I 208 -14.71 -10.93 -19.92
C ALA I 208 -14.03 -9.62 -20.33
N LEU I 209 -14.50 -8.49 -19.76
CA LEU I 209 -13.95 -7.16 -20.02
C LEU I 209 -12.50 -7.05 -19.60
N ARG I 210 -12.11 -7.77 -18.55
CA ARG I 210 -10.73 -7.82 -18.02
C ARG I 210 -9.73 -8.03 -19.16
N TYR I 211 -9.99 -9.02 -20.02
CA TYR I 211 -9.15 -9.38 -21.15
C TYR I 211 -9.27 -8.41 -22.28
N LEU I 212 -10.48 -7.92 -22.58
CA LEU I 212 -10.68 -6.90 -23.62
C LEU I 212 -9.87 -5.64 -23.33
N ASN I 213 -9.78 -5.24 -22.05
CA ASN I 213 -9.00 -4.10 -21.60
C ASN I 213 -7.48 -4.28 -21.69
N PHE I 214 -7.01 -5.52 -21.81
CA PHE I 214 -5.60 -5.81 -22.05
C PHE I 214 -5.35 -5.65 -23.54
N PHE I 215 -6.31 -6.10 -24.37
CA PHE I 215 -6.23 -6.03 -25.83
C PHE I 215 -6.17 -4.58 -26.28
N THR I 216 -7.03 -3.73 -25.69
CA THR I 216 -7.11 -2.29 -26.01
C THR I 216 -5.84 -1.53 -25.69
N LYS I 217 -4.82 -2.21 -25.14
CA LYS I 217 -3.53 -1.59 -24.88
C LYS I 217 -2.75 -1.46 -26.18
N ALA I 218 -3.22 -2.16 -27.24
CA ALA I 218 -2.69 -2.10 -28.59
C ALA I 218 -3.28 -0.90 -29.38
N THR I 219 -4.14 -0.09 -28.73
CA THR I 219 -4.81 1.06 -29.34
C THR I 219 -3.84 2.03 -30.08
N PRO I 220 -2.65 2.40 -29.52
CA PRO I 220 -1.77 3.32 -30.24
C PRO I 220 -1.23 2.77 -31.57
N LEU I 221 -1.36 1.46 -31.80
CA LEU I 221 -0.88 0.82 -33.02
C LEU I 221 -1.75 1.11 -34.24
N SER I 222 -3.05 1.38 -34.02
CA SER I 222 -3.98 1.60 -35.13
C SER I 222 -5.09 2.54 -34.77
N SER I 223 -5.56 3.32 -35.77
CA SER I 223 -6.68 4.24 -35.62
C SER I 223 -7.99 3.47 -35.61
N THR I 224 -7.98 2.22 -36.14
CA THR I 224 -9.14 1.34 -36.24
C THR I 224 -8.88 -0.05 -35.64
N VAL I 225 -9.95 -0.76 -35.31
CA VAL I 225 -9.95 -2.11 -34.75
C VAL I 225 -11.05 -2.92 -35.44
N THR I 226 -10.84 -4.24 -35.56
CA THR I 226 -11.83 -5.14 -36.16
C THR I 226 -12.15 -6.28 -35.21
N LEU I 227 -13.44 -6.55 -34.99
CA LEU I 227 -13.91 -7.63 -34.11
C LEU I 227 -14.62 -8.70 -34.93
N SER I 228 -14.04 -9.90 -34.95
CA SER I 228 -14.61 -11.01 -35.71
C SER I 228 -15.31 -11.97 -34.76
N MET I 229 -16.61 -12.18 -34.98
CA MET I 229 -17.43 -13.04 -34.13
C MET I 229 -18.20 -14.07 -34.91
N SER I 230 -18.21 -15.29 -34.37
CA SER I 230 -18.97 -16.45 -34.82
C SER I 230 -19.40 -17.12 -33.51
N ALA I 231 -20.61 -17.65 -33.45
CA ALA I 231 -21.15 -18.28 -32.24
C ALA I 231 -20.34 -19.49 -31.77
N ASP I 232 -20.23 -19.66 -30.44
CA ASP I 232 -19.49 -20.74 -29.76
C ASP I 232 -17.99 -20.85 -30.14
N VAL I 233 -17.40 -19.76 -30.67
CA VAL I 233 -15.98 -19.71 -31.04
C VAL I 233 -15.32 -18.45 -30.43
N PRO I 234 -13.97 -18.43 -30.23
CA PRO I 234 -13.34 -17.22 -29.67
C PRO I 234 -13.46 -15.97 -30.54
N LEU I 235 -13.44 -14.82 -29.86
CA LEU I 235 -13.51 -13.50 -30.51
C LEU I 235 -12.13 -13.17 -31.05
N VAL I 236 -12.09 -12.38 -32.14
CA VAL I 236 -10.82 -11.90 -32.71
C VAL I 236 -10.83 -10.39 -32.73
N VAL I 237 -9.87 -9.80 -32.03
CA VAL I 237 -9.72 -8.35 -31.98
C VAL I 237 -8.40 -8.11 -32.68
N GLU I 238 -8.46 -7.53 -33.89
CA GLU I 238 -7.27 -7.30 -34.70
C GLU I 238 -6.94 -5.84 -34.83
N TYR I 239 -5.64 -5.54 -34.69
CA TYR I 239 -5.04 -4.23 -34.83
C TYR I 239 -4.04 -4.35 -35.97
N LYS I 240 -4.31 -3.68 -37.10
CA LYS I 240 -3.37 -3.72 -38.24
C LYS I 240 -2.27 -2.73 -37.92
N ILE I 241 -1.02 -3.17 -38.03
CA ILE I 241 0.09 -2.30 -37.70
C ILE I 241 0.29 -1.15 -38.70
N ALA I 242 0.87 -1.38 -39.89
CA ALA I 242 1.08 -0.31 -40.89
C ALA I 242 1.61 -0.93 -42.21
N ASP I 243 0.78 -1.84 -42.79
CA ASP I 243 1.10 -2.64 -44.00
C ASP I 243 2.29 -3.58 -43.72
N MET I 244 2.86 -3.43 -42.52
CA MET I 244 3.96 -4.19 -41.98
C MET I 244 3.44 -5.51 -41.46
N GLY I 245 2.27 -5.47 -40.82
CA GLY I 245 1.64 -6.66 -40.29
C GLY I 245 0.44 -6.32 -39.44
N HIS I 246 0.26 -7.08 -38.35
CA HIS I 246 -0.85 -6.94 -37.43
C HIS I 246 -0.56 -7.59 -36.10
N LEU I 247 -1.49 -7.42 -35.18
CA LEU I 247 -1.49 -7.98 -33.85
C LEU I 247 -2.94 -8.44 -33.61
N LYS I 248 -3.13 -9.75 -33.41
CA LYS I 248 -4.47 -10.34 -33.21
C LYS I 248 -4.61 -10.90 -31.81
N TYR I 249 -5.76 -10.64 -31.19
CA TYR I 249 -6.06 -11.15 -29.87
C TYR I 249 -7.29 -12.05 -29.93
N TYR I 250 -7.16 -13.28 -29.46
CA TYR I 250 -8.29 -14.22 -29.41
C TYR I 250 -8.77 -14.34 -27.98
N LEU I 251 -10.08 -14.32 -27.78
CA LEU I 251 -10.66 -14.43 -26.44
C LEU I 251 -11.74 -15.49 -26.41
N ALA I 252 -11.55 -16.50 -25.57
CA ALA I 252 -12.55 -17.58 -25.42
C ALA I 252 -13.85 -16.96 -24.95
N PRO I 253 -15.00 -17.34 -25.55
CA PRO I 253 -16.28 -16.79 -25.09
C PRO I 253 -16.68 -17.36 -23.74
N LYS I 254 -17.58 -16.66 -23.05
CA LYS I 254 -18.09 -17.11 -21.78
C LYS I 254 -19.17 -18.23 -21.99
N ILE I 255 -19.06 -19.34 -21.21
CA ILE I 255 -19.97 -20.49 -21.25
C ILE I 255 -21.40 -20.01 -20.96
N GLU I 256 -22.34 -20.15 -21.93
CA GLU I 256 -23.73 -19.70 -21.74
C GLU I 256 -24.74 -20.71 -22.29
N ASP J 1 -17.98 -14.21 -11.56
CA ASP J 1 -19.15 -14.00 -12.41
C ASP J 1 -20.04 -15.26 -12.58
N LYS J 2 -21.32 -15.07 -13.08
CA LYS J 2 -22.29 -16.13 -13.38
C LYS J 2 -21.65 -17.18 -14.31
N SER J 3 -21.22 -16.76 -15.51
CA SER J 3 -20.57 -17.61 -16.51
C SER J 3 -19.05 -17.72 -16.34
N GLY J 4 -18.53 -18.89 -16.64
CA GLY J 4 -17.10 -19.17 -16.68
C GLY J 4 -16.70 -19.29 -18.13
N MET J 5 -15.42 -19.62 -18.39
CA MET J 5 -14.90 -19.76 -19.75
C MET J 5 -14.29 -21.12 -19.99
N LYS J 6 -14.25 -21.54 -21.25
CA LYS J 6 -13.60 -22.77 -21.63
C LYS J 6 -12.19 -22.32 -22.02
N SER J 7 -11.18 -23.20 -21.85
CA SER J 7 -9.80 -22.86 -22.19
C SER J 7 -9.65 -22.59 -23.67
N ILE J 8 -8.76 -21.65 -24.05
CA ILE J 8 -8.56 -21.35 -25.47
C ILE J 8 -8.06 -22.57 -26.28
N ASP J 9 -7.42 -23.54 -25.58
CA ASP J 9 -6.96 -24.83 -26.09
C ASP J 9 -8.13 -25.67 -26.62
N THR J 10 -9.31 -25.60 -25.98
CA THR J 10 -10.53 -26.33 -26.38
C THR J 10 -10.99 -25.92 -27.79
N PHE J 11 -10.62 -24.72 -28.23
CA PHE J 11 -10.95 -24.21 -29.54
C PHE J 11 -9.79 -24.44 -30.52
N PHE J 12 -8.54 -24.47 -30.00
CA PHE J 12 -7.29 -24.67 -30.74
C PHE J 12 -6.45 -25.80 -30.11
N MET K 1 -36.49 -30.84 -0.25
CA MET K 1 -35.92 -30.35 1.01
C MET K 1 -34.61 -31.04 1.37
N PHE K 2 -33.53 -30.23 1.50
CA PHE K 2 -32.21 -30.72 1.88
C PHE K 2 -31.87 -30.25 3.27
N GLU K 3 -31.37 -31.17 4.10
CA GLU K 3 -30.97 -30.87 5.46
C GLU K 3 -29.86 -31.80 5.89
N ALA K 4 -28.67 -31.24 6.15
CA ALA K 4 -27.52 -31.99 6.60
C ALA K 4 -26.94 -31.37 7.86
N ARG K 5 -26.89 -32.15 8.96
CA ARG K 5 -26.35 -31.70 10.23
C ARG K 5 -24.98 -32.30 10.43
N LEU K 6 -23.99 -31.45 10.71
CA LEU K 6 -22.62 -31.85 10.94
C LEU K 6 -22.21 -31.39 12.34
N VAL K 7 -21.92 -32.35 13.23
CA VAL K 7 -21.55 -32.07 14.62
C VAL K 7 -20.19 -31.35 14.69
N GLN K 8 -19.28 -31.73 13.79
CA GLN K 8 -17.98 -31.11 13.70
C GLN K 8 -18.05 -29.95 12.68
N GLY K 9 -18.46 -28.79 13.16
CA GLY K 9 -18.57 -27.58 12.36
C GLY K 9 -17.25 -27.17 11.74
N SER K 10 -16.15 -27.36 12.51
CA SER K 10 -14.78 -27.08 12.11
C SER K 10 -14.47 -27.64 10.71
N ILE K 11 -14.88 -28.90 10.44
CA ILE K 11 -14.69 -29.56 9.15
C ILE K 11 -15.11 -28.66 8.01
N LEU K 12 -16.33 -28.12 8.08
CA LEU K 12 -16.84 -27.25 7.04
C LEU K 12 -16.10 -25.92 6.96
N LYS K 13 -15.70 -25.37 8.12
CA LYS K 13 -14.94 -24.13 8.21
C LYS K 13 -13.62 -24.33 7.48
N LYS K 14 -12.88 -25.39 7.85
CA LYS K 14 -11.60 -25.81 7.27
C LYS K 14 -11.72 -26.12 5.78
N VAL K 15 -12.81 -26.79 5.36
CA VAL K 15 -13.03 -27.15 3.96
C VAL K 15 -13.11 -25.87 3.13
N LEU K 16 -13.85 -24.89 3.64
CA LEU K 16 -14.04 -23.65 2.93
C LEU K 16 -12.80 -22.74 2.87
N GLU K 17 -11.94 -22.78 3.90
CA GLU K 17 -10.68 -22.05 3.91
C GLU K 17 -9.69 -22.70 2.94
N ALA K 18 -9.85 -24.02 2.72
CA ALA K 18 -9.04 -24.81 1.81
C ALA K 18 -9.38 -24.55 0.34
N LEU K 19 -10.62 -24.13 0.07
CA LEU K 19 -11.17 -23.86 -1.25
C LEU K 19 -11.12 -22.41 -1.70
N LYS K 20 -11.60 -21.48 -0.86
CA LYS K 20 -11.73 -20.04 -1.15
C LYS K 20 -10.51 -19.38 -1.85
N ASP K 21 -9.28 -19.84 -1.54
CA ASP K 21 -8.07 -19.23 -2.11
C ASP K 21 -7.74 -19.70 -3.52
N LEU K 22 -8.34 -20.83 -3.93
CA LEU K 22 -8.17 -21.45 -5.24
C LEU K 22 -9.31 -21.09 -6.20
N ILE K 23 -10.55 -21.20 -5.72
CA ILE K 23 -11.76 -20.93 -6.50
C ILE K 23 -12.65 -19.94 -5.75
N ASN K 24 -13.33 -19.03 -6.49
CA ASN K 24 -14.22 -18.02 -5.88
C ASN K 24 -15.69 -18.42 -5.95
N GLU K 25 -16.04 -19.20 -6.97
CA GLU K 25 -17.39 -19.72 -7.22
C GLU K 25 -17.31 -21.16 -7.62
N ALA K 26 -18.08 -22.00 -6.96
CA ALA K 26 -18.18 -23.42 -7.26
C ALA K 26 -19.57 -23.93 -7.01
N CYS K 27 -19.96 -24.93 -7.79
CA CYS K 27 -21.26 -25.53 -7.68
C CYS K 27 -21.23 -26.70 -6.70
N TRP K 28 -22.12 -26.65 -5.69
CA TRP K 28 -22.27 -27.66 -4.66
C TRP K 28 -23.37 -28.61 -5.06
N ASP K 29 -22.97 -29.81 -5.50
CA ASP K 29 -23.89 -30.85 -5.95
C ASP K 29 -24.30 -31.72 -4.78
N ILE K 30 -25.57 -31.63 -4.40
CA ILE K 30 -26.17 -32.37 -3.29
C ILE K 30 -27.00 -33.53 -3.83
N SER K 31 -26.81 -34.71 -3.25
CA SER K 31 -27.55 -35.91 -3.61
C SER K 31 -27.69 -36.81 -2.40
N SER K 32 -28.59 -37.79 -2.48
CA SER K 32 -28.86 -38.76 -1.41
C SER K 32 -27.57 -39.42 -0.87
N SER K 33 -26.51 -39.45 -1.72
CA SER K 33 -25.20 -40.00 -1.41
C SER K 33 -24.35 -39.08 -0.58
N GLY K 34 -24.52 -37.77 -0.80
CA GLY K 34 -23.77 -36.74 -0.09
C GLY K 34 -23.47 -35.50 -0.91
N VAL K 35 -22.51 -34.69 -0.43
CA VAL K 35 -22.09 -33.43 -1.02
C VAL K 35 -20.90 -33.66 -1.95
N ASN K 36 -20.98 -33.11 -3.16
CA ASN K 36 -19.92 -33.20 -4.15
C ASN K 36 -19.64 -31.83 -4.74
N LEU K 37 -18.34 -31.53 -4.95
CA LEU K 37 -17.92 -30.28 -5.54
C LEU K 37 -16.77 -30.57 -6.48
N GLN K 38 -16.88 -30.09 -7.71
CA GLN K 38 -15.83 -30.27 -8.72
C GLN K 38 -15.76 -29.01 -9.57
N SER K 39 -14.66 -28.25 -9.39
CA SER K 39 -14.43 -26.97 -10.03
C SER K 39 -12.96 -26.81 -10.39
N MET K 40 -12.68 -26.17 -11.53
CA MET K 40 -11.31 -25.88 -11.93
C MET K 40 -11.05 -24.42 -11.58
N ASP K 41 -9.77 -24.04 -11.40
CA ASP K 41 -9.43 -22.65 -11.05
C ASP K 41 -9.49 -21.69 -12.25
N SER K 42 -9.45 -20.38 -11.94
CA SER K 42 -9.46 -19.23 -12.87
C SER K 42 -8.41 -19.32 -13.98
N SER K 43 -7.24 -19.93 -13.66
CA SER K 43 -6.13 -20.12 -14.59
C SER K 43 -6.21 -21.41 -15.41
N HIS K 44 -7.28 -22.22 -15.20
CA HIS K 44 -7.57 -23.46 -15.92
C HIS K 44 -6.40 -24.42 -15.89
N VAL K 45 -5.78 -24.53 -14.72
CA VAL K 45 -4.55 -25.30 -14.54
C VAL K 45 -4.63 -26.35 -13.42
N SER K 46 -5.53 -26.11 -12.44
CA SER K 46 -5.76 -27.02 -11.33
C SER K 46 -7.25 -27.30 -11.19
N LEU K 47 -7.60 -28.45 -10.58
CA LEU K 47 -8.98 -28.85 -10.34
C LEU K 47 -9.15 -29.32 -8.90
N VAL K 48 -10.27 -28.91 -8.27
CA VAL K 48 -10.66 -29.33 -6.91
C VAL K 48 -11.83 -30.31 -6.97
N GLN K 49 -11.75 -31.35 -6.14
CA GLN K 49 -12.82 -32.32 -6.05
C GLN K 49 -13.08 -32.59 -4.56
N LEU K 50 -14.25 -32.18 -4.08
CA LEU K 50 -14.66 -32.40 -2.70
C LEU K 50 -15.75 -33.46 -2.65
N THR K 51 -15.64 -34.38 -1.68
CA THR K 51 -16.63 -35.42 -1.44
C THR K 51 -16.86 -35.52 0.05
N LEU K 52 -18.11 -35.26 0.47
CA LEU K 52 -18.54 -35.40 1.85
C LEU K 52 -19.68 -36.41 1.83
N ARG K 53 -19.39 -37.67 2.21
CA ARG K 53 -20.39 -38.75 2.22
C ARG K 53 -21.44 -38.48 3.29
N SER K 54 -22.72 -38.69 2.92
CA SER K 54 -23.90 -38.51 3.79
C SER K 54 -23.73 -39.21 5.13
N GLU K 55 -23.04 -40.36 5.13
CA GLU K 55 -22.76 -41.19 6.30
C GLU K 55 -21.87 -40.43 7.30
N GLY K 56 -21.21 -39.39 6.83
CA GLY K 56 -20.35 -38.54 7.65
C GLY K 56 -21.11 -37.50 8.46
N PHE K 57 -22.39 -37.27 8.12
CA PHE K 57 -23.23 -36.29 8.80
C PHE K 57 -24.11 -36.98 9.82
N ASP K 58 -24.39 -36.30 10.94
CA ASP K 58 -25.28 -36.82 11.98
C ASP K 58 -26.70 -36.97 11.41
N THR K 59 -27.14 -35.94 10.66
CA THR K 59 -28.44 -35.92 10.01
C THR K 59 -28.22 -35.58 8.56
N TYR K 60 -28.87 -36.34 7.67
CA TYR K 60 -28.77 -36.12 6.24
C TYR K 60 -30.07 -36.50 5.56
N ARG K 61 -30.66 -35.53 4.87
CA ARG K 61 -31.90 -35.66 4.11
C ARG K 61 -31.74 -34.90 2.80
N CYS K 62 -32.13 -35.52 1.69
CA CYS K 62 -32.07 -34.90 0.38
C CYS K 62 -33.18 -35.47 -0.48
N ASP K 63 -34.32 -34.76 -0.51
CA ASP K 63 -35.50 -35.14 -1.28
C ASP K 63 -35.16 -35.08 -2.77
N ARG K 64 -34.79 -33.88 -3.24
CA ARG K 64 -34.39 -33.68 -4.63
C ARG K 64 -32.94 -33.22 -4.70
N ASN K 65 -32.22 -33.71 -5.73
CA ASN K 65 -30.82 -33.40 -6.00
C ASN K 65 -30.65 -31.95 -6.38
N LEU K 66 -29.77 -31.24 -5.65
CA LEU K 66 -29.51 -29.82 -5.84
C LEU K 66 -28.14 -29.53 -6.40
N ALA K 67 -28.04 -28.46 -7.17
CA ALA K 67 -26.80 -27.96 -7.73
C ALA K 67 -26.79 -26.47 -7.41
N MET K 68 -26.19 -26.12 -6.26
CA MET K 68 -26.17 -24.73 -5.78
C MET K 68 -24.91 -23.97 -6.15
N GLY K 69 -25.11 -22.89 -6.90
CA GLY K 69 -24.04 -22.00 -7.31
C GLY K 69 -23.68 -21.11 -6.14
N VAL K 70 -22.52 -21.37 -5.55
CA VAL K 70 -22.10 -20.69 -4.34
C VAL K 70 -20.88 -19.81 -4.60
N ASN K 71 -20.87 -18.61 -3.99
CA ASN K 71 -19.71 -17.74 -4.00
C ASN K 71 -18.95 -18.16 -2.75
N LEU K 72 -17.81 -18.85 -2.94
CA LEU K 72 -16.98 -19.40 -1.87
C LEU K 72 -16.46 -18.40 -0.90
N THR K 73 -16.29 -17.17 -1.34
CA THR K 73 -15.82 -16.09 -0.48
C THR K 73 -16.92 -15.71 0.53
N SER K 74 -18.17 -15.57 0.05
CA SER K 74 -19.34 -15.25 0.87
C SER K 74 -19.63 -16.37 1.84
N MET K 75 -19.51 -17.62 1.37
CA MET K 75 -19.75 -18.77 2.23
C MET K 75 -18.72 -18.84 3.30
N SER K 76 -17.48 -18.44 2.96
CA SER K 76 -16.37 -18.44 3.92
C SER K 76 -16.60 -17.41 5.01
N LYS K 77 -17.06 -16.20 4.65
CA LYS K 77 -17.36 -15.11 5.56
C LYS K 77 -18.42 -15.58 6.54
N ILE K 78 -19.47 -16.25 6.02
CA ILE K 78 -20.56 -16.82 6.82
C ILE K 78 -20.02 -17.87 7.77
N LEU K 79 -19.16 -18.77 7.27
CA LEU K 79 -18.62 -19.83 8.11
C LEU K 79 -17.69 -19.32 9.18
N LYS K 80 -17.04 -18.17 8.93
CA LYS K 80 -16.15 -17.50 9.90
C LYS K 80 -16.98 -17.08 11.13
N CYS K 81 -18.31 -16.89 10.96
CA CYS K 81 -19.25 -16.52 12.02
C CYS K 81 -19.57 -17.72 12.90
N ALA K 82 -19.12 -18.93 12.50
CA ALA K 82 -19.34 -20.13 13.28
C ALA K 82 -18.16 -20.38 14.19
N GLY K 83 -18.45 -20.67 15.47
CA GLY K 83 -17.44 -21.00 16.48
C GLY K 83 -16.82 -22.35 16.16
N ASN K 84 -15.54 -22.54 16.53
CA ASN K 84 -14.75 -23.76 16.28
C ASN K 84 -15.34 -25.08 16.85
N GLU K 85 -16.28 -24.96 17.81
CA GLU K 85 -16.98 -26.07 18.45
C GLU K 85 -18.45 -26.25 17.98
N ASP K 86 -19.01 -25.27 17.23
CA ASP K 86 -20.41 -25.26 16.76
C ASP K 86 -20.84 -26.47 15.94
N ILE K 87 -22.13 -26.80 16.01
CA ILE K 87 -22.75 -27.84 15.21
C ILE K 87 -23.39 -27.09 14.05
N ILE K 88 -22.97 -27.40 12.84
CA ILE K 88 -23.49 -26.72 11.66
C ILE K 88 -24.57 -27.52 10.95
N THR K 89 -25.69 -26.85 10.64
CA THR K 89 -26.80 -27.42 9.88
C THR K 89 -26.93 -26.67 8.54
N LEU K 90 -26.98 -27.43 7.43
CA LEU K 90 -27.19 -26.89 6.09
C LEU K 90 -28.61 -27.27 5.68
N ARG K 91 -29.38 -26.29 5.23
CA ARG K 91 -30.76 -26.53 4.84
C ARG K 91 -31.10 -25.73 3.59
N ALA K 92 -31.57 -26.42 2.55
CA ALA K 92 -31.93 -25.78 1.29
C ALA K 92 -33.19 -26.38 0.69
N GLU K 93 -33.93 -25.58 -0.10
CA GLU K 93 -35.13 -26.01 -0.80
C GLU K 93 -34.97 -25.81 -2.32
N ASP K 94 -35.64 -26.66 -3.14
CA ASP K 94 -35.55 -26.59 -4.61
C ASP K 94 -36.49 -25.55 -5.18
N ASP K 97 -33.16 -21.14 -4.16
CA ASP K 97 -33.05 -19.67 -4.17
C ASP K 97 -31.87 -19.17 -3.31
N THR K 98 -31.78 -19.70 -2.06
CA THR K 98 -30.76 -19.41 -1.05
C THR K 98 -30.34 -20.70 -0.35
N LEU K 99 -29.21 -20.64 0.40
CA LEU K 99 -28.72 -21.71 1.25
C LEU K 99 -28.74 -21.21 2.69
N ALA K 100 -29.35 -21.99 3.59
CA ALA K 100 -29.43 -21.64 5.00
C ALA K 100 -28.42 -22.43 5.83
N LEU K 101 -27.63 -21.70 6.63
CA LEU K 101 -26.61 -22.25 7.52
C LEU K 101 -27.02 -21.90 8.95
N VAL K 102 -27.18 -22.93 9.81
CA VAL K 102 -27.58 -22.71 11.20
C VAL K 102 -26.49 -23.17 12.13
N PHE K 103 -26.01 -22.25 12.97
CA PHE K 103 -24.93 -22.55 13.90
C PHE K 103 -25.46 -22.72 15.29
N GLU K 104 -25.43 -23.96 15.76
CA GLU K 104 -25.85 -24.30 17.12
C GLU K 104 -24.58 -24.33 17.96
N ALA K 105 -24.52 -23.41 18.93
CA ALA K 105 -23.40 -23.29 19.84
C ALA K 105 -23.56 -24.28 21.00
N PRO K 106 -22.52 -25.11 21.27
CA PRO K 106 -22.63 -26.10 22.35
C PRO K 106 -22.57 -25.54 23.77
N ASN K 107 -21.55 -24.70 24.05
CA ASN K 107 -21.26 -24.07 25.35
C ASN K 107 -22.09 -22.80 25.68
N GLN K 108 -23.26 -22.60 25.01
CA GLN K 108 -24.15 -21.44 25.20
C GLN K 108 -25.56 -21.62 24.61
N GLU K 109 -26.51 -20.75 25.03
CA GLU K 109 -27.90 -20.70 24.54
C GLU K 109 -28.02 -19.70 23.34
N LYS K 110 -26.99 -19.70 22.45
CA LYS K 110 -26.88 -18.87 21.25
C LYS K 110 -27.18 -19.68 20.00
N VAL K 111 -28.04 -19.14 19.12
CA VAL K 111 -28.38 -19.76 17.83
C VAL K 111 -28.21 -18.75 16.70
N SER K 112 -27.27 -19.05 15.79
CA SER K 112 -26.98 -18.23 14.62
C SER K 112 -27.65 -18.85 13.40
N ASP K 113 -28.30 -18.03 12.59
CA ASP K 113 -28.99 -18.45 11.38
C ASP K 113 -28.68 -17.48 10.23
N TYR K 114 -27.95 -17.98 9.23
CA TYR K 114 -27.53 -17.21 8.06
C TYR K 114 -28.17 -17.75 6.80
N GLU K 115 -28.61 -16.83 5.94
CA GLU K 115 -29.25 -17.15 4.67
C GLU K 115 -28.38 -16.57 3.58
N MET K 116 -27.67 -17.44 2.86
CA MET K 116 -26.75 -17.04 1.81
C MET K 116 -27.41 -17.10 0.45
N LYS K 117 -27.37 -15.97 -0.30
CA LYS K 117 -27.88 -15.89 -1.66
C LYS K 117 -27.06 -16.79 -2.57
N LEU K 118 -27.70 -17.58 -3.41
CA LEU K 118 -27.02 -18.43 -4.37
C LEU K 118 -26.98 -17.70 -5.72
N MET K 119 -26.27 -18.27 -6.71
CA MET K 119 -26.14 -17.70 -8.04
C MET K 119 -26.19 -18.79 -9.10
N ASP K 120 -26.44 -18.43 -10.38
CA ASP K 120 -26.46 -19.42 -11.46
C ASP K 120 -25.08 -19.56 -12.06
N LEU K 121 -24.45 -20.74 -11.93
CA LEU K 121 -23.09 -20.99 -12.43
C LEU K 121 -23.00 -21.83 -13.70
N ASP K 122 -22.74 -21.18 -14.84
CA ASP K 122 -22.53 -21.86 -16.11
C ASP K 122 -21.01 -21.97 -16.29
N VAL K 123 -20.41 -22.99 -15.67
CA VAL K 123 -18.96 -23.21 -15.75
C VAL K 123 -18.65 -24.54 -16.46
N GLU K 124 -17.36 -24.77 -16.78
CA GLU K 124 -16.87 -25.97 -17.44
C GLU K 124 -16.83 -27.17 -16.49
N GLN K 125 -17.66 -28.19 -16.81
CA GLN K 125 -17.74 -29.44 -16.07
C GLN K 125 -16.75 -30.44 -16.70
N LEU K 126 -15.80 -30.92 -15.89
CA LEU K 126 -14.77 -31.88 -16.32
C LEU K 126 -14.86 -33.15 -15.50
N GLY K 127 -14.75 -34.30 -16.16
CA GLY K 127 -14.81 -35.62 -15.55
C GLY K 127 -13.46 -36.26 -15.41
N ILE K 128 -13.11 -36.70 -14.18
CA ILE K 128 -11.83 -37.33 -13.89
C ILE K 128 -11.90 -38.86 -13.76
N PRO K 129 -11.38 -39.62 -14.75
CA PRO K 129 -11.37 -41.08 -14.59
C PRO K 129 -10.32 -41.53 -13.57
N GLU K 130 -10.76 -42.33 -12.57
CA GLU K 130 -9.87 -42.84 -11.54
C GLU K 130 -8.95 -43.88 -12.17
N GLN K 131 -7.71 -43.44 -12.45
CA GLN K 131 -6.67 -44.28 -13.05
C GLN K 131 -5.64 -44.72 -11.99
N GLU K 132 -4.62 -45.50 -12.41
CA GLU K 132 -3.56 -45.98 -11.55
C GLU K 132 -2.28 -45.17 -11.78
N TYR K 133 -1.61 -44.79 -10.68
CA TYR K 133 -0.39 -43.98 -10.74
C TYR K 133 0.91 -44.75 -10.53
N SER K 134 1.97 -44.31 -11.24
CA SER K 134 3.31 -44.91 -11.16
C SER K 134 3.93 -44.76 -9.78
N CYS K 135 3.52 -43.72 -9.02
CA CYS K 135 4.02 -43.42 -7.68
C CYS K 135 2.92 -42.87 -6.82
N VAL K 136 2.86 -43.35 -5.57
CA VAL K 136 1.91 -42.86 -4.57
C VAL K 136 2.67 -42.63 -3.27
N VAL K 137 2.90 -41.34 -2.91
CA VAL K 137 3.61 -40.97 -1.69
C VAL K 137 2.63 -40.58 -0.60
N LYS K 138 2.73 -41.21 0.59
CA LYS K 138 1.93 -40.84 1.75
C LYS K 138 2.90 -40.24 2.75
N MET K 139 2.61 -39.03 3.22
CA MET K 139 3.51 -38.36 4.16
C MET K 139 2.76 -37.40 5.11
N PRO K 140 3.37 -36.91 6.24
CA PRO K 140 2.68 -35.94 7.10
C PRO K 140 2.37 -34.65 6.36
N SER K 141 1.10 -34.22 6.39
CA SER K 141 0.62 -33.02 5.70
C SER K 141 1.41 -31.75 6.03
N GLY K 142 1.85 -31.65 7.28
CA GLY K 142 2.64 -30.55 7.78
C GLY K 142 4.01 -30.51 7.15
N GLU K 143 4.66 -31.71 7.05
CA GLU K 143 5.96 -31.90 6.39
C GLU K 143 5.84 -31.36 4.95
N PHE K 144 4.78 -31.81 4.22
CA PHE K 144 4.51 -31.40 2.86
C PHE K 144 4.32 -29.88 2.72
N ALA K 145 3.51 -29.29 3.62
CA ALA K 145 3.22 -27.86 3.62
C ALA K 145 4.49 -27.04 3.87
N ARG K 146 5.39 -27.57 4.74
CA ARG K 146 6.66 -26.94 5.04
C ARG K 146 7.54 -27.01 3.80
N ILE K 147 7.65 -28.19 3.17
CA ILE K 147 8.43 -28.40 1.94
C ILE K 147 8.06 -27.36 0.87
N CYS K 148 6.75 -27.30 0.55
CA CYS K 148 6.22 -26.38 -0.46
C CYS K 148 6.50 -24.93 -0.16
N ARG K 149 6.37 -24.53 1.12
CA ARG K 149 6.62 -23.16 1.57
C ARG K 149 8.10 -22.85 1.43
N ASP K 150 8.95 -23.78 1.88
CA ASP K 150 10.39 -23.64 1.83
C ASP K 150 10.91 -23.46 0.42
N LEU K 151 10.62 -24.40 -0.47
CA LEU K 151 11.05 -24.33 -1.86
C LEU K 151 10.56 -23.11 -2.63
N SER K 152 9.44 -22.49 -2.17
CA SER K 152 8.86 -21.26 -2.71
C SER K 152 9.83 -20.11 -2.57
N HIS K 153 10.68 -20.14 -1.51
CA HIS K 153 11.70 -19.14 -1.22
C HIS K 153 12.85 -19.26 -2.18
N ILE K 154 12.96 -20.43 -2.81
CA ILE K 154 14.05 -20.72 -3.73
C ILE K 154 13.64 -20.52 -5.17
N GLY K 155 12.48 -21.06 -5.55
CA GLY K 155 12.02 -20.99 -6.92
C GLY K 155 10.52 -21.02 -7.08
N ASP K 156 10.07 -21.11 -8.33
CA ASP K 156 8.65 -21.10 -8.67
C ASP K 156 8.07 -22.47 -8.92
N ALA K 157 8.90 -23.37 -9.45
CA ALA K 157 8.54 -24.76 -9.74
C ALA K 157 9.30 -25.77 -8.88
N VAL K 158 8.68 -26.94 -8.66
CA VAL K 158 9.24 -28.03 -7.88
C VAL K 158 9.36 -29.29 -8.72
N VAL K 159 10.55 -29.91 -8.66
CA VAL K 159 10.79 -31.14 -9.40
C VAL K 159 10.65 -32.28 -8.43
N ILE K 160 9.52 -32.96 -8.51
CA ILE K 160 9.28 -34.11 -7.64
C ILE K 160 9.83 -35.38 -8.31
N SER K 161 10.87 -35.97 -7.72
CA SER K 161 11.50 -37.21 -8.18
C SER K 161 11.15 -38.28 -7.20
N CYS K 162 10.44 -39.28 -7.68
CA CYS K 162 10.03 -40.38 -6.84
C CYS K 162 10.73 -41.65 -7.28
N ALA K 163 11.40 -42.33 -6.33
CA ALA K 163 12.15 -43.56 -6.55
C ALA K 163 11.86 -44.55 -5.41
N LYS K 164 12.53 -45.73 -5.41
CA LYS K 164 12.35 -46.77 -4.39
C LYS K 164 12.85 -46.33 -3.01
N ASP K 165 14.03 -45.65 -2.95
CA ASP K 165 14.70 -45.14 -1.74
C ASP K 165 13.81 -44.16 -0.97
N GLY K 166 13.47 -43.08 -1.64
CA GLY K 166 12.63 -42.05 -1.09
C GLY K 166 12.13 -41.14 -2.17
N VAL K 167 11.69 -39.96 -1.77
CA VAL K 167 11.19 -38.94 -2.70
C VAL K 167 12.06 -37.67 -2.57
N LYS K 168 12.22 -36.94 -3.67
CA LYS K 168 13.02 -35.73 -3.67
C LYS K 168 12.25 -34.56 -4.27
N PHE K 169 12.30 -33.42 -3.60
CA PHE K 169 11.68 -32.20 -4.05
C PHE K 169 12.79 -31.21 -4.26
N SER K 170 12.85 -30.60 -5.45
CA SER K 170 13.90 -29.63 -5.75
C SER K 170 13.36 -28.37 -6.42
N ALA K 171 14.04 -27.25 -6.17
CA ALA K 171 13.70 -25.96 -6.78
C ALA K 171 14.98 -25.18 -7.10
N SER K 172 14.91 -24.26 -8.08
CA SER K 172 16.03 -23.44 -8.53
C SER K 172 15.55 -22.03 -8.75
N GLY K 173 16.40 -21.06 -8.46
CA GLY K 173 16.10 -19.65 -8.61
C GLY K 173 17.33 -18.81 -8.72
N GLU K 174 17.16 -17.51 -8.60
CA GLU K 174 18.25 -16.56 -8.70
C GLU K 174 19.23 -16.66 -7.54
N LEU K 175 18.79 -17.12 -6.35
CA LEU K 175 19.68 -17.23 -5.19
C LEU K 175 20.53 -18.49 -5.15
N GLY K 176 20.08 -19.49 -5.88
CA GLY K 176 20.71 -20.80 -5.99
C GLY K 176 19.65 -21.88 -6.14
N ASN K 177 19.93 -23.08 -5.63
CA ASN K 177 19.01 -24.21 -5.71
C ASN K 177 18.83 -24.95 -4.40
N GLY K 178 17.70 -25.62 -4.26
CA GLY K 178 17.34 -26.35 -3.06
C GLY K 178 16.94 -27.78 -3.33
N ASN K 179 17.20 -28.63 -2.35
CA ASN K 179 16.93 -30.05 -2.48
C ASN K 179 16.46 -30.66 -1.17
N ILE K 180 15.23 -31.16 -1.13
CA ILE K 180 14.72 -31.82 0.07
C ILE K 180 14.49 -33.28 -0.20
N LYS K 181 15.29 -34.13 0.46
CA LYS K 181 15.23 -35.57 0.30
C LYS K 181 14.60 -36.28 1.51
N LEU K 182 13.45 -36.93 1.24
CA LEU K 182 12.70 -37.72 2.22
C LEU K 182 13.00 -39.20 2.02
N SER K 183 13.16 -39.94 3.12
CA SER K 183 13.44 -41.39 3.09
C SER K 183 12.21 -42.17 3.58
N GLN K 184 11.99 -43.41 3.08
CA GLN K 184 10.85 -44.24 3.46
C GLN K 184 10.73 -44.51 4.97
N ALA K 194 5.68 -40.68 9.49
CA ALA K 194 5.85 -41.78 8.55
C ALA K 194 5.70 -41.36 7.08
N VAL K 195 6.65 -41.82 6.24
CA VAL K 195 6.70 -41.59 4.79
C VAL K 195 6.73 -42.96 4.11
N THR K 196 5.70 -43.23 3.29
CA THR K 196 5.56 -44.50 2.57
C THR K 196 5.37 -44.26 1.07
N ILE K 197 6.00 -45.12 0.24
CA ILE K 197 5.97 -45.00 -1.22
C ILE K 197 5.47 -46.27 -1.90
N GLU K 198 4.34 -46.19 -2.63
CA GLU K 198 3.78 -47.30 -3.39
C GLU K 198 4.11 -47.07 -4.88
N MET K 199 5.41 -47.16 -5.21
CA MET K 199 5.97 -46.92 -6.53
C MET K 199 5.96 -48.17 -7.44
N ASN K 200 5.52 -47.98 -8.70
CA ASN K 200 5.50 -48.98 -9.76
C ASN K 200 6.65 -48.68 -10.71
N GLU K 201 6.75 -47.42 -11.17
CA GLU K 201 7.80 -46.91 -12.05
C GLU K 201 8.34 -45.64 -11.40
N PRO K 202 9.65 -45.31 -11.53
CA PRO K 202 10.13 -44.03 -10.97
C PRO K 202 9.57 -42.87 -11.81
N VAL K 203 9.18 -41.77 -11.15
CA VAL K 203 8.60 -40.60 -11.83
C VAL K 203 9.36 -39.35 -11.44
N GLN K 204 9.42 -38.41 -12.38
CA GLN K 204 10.03 -37.10 -12.20
C GLN K 204 9.12 -36.14 -12.93
N LEU K 205 8.47 -35.24 -12.16
CA LEU K 205 7.54 -34.25 -12.69
C LEU K 205 7.81 -32.87 -12.12
N THR K 206 7.49 -31.82 -12.90
CA THR K 206 7.67 -30.43 -12.50
C THR K 206 6.32 -29.77 -12.28
N PHE K 207 6.16 -29.10 -11.11
CA PHE K 207 4.91 -28.42 -10.78
C PHE K 207 5.12 -27.01 -10.24
N ALA K 208 4.13 -26.11 -10.50
CA ALA K 208 4.15 -24.74 -9.98
C ALA K 208 3.86 -24.75 -8.47
N LEU K 209 4.81 -24.23 -7.67
CA LEU K 209 4.68 -24.16 -6.21
C LEU K 209 3.50 -23.28 -5.79
N ARG K 210 3.20 -22.25 -6.59
CA ARG K 210 2.08 -21.32 -6.38
C ARG K 210 0.79 -22.09 -6.05
N TYR K 211 0.48 -23.09 -6.88
CA TYR K 211 -0.71 -23.93 -6.76
C TYR K 211 -0.59 -24.93 -5.65
N LEU K 212 0.58 -25.55 -5.45
CA LEU K 212 0.81 -26.47 -4.34
C LEU K 212 0.57 -25.80 -2.99
N ASN K 213 0.97 -24.52 -2.85
CA ASN K 213 0.75 -23.71 -1.67
C ASN K 213 -0.72 -23.32 -1.40
N PHE K 214 -1.57 -23.43 -2.41
CA PHE K 214 -3.01 -23.23 -2.25
C PHE K 214 -3.60 -24.53 -1.72
N PHE K 215 -3.10 -25.68 -2.23
CA PHE K 215 -3.55 -27.01 -1.85
C PHE K 215 -3.25 -27.26 -0.38
N THR K 216 -2.04 -26.87 0.06
CA THR K 216 -1.58 -27.04 1.45
C THR K 216 -2.40 -26.26 2.46
N LYS K 217 -3.40 -25.48 1.98
CA LYS K 217 -4.30 -24.75 2.86
C LYS K 217 -5.32 -25.71 3.46
N ALA K 218 -5.40 -26.93 2.89
CA ALA K 218 -6.24 -28.04 3.36
C ALA K 218 -5.53 -28.84 4.48
N THR K 219 -4.30 -28.41 4.89
CA THR K 219 -3.50 -29.08 5.92
C THR K 219 -4.27 -29.35 7.23
N PRO K 220 -5.07 -28.41 7.78
CA PRO K 220 -5.78 -28.69 9.03
C PRO K 220 -6.79 -29.82 8.94
N LEU K 221 -7.17 -30.23 7.72
CA LEU K 221 -8.14 -31.30 7.50
C LEU K 221 -7.59 -32.68 7.80
N SER K 222 -6.26 -32.88 7.65
CA SER K 222 -5.64 -34.19 7.83
C SER K 222 -4.24 -34.10 8.35
N SER K 223 -3.83 -35.12 9.13
CA SER K 223 -2.47 -35.24 9.68
C SER K 223 -1.53 -35.75 8.59
N THR K 224 -2.09 -36.36 7.52
CA THR K 224 -1.34 -36.92 6.40
C THR K 224 -1.86 -36.43 5.04
N VAL K 225 -1.01 -36.54 4.01
CA VAL K 225 -1.32 -36.16 2.63
C VAL K 225 -0.76 -37.24 1.71
N THR K 226 -1.42 -37.44 0.56
CA THR K 226 -0.98 -38.42 -0.42
C THR K 226 -0.80 -37.75 -1.78
N LEU K 227 0.34 -37.99 -2.43
CA LEU K 227 0.65 -37.44 -3.76
C LEU K 227 0.71 -38.55 -4.79
N SER K 228 -0.20 -38.53 -5.75
CA SER K 228 -0.26 -39.54 -6.80
C SER K 228 0.33 -38.98 -8.09
N MET K 229 1.39 -39.64 -8.59
CA MET K 229 2.08 -39.20 -9.80
C MET K 229 2.23 -40.28 -10.82
N SER K 230 1.98 -39.92 -12.07
CA SER K 230 2.17 -40.70 -13.28
C SER K 230 2.71 -39.69 -14.29
N ALA K 231 3.65 -40.09 -15.15
CA ALA K 231 4.27 -39.21 -16.14
C ALA K 231 3.28 -38.62 -17.15
N ASP K 232 3.49 -37.36 -17.54
CA ASP K 232 2.67 -36.59 -18.48
C ASP K 232 1.15 -36.49 -18.11
N VAL K 233 0.83 -36.69 -16.83
CA VAL K 233 -0.54 -36.56 -16.33
C VAL K 233 -0.58 -35.65 -15.08
N PRO K 234 -1.74 -35.03 -14.73
CA PRO K 234 -1.77 -34.17 -13.54
C PRO K 234 -1.48 -34.87 -12.22
N LEU K 235 -0.94 -34.11 -11.25
CA LEU K 235 -0.64 -34.58 -9.91
C LEU K 235 -1.93 -34.61 -9.11
N VAL K 236 -2.01 -35.52 -8.13
CA VAL K 236 -3.16 -35.61 -7.22
C VAL K 236 -2.67 -35.46 -5.80
N VAL K 237 -3.14 -34.43 -5.13
CA VAL K 237 -2.81 -34.16 -3.73
C VAL K 237 -4.11 -34.39 -3.01
N GLU K 238 -4.19 -35.48 -2.23
CA GLU K 238 -5.43 -35.82 -1.52
C GLU K 238 -5.29 -35.68 -0.04
N TYR K 239 -6.33 -35.09 0.56
CA TYR K 239 -6.49 -34.90 1.99
C TYR K 239 -7.76 -35.64 2.37
N LYS K 240 -7.60 -36.73 3.16
CA LYS K 240 -8.76 -37.49 3.61
C LYS K 240 -9.37 -36.74 4.78
N ILE K 241 -10.68 -36.50 4.72
CA ILE K 241 -11.31 -35.73 5.77
C ILE K 241 -11.40 -36.47 7.11
N ALA K 242 -12.32 -37.44 7.29
CA ALA K 242 -12.44 -38.20 8.55
C ALA K 242 -13.47 -39.34 8.37
N ASP K 243 -13.17 -40.25 7.40
CA ASP K 243 -14.03 -41.37 6.98
C ASP K 243 -15.35 -40.82 6.37
N MET K 244 -15.49 -39.50 6.42
CA MET K 244 -16.59 -38.71 5.91
C MET K 244 -16.41 -38.53 4.41
N GLY K 245 -15.16 -38.30 4.01
CA GLY K 245 -14.81 -38.14 2.61
C GLY K 245 -13.38 -37.70 2.43
N HIS K 246 -13.18 -36.82 1.45
CA HIS K 246 -11.87 -36.29 1.08
C HIS K 246 -11.99 -35.02 0.29
N LEU K 247 -10.84 -34.43 0.03
CA LEU K 247 -10.66 -33.24 -0.78
C LEU K 247 -9.43 -33.53 -1.65
N LYS K 248 -9.62 -33.55 -2.99
CA LYS K 248 -8.54 -33.85 -3.93
C LYS K 248 -8.21 -32.64 -4.78
N TYR K 249 -6.92 -32.41 -4.99
CA TYR K 249 -6.45 -31.31 -5.81
C TYR K 249 -5.65 -31.87 -6.98
N TYR K 250 -6.03 -31.52 -8.20
CA TYR K 250 -5.32 -31.95 -9.40
C TYR K 250 -4.53 -30.77 -9.92
N LEU K 251 -3.26 -31.01 -10.31
CA LEU K 251 -2.42 -29.96 -10.83
C LEU K 251 -1.78 -30.39 -12.14
N ALA K 252 -2.04 -29.66 -13.22
CA ALA K 252 -1.45 -29.94 -14.51
C ALA K 252 0.07 -29.86 -14.38
N PRO K 253 0.82 -30.83 -14.93
CA PRO K 253 2.29 -30.74 -14.85
C PRO K 253 2.84 -29.67 -15.78
N LYS K 254 4.07 -29.23 -15.50
CA LYS K 254 4.73 -28.24 -16.33
C LYS K 254 5.27 -28.89 -17.64
N ILE K 255 5.04 -28.25 -18.79
CA ILE K 255 5.49 -28.71 -20.12
C ILE K 255 7.02 -28.82 -20.12
N GLU K 256 7.56 -30.05 -20.30
CA GLU K 256 9.02 -30.26 -20.30
C GLU K 256 9.50 -31.17 -21.44
N LYS L 2 10.70 -20.82 -17.08
CA LYS L 2 11.10 -21.52 -18.30
C LYS L 2 9.91 -22.30 -18.88
N SER L 3 9.36 -23.27 -18.11
CA SER L 3 8.23 -24.08 -18.54
C SER L 3 6.86 -23.47 -18.24
N GLY L 4 5.92 -23.73 -19.15
CA GLY L 4 4.53 -23.34 -19.04
C GLY L 4 3.73 -24.59 -18.73
N MET L 5 2.40 -24.47 -18.64
CA MET L 5 1.51 -25.61 -18.36
C MET L 5 0.46 -25.79 -19.41
N LYS L 6 -0.03 -27.03 -19.53
CA LYS L 6 -1.12 -27.33 -20.44
C LYS L 6 -2.38 -27.18 -19.56
N SER L 7 -3.52 -26.79 -20.15
CA SER L 7 -4.76 -26.63 -19.40
C SER L 7 -5.21 -27.94 -18.80
N ILE L 8 -5.82 -27.91 -17.60
CA ILE L 8 -6.30 -29.14 -16.96
C ILE L 8 -7.36 -29.88 -17.82
N ASP L 9 -8.06 -29.12 -18.70
CA ASP L 9 -9.04 -29.60 -19.69
C ASP L 9 -8.38 -30.57 -20.68
N THR L 10 -7.11 -30.33 -21.07
CA THR L 10 -6.36 -31.19 -22.00
C THR L 10 -6.20 -32.61 -21.45
N PHE L 11 -6.27 -32.77 -20.13
CA PHE L 11 -6.15 -34.05 -19.47
C PHE L 11 -7.54 -34.64 -19.18
N PHE L 12 -8.54 -33.74 -18.98
CA PHE L 12 -9.94 -34.06 -18.67
C PHE L 12 -10.90 -33.33 -19.64
#